data_5F7Q
#
_entry.id   5F7Q
#
_cell.length_a   73.672
_cell.length_b   180.257
_cell.length_c   79.860
_cell.angle_alpha   90.00
_cell.angle_beta   89.97
_cell.angle_gamma   90.00
#
_symmetry.space_group_name_H-M   'P 1 21 1'
#
loop_
_entity.id
_entity.type
_entity.pdbx_description
1 polymer 'Lmo0178 protein'
2 polymer Operator
3 polymer Operator
4 non-polymer 'ZINC ION'
5 non-polymer 1-METHOXY-2-[2-(2-METHOXY-ETHOXY]-ETHANE
6 non-polymer 'TETRAETHYLENE GLYCOL'
7 non-polymer DI(HYDROXYETHYL)ETHER
8 non-polymer 2-(2-(2-(2-(2-(2-ETHOXYETHOXY)ETHOXY)ETHOXY)ETHOXY)ETHOXY)ETHANOL
9 water water
#
loop_
_entity_poly.entity_id
_entity_poly.type
_entity_poly.pdbx_seq_one_letter_code
_entity_poly.pdbx_strand_id
1 'polypeptide(L)'
;SNAMDILRKGNKDLIKDINRYTVLNLIREKGEITRTEIAKKCDFGMSTLTYILDDLQQEGIILEGAETSSTGGRRAKLVR
FNKDYGFVVSVKVEEEQLLFALTDLNAEIIENTSIPFSSEKKPEEAIELIAKNVKKMCGNRDMNHLLGVGIAISGLVNRK
KGTVIRSTMLGWENVALEAMLHAHFPDIPVYVDKNINCYTLAELWLGEGKQSNNFATVSVGAGLGLSVVINRQIYYGAQG
GAGEFGHTTIQPGGYKCHCGQKGCLEMYASEFYFRNRGEELKEAYPTSELNDFHFDKVAKSARAGDEMATELMGKMGEYL
GYGIRNIINTFNPEKVIIVGEGLHHRDLFLTKIDEIASQNFFSGAGFETEITTTSLEDPAWLQGAALLVIHQLFQVPIYE
EEQTLLR
;
C,E,J,L
2 'polydeoxyribonucleotide'
;(DA)(DA)(DC)(DT)(DT)(DA)(DC)(DT)(DT)(DC)(DG)(DT)(DT)(DC)(DA)(DA)(DT)(DG)(DA)(DA)
(DT)(DT)(DA)(DA)(DG)(DT)(DA)(DA)(DG)(DT)(DA)
;
F
3 'polydeoxyribonucleotide'
;(DT)(DA)(DC)(DT)(DT)(DA)(DC)(DT)(DT)(DA)(DA)(DT)(DT)(DC)(DA)(DT)(DT)(DG)(DA)(DA)
(DC)(DG)(DA)(DA)(DG)(DT)(DA)(DA)(DG)(DT)(DT)
;
K
#
loop_
_chem_comp.id
_chem_comp.type
_chem_comp.name
_chem_comp.formula
7PE non-polymer 2-(2-(2-(2-(2-(2-ETHOXYETHOXY)ETHOXY)ETHOXY)ETHOXY)ETHOXY)ETHANOL 'C14 H30 O7'
DA DNA linking 2'-DEOXYADENOSINE-5'-MONOPHOSPHATE 'C10 H14 N5 O6 P'
DC DNA linking 2'-DEOXYCYTIDINE-5'-MONOPHOSPHATE 'C9 H14 N3 O7 P'
DG DNA linking 2'-DEOXYGUANOSINE-5'-MONOPHOSPHATE 'C10 H14 N5 O7 P'
DT DNA linking THYMIDINE-5'-MONOPHOSPHATE 'C10 H15 N2 O8 P'
PEG non-polymer DI(HYDROXYETHYL)ETHER 'C4 H10 O3'
PG4 non-polymer 'TETRAETHYLENE GLYCOL' 'C8 H18 O5'
PG5 non-polymer 1-METHOXY-2-[2-(2-METHOXY-ETHOXY]-ETHANE 'C8 H18 O4'
ZN non-polymer 'ZINC ION' 'Zn 2'
#
# COMPACT_ATOMS: atom_id res chain seq x y z
N ILE A 6 25.84 -13.52 -13.26
CA ILE A 6 24.41 -13.52 -13.74
C ILE A 6 23.44 -13.68 -12.56
N LEU A 7 22.54 -12.72 -12.42
CA LEU A 7 21.55 -12.76 -11.37
C LEU A 7 20.55 -13.89 -11.66
N ARG A 8 20.07 -14.59 -10.63
CA ARG A 8 19.08 -15.66 -10.84
C ARG A 8 17.77 -15.04 -11.21
N LYS A 9 16.99 -15.78 -11.97
CA LYS A 9 15.68 -15.33 -12.35
C LYS A 9 14.83 -15.09 -11.09
N GLY A 10 13.89 -14.16 -11.20
CA GLY A 10 13.00 -13.86 -10.09
C GLY A 10 11.84 -14.82 -10.01
N ASN A 11 11.82 -15.66 -8.95
CA ASN A 11 10.73 -16.62 -8.71
C ASN A 11 10.64 -17.05 -7.22
N LYS A 12 9.73 -17.97 -6.90
CA LYS A 12 9.53 -18.42 -5.52
C LYS A 12 10.75 -19.07 -4.88
N ASP A 13 11.51 -19.86 -5.64
CA ASP A 13 12.72 -20.48 -5.05
C ASP A 13 13.72 -19.41 -4.63
N LEU A 14 13.87 -18.37 -5.45
CA LEU A 14 14.79 -17.29 -5.10
C LEU A 14 14.29 -16.56 -3.83
N ILE A 15 12.99 -16.36 -3.74
CA ILE A 15 12.36 -15.74 -2.57
C ILE A 15 12.69 -16.57 -1.33
N LYS A 16 12.44 -17.88 -1.41
CA LYS A 16 12.71 -18.79 -0.28
C LYS A 16 14.13 -18.73 0.15
N ASP A 17 15.04 -18.87 -0.80
CA ASP A 17 16.48 -18.86 -0.48
C ASP A 17 16.93 -17.54 0.13
N ILE A 18 16.50 -16.42 -0.41
CA ILE A 18 16.90 -15.12 0.16
C ILE A 18 16.53 -15.00 1.65
N ASN A 19 15.30 -15.38 1.99
CA ASN A 19 14.83 -15.22 3.36
C ASN A 19 15.43 -16.25 4.32
N ARG A 20 15.63 -17.48 3.83
CA ARG A 20 16.20 -18.54 4.67
C ARG A 20 17.67 -18.30 4.97
N TYR A 21 18.45 -17.96 3.93
CA TYR A 21 19.87 -17.65 4.10
C TYR A 21 20.09 -16.38 4.95
N THR A 22 19.19 -15.41 4.83
CA THR A 22 19.34 -14.14 5.58
C THR A 22 19.06 -14.38 7.06
N VAL A 23 17.96 -15.06 7.34
CA VAL A 23 17.61 -15.40 8.71
C VAL A 23 18.68 -16.34 9.28
N LEU A 24 19.12 -17.32 8.49
CA LEU A 24 20.17 -18.22 8.95
C LEU A 24 21.44 -17.45 9.33
N ASN A 25 21.82 -16.48 8.51
CA ASN A 25 23.03 -15.69 8.79
C ASN A 25 22.97 -14.86 10.05
N LEU A 26 21.79 -14.31 10.37
CA LEU A 26 21.63 -13.54 11.61
C LEU A 26 21.81 -14.50 12.80
N ILE A 27 21.30 -15.72 12.67
CA ILE A 27 21.40 -16.73 13.71
C ILE A 27 22.88 -17.15 13.91
N ARG A 28 23.66 -17.25 12.84
N ARG A 28 23.64 -17.27 12.83
CA ARG A 28 25.09 -17.61 12.95
CA ARG A 28 25.06 -17.56 12.95
C ARG A 28 25.84 -16.48 13.65
C ARG A 28 25.77 -16.47 13.71
N GLU A 29 25.53 -15.24 13.27
CA GLU A 29 26.16 -14.06 13.86
C GLU A 29 25.97 -14.06 15.39
N LYS A 30 24.76 -14.35 15.85
CA LYS A 30 24.45 -14.33 17.26
C LYS A 30 24.66 -15.63 18.02
N GLY A 31 24.77 -16.77 17.32
CA GLY A 31 24.92 -18.08 17.98
C GLY A 31 23.54 -18.55 18.39
N GLU A 32 22.87 -17.73 19.19
CA GLU A 32 21.49 -17.95 19.61
C GLU A 32 20.75 -16.62 19.55
N ILE A 33 19.46 -16.68 19.23
CA ILE A 33 18.65 -15.47 19.14
C ILE A 33 17.16 -15.81 19.24
N THR A 34 16.35 -14.90 19.78
CA THR A 34 14.90 -15.13 19.85
C THR A 34 14.26 -14.78 18.51
N ARG A 35 13.14 -15.43 18.24
CA ARG A 35 12.37 -15.20 17.03
C ARG A 35 11.95 -13.73 16.90
N THR A 36 11.70 -13.07 18.02
CA THR A 36 11.32 -11.67 18.01
C THR A 36 12.45 -10.73 17.55
N GLU A 37 13.70 -11.00 17.95
CA GLU A 37 14.84 -10.17 17.50
C GLU A 37 15.02 -10.37 15.99
N ILE A 38 14.92 -11.62 15.52
CA ILE A 38 14.99 -11.91 14.09
C ILE A 38 13.92 -11.07 13.37
N ALA A 39 12.70 -11.08 13.88
CA ALA A 39 11.58 -10.35 13.29
C ALA A 39 11.88 -8.85 13.19
N LYS A 40 12.41 -8.28 14.26
CA LYS A 40 12.72 -6.84 14.26
C LYS A 40 13.93 -6.51 13.42
N LYS A 41 14.97 -7.36 13.48
CA LYS A 41 16.17 -7.13 12.67
C LYS A 41 15.94 -7.32 11.19
N CYS A 42 15.10 -8.28 10.79
CA CYS A 42 14.88 -8.58 9.37
C CYS A 42 13.55 -8.12 8.84
N ASP A 43 12.78 -7.42 9.65
CA ASP A 43 11.48 -6.91 9.22
C ASP A 43 10.52 -8.00 8.76
N PHE A 44 10.45 -9.10 9.51
CA PHE A 44 9.52 -10.17 9.20
C PHE A 44 8.41 -10.23 10.24
N GLY A 45 7.24 -10.68 9.80
CA GLY A 45 6.13 -10.95 10.69
C GLY A 45 6.49 -12.32 11.28
N MET A 46 6.05 -12.56 12.51
CA MET A 46 6.31 -13.82 13.20
C MET A 46 5.86 -15.06 12.43
N SER A 47 4.77 -14.93 11.66
CA SER A 47 4.19 -16.04 10.87
C SER A 47 5.06 -16.43 9.68
N THR A 48 5.76 -15.46 9.11
CA THR A 48 6.69 -15.76 8.01
C THR A 48 7.83 -16.60 8.62
N LEU A 49 8.27 -16.22 9.81
CA LEU A 49 9.32 -16.97 10.53
C LEU A 49 8.86 -18.37 10.88
N THR A 50 7.54 -18.57 11.06
CA THR A 50 7.04 -19.91 11.33
C THR A 50 7.53 -20.85 10.24
N TYR A 51 7.40 -20.42 8.97
CA TYR A 51 7.80 -21.26 7.84
C TYR A 51 9.30 -21.26 7.60
N ILE A 52 9.95 -20.11 7.73
CA ILE A 52 11.37 -20.03 7.51
C ILE A 52 12.11 -20.90 8.53
N LEU A 53 11.75 -20.77 9.79
CA LEU A 53 12.42 -21.54 10.85
C LEU A 53 12.07 -23.03 10.78
N ASP A 54 10.85 -23.37 10.32
CA ASP A 54 10.49 -24.79 10.13
C ASP A 54 11.40 -25.41 9.06
N ASP A 55 11.54 -24.75 7.91
CA ASP A 55 12.41 -25.28 6.85
C ASP A 55 13.86 -25.47 7.35
N LEU A 56 14.40 -24.46 8.04
CA LEU A 56 15.77 -24.52 8.55
C LEU A 56 15.99 -25.61 9.60
N GLN A 57 14.98 -25.86 10.44
CA GLN A 57 15.07 -26.91 11.46
C GLN A 57 14.97 -28.29 10.80
N GLN A 58 14.09 -28.36 9.80
CA GLN A 58 13.89 -29.57 8.99
C GLN A 58 15.22 -30.02 8.35
N GLU A 59 16.01 -29.05 7.91
CA GLU A 59 17.33 -29.28 7.33
C GLU A 59 18.38 -29.67 8.39
N GLY A 60 18.14 -29.32 9.66
CA GLY A 60 19.05 -29.61 10.78
C GLY A 60 20.15 -28.57 10.94
N ILE A 61 19.98 -27.41 10.30
CA ILE A 61 20.97 -26.30 10.36
C ILE A 61 20.70 -25.38 11.57
N ILE A 62 19.53 -25.50 12.18
CA ILE A 62 19.22 -24.79 13.43
C ILE A 62 18.59 -25.81 14.39
N LEU A 63 18.63 -25.48 15.68
CA LEU A 63 18.09 -26.34 16.74
C LEU A 63 17.28 -25.53 17.73
N GLU A 64 16.51 -26.23 18.55
CA GLU A 64 15.79 -25.55 19.62
C GLU A 64 16.84 -25.32 20.72
N GLY A 65 16.90 -24.08 21.21
CA GLY A 65 17.80 -23.71 22.30
C GLY A 65 17.00 -23.64 23.59
N ALA A 66 17.60 -23.06 24.62
CA ALA A 66 16.96 -22.94 25.93
C ALA A 66 15.92 -21.83 25.96
N GLU A 67 15.10 -21.85 27.00
CA GLU A 67 14.09 -20.82 27.24
C GLU A 67 14.76 -19.54 27.76
N THR A 68 14.07 -18.41 27.63
CA THR A 68 14.59 -17.10 28.01
C THR A 68 13.69 -16.58 29.13
N SER A 69 14.19 -15.61 29.90
CA SER A 69 13.38 -15.05 31.02
C SER A 69 12.08 -14.45 30.50
N SER A 70 10.99 -14.76 31.20
CA SER A 70 9.69 -14.24 30.83
C SER A 70 9.66 -12.75 31.03
N THR A 71 9.06 -12.04 30.09
CA THR A 71 8.89 -10.60 30.21
C THR A 71 7.40 -10.28 30.36
N GLY A 72 6.54 -11.28 30.61
CA GLY A 72 5.09 -11.01 30.68
C GLY A 72 4.05 -12.09 31.02
N GLY A 73 3.93 -13.19 30.28
CA GLY A 73 4.69 -13.47 29.10
C GLY A 73 5.10 -14.93 28.99
N ARG A 74 4.65 -15.61 27.93
CA ARG A 74 5.11 -16.95 27.62
C ARG A 74 6.59 -16.75 27.40
N ARG A 75 7.39 -17.76 27.79
CA ARG A 75 8.82 -17.67 27.65
C ARG A 75 9.23 -18.04 26.26
N ALA A 76 10.12 -17.24 25.70
CA ALA A 76 10.62 -17.50 24.36
C ALA A 76 11.69 -18.58 24.40
N LYS A 77 11.73 -19.39 23.35
CA LYS A 77 12.73 -20.43 23.20
C LYS A 77 13.73 -19.96 22.17
N LEU A 78 14.99 -19.93 22.56
CA LEU A 78 16.05 -19.50 21.67
C LEU A 78 16.20 -20.39 20.44
N VAL A 79 16.52 -19.76 19.31
CA VAL A 79 16.76 -20.44 18.05
C VAL A 79 18.27 -20.50 17.98
N ARG A 80 18.81 -21.71 17.96
CA ARG A 80 20.26 -21.95 17.98
C ARG A 80 20.85 -22.46 16.66
N PHE A 81 21.97 -21.86 16.24
CA PHE A 81 22.71 -22.28 15.04
C PHE A 81 23.41 -23.60 15.32
N ASN A 82 23.26 -24.58 14.43
CA ASN A 82 23.95 -25.86 14.60
C ASN A 82 25.34 -25.81 13.96
N LYS A 83 26.30 -25.38 14.76
CA LYS A 83 27.69 -25.31 14.35
C LYS A 83 28.23 -26.69 13.92
N ASP A 84 27.53 -27.77 14.32
CA ASP A 84 27.96 -29.14 13.99
C ASP A 84 27.15 -29.83 12.91
N TYR A 85 26.39 -29.07 12.13
CA TYR A 85 25.64 -29.61 11.00
C TYR A 85 26.61 -30.33 10.08
N GLY A 86 27.83 -29.82 10.06
CA GLY A 86 28.90 -30.38 9.28
C GLY A 86 30.20 -29.81 9.80
N PHE A 87 31.29 -30.11 9.10
CA PHE A 87 32.61 -29.61 9.46
C PHE A 87 33.39 -29.35 8.18
N VAL A 88 34.48 -28.59 8.34
CA VAL A 88 35.36 -28.19 7.26
C VAL A 88 36.77 -28.57 7.58
N VAL A 89 37.55 -28.90 6.55
CA VAL A 89 38.96 -29.18 6.73
C VAL A 89 39.73 -28.06 6.01
N SER A 90 40.67 -27.46 6.72
CA SER A 90 41.47 -26.41 6.16
C SER A 90 42.89 -26.89 6.15
N VAL A 91 43.65 -26.39 5.19
CA VAL A 91 45.02 -26.78 5.02
C VAL A 91 45.83 -25.51 4.82
N LYS A 92 47.03 -25.47 5.39
CA LYS A 92 47.94 -24.36 5.16
C LYS A 92 49.25 -24.99 4.67
N VAL A 93 49.59 -24.65 3.42
CA VAL A 93 50.79 -25.16 2.79
C VAL A 93 51.98 -24.24 3.06
N GLU A 94 52.92 -24.74 3.85
CA GLU A 94 54.14 -24.02 4.19
C GLU A 94 55.35 -24.74 3.56
N GLU A 95 56.49 -24.09 3.64
CA GLU A 95 57.73 -24.61 3.08
C GLU A 95 58.13 -25.91 3.78
N GLU A 96 58.15 -25.90 5.11
CA GLU A 96 58.55 -27.07 5.92
C GLU A 96 57.43 -28.06 6.16
N GLN A 97 56.19 -27.57 6.29
CA GLN A 97 55.09 -28.49 6.55
C GLN A 97 53.74 -28.10 6.03
N LEU A 98 52.84 -29.07 6.12
CA LEU A 98 51.46 -28.95 5.77
C LEU A 98 50.67 -28.95 7.08
N LEU A 99 49.93 -27.88 7.36
CA LEU A 99 49.13 -27.76 8.57
C LEU A 99 47.71 -28.06 8.18
N PHE A 100 46.95 -28.64 9.13
CA PHE A 100 45.57 -29.04 8.91
C PHE A 100 44.72 -28.74 10.09
N ALA A 101 43.45 -28.44 9.83
CA ALA A 101 42.50 -28.20 10.88
C ALA A 101 41.15 -28.70 10.44
N LEU A 102 40.44 -29.30 11.37
CA LEU A 102 39.09 -29.74 11.15
C LEU A 102 38.36 -28.72 12.00
N THR A 103 37.39 -27.99 11.41
CA THR A 103 36.68 -26.96 12.17
C THR A 103 35.17 -27.15 12.11
N ASP A 104 34.48 -26.55 13.07
CA ASP A 104 33.01 -26.57 13.05
C ASP A 104 32.59 -25.48 12.08
N LEU A 105 31.30 -25.24 11.93
CA LEU A 105 30.83 -24.21 10.99
C LEU A 105 31.03 -22.75 11.45
N ASN A 106 31.61 -22.58 12.64
CA ASN A 106 32.01 -21.29 13.18
C ASN A 106 33.51 -21.05 12.99
N ALA A 107 34.17 -21.97 12.30
CA ALA A 107 35.63 -21.94 12.06
C ALA A 107 36.42 -22.17 13.35
N GLU A 108 35.78 -22.78 14.34
CA GLU A 108 36.44 -23.11 15.58
C GLU A 108 37.16 -24.43 15.33
N ILE A 109 38.42 -24.48 15.71
CA ILE A 109 39.26 -25.66 15.49
C ILE A 109 38.90 -26.81 16.46
N ILE A 110 38.47 -27.94 15.88
CA ILE A 110 38.12 -29.15 16.64
C ILE A 110 39.35 -30.04 16.78
N GLU A 111 40.06 -30.19 15.68
CA GLU A 111 41.24 -31.02 15.59
C GLU A 111 42.29 -30.34 14.71
N ASN A 112 43.55 -30.55 15.02
CA ASN A 112 44.64 -29.95 14.22
C ASN A 112 45.87 -30.85 14.17
N THR A 113 46.61 -30.76 13.08
CA THR A 113 47.82 -31.54 12.96
C THR A 113 48.77 -30.88 11.98
N SER A 114 50.03 -31.27 12.08
CA SER A 114 51.09 -30.76 11.25
C SER A 114 51.84 -31.95 10.65
N ILE A 115 51.91 -32.02 9.32
CA ILE A 115 52.64 -33.09 8.62
C ILE A 115 53.90 -32.50 8.00
N PRO A 116 55.09 -32.79 8.59
CA PRO A 116 56.36 -32.32 8.02
C PRO A 116 56.57 -32.77 6.57
N PHE A 117 56.92 -31.84 5.70
CA PHE A 117 57.18 -32.17 4.30
C PHE A 117 57.88 -31.02 3.56
N SER A 118 58.86 -31.36 2.72
CA SER A 118 59.56 -30.36 1.91
C SER A 118 58.77 -30.34 0.63
N SER A 119 57.85 -29.38 0.51
CA SER A 119 56.98 -29.26 -0.67
C SER A 119 57.67 -28.61 -1.86
N GLU A 120 58.91 -28.16 -1.70
CA GLU A 120 59.62 -27.50 -2.81
C GLU A 120 59.90 -28.50 -3.96
N LYS A 121 59.36 -28.18 -5.15
CA LYS A 121 59.49 -29.03 -6.36
C LYS A 121 58.77 -30.41 -6.35
N LYS A 122 57.93 -30.70 -5.35
CA LYS A 122 57.18 -31.97 -5.28
C LYS A 122 55.67 -31.70 -5.13
N PRO A 123 55.03 -31.11 -6.18
CA PRO A 123 53.60 -30.77 -6.10
C PRO A 123 52.64 -31.96 -6.04
N GLU A 124 52.76 -32.92 -6.96
CA GLU A 124 51.88 -34.12 -6.95
C GLU A 124 51.87 -34.80 -5.60
N GLU A 125 53.08 -34.97 -5.04
CA GLU A 125 53.29 -35.62 -3.76
C GLU A 125 52.63 -34.85 -2.62
N ALA A 126 52.83 -33.52 -2.60
CA ALA A 126 52.21 -32.66 -1.59
C ALA A 126 50.70 -32.80 -1.62
N ILE A 127 50.16 -32.81 -2.84
CA ILE A 127 48.72 -32.93 -3.04
C ILE A 127 48.18 -34.30 -2.58
N GLU A 128 48.98 -35.36 -2.72
CA GLU A 128 48.57 -36.68 -2.25
C GLU A 128 48.59 -36.77 -0.72
N LEU A 129 49.52 -36.08 -0.08
CA LEU A 129 49.53 -36.05 1.39
C LEU A 129 48.31 -35.29 1.87
N ILE A 130 47.97 -34.21 1.19
CA ILE A 130 46.79 -33.43 1.58
C ILE A 130 45.56 -34.32 1.52
N ALA A 131 45.37 -34.98 0.39
CA ALA A 131 44.19 -35.83 0.19
C ALA A 131 44.09 -36.93 1.24
N LYS A 132 45.24 -37.48 1.63
CA LYS A 132 45.26 -38.56 2.62
C LYS A 132 44.96 -38.04 4.01
N ASN A 133 45.59 -36.94 4.42
CA ASN A 133 45.29 -36.34 5.74
C ASN A 133 43.86 -35.83 5.83
N VAL A 134 43.34 -35.31 4.72
CA VAL A 134 41.96 -34.87 4.68
C VAL A 134 41.11 -36.10 4.99
N LYS A 135 41.37 -37.19 4.29
CA LYS A 135 40.62 -38.44 4.48
C LYS A 135 40.75 -38.97 5.92
N LYS A 136 41.91 -38.75 6.54
CA LYS A 136 42.17 -39.17 7.93
C LYS A 136 41.55 -38.25 8.99
N MET A 137 41.58 -36.92 8.76
CA MET A 137 40.96 -35.94 9.68
C MET A 137 39.51 -36.38 9.96
N CYS A 138 38.90 -37.00 8.95
CA CYS A 138 37.54 -37.52 9.05
C CYS A 138 37.51 -38.97 9.58
N GLY A 139 38.48 -39.32 10.43
CA GLY A 139 38.58 -40.65 11.03
C GLY A 139 38.06 -40.55 12.45
N ASN A 140 36.74 -40.70 12.55
CA ASN A 140 35.90 -40.60 13.79
C ASN A 140 34.67 -39.71 13.54
N ARG A 141 34.50 -39.28 12.29
CA ARG A 141 33.37 -38.45 11.91
C ARG A 141 32.86 -38.95 10.56
N ASP A 142 31.57 -38.73 10.31
CA ASP A 142 30.95 -39.15 9.05
C ASP A 142 31.51 -38.26 7.95
N MET A 143 31.90 -38.88 6.83
CA MET A 143 32.47 -38.17 5.67
C MET A 143 31.49 -37.27 4.90
N ASN A 144 30.20 -37.61 4.85
CA ASN A 144 29.24 -36.76 4.14
C ASN A 144 28.93 -35.43 4.89
N HIS A 145 29.40 -35.35 6.14
CA HIS A 145 29.30 -34.11 6.92
C HIS A 145 30.46 -33.16 6.55
N LEU A 146 31.44 -33.65 5.79
CA LEU A 146 32.56 -32.80 5.33
C LEU A 146 32.02 -31.85 4.26
N LEU A 147 31.98 -30.55 4.52
CA LEU A 147 31.37 -29.63 3.55
C LEU A 147 32.29 -28.97 2.54
N GLY A 148 33.60 -29.10 2.77
CA GLY A 148 34.56 -28.54 1.84
C GLY A 148 35.95 -28.50 2.41
N VAL A 149 36.89 -28.19 1.54
CA VAL A 149 38.29 -28.07 1.90
C VAL A 149 38.78 -26.70 1.48
N GLY A 150 39.45 -26.03 2.41
CA GLY A 150 39.99 -24.69 2.19
C GLY A 150 41.49 -24.72 2.36
N ILE A 151 42.19 -24.14 1.39
CA ILE A 151 43.65 -24.18 1.37
C ILE A 151 44.28 -22.79 1.26
N ALA A 152 45.12 -22.46 2.23
CA ALA A 152 45.85 -21.21 2.22
C ALA A 152 47.24 -21.54 1.70
N ILE A 153 47.73 -20.73 0.78
CA ILE A 153 49.05 -20.95 0.23
C ILE A 153 49.71 -19.59 -0.03
N SER A 154 51.03 -19.61 -0.09
CA SER A 154 51.80 -18.42 -0.39
C SER A 154 52.07 -18.48 -1.85
N GLY A 155 51.57 -17.51 -2.59
CA GLY A 155 51.80 -17.48 -4.00
C GLY A 155 50.69 -16.81 -4.76
N LEU A 156 50.71 -17.06 -6.07
CA LEU A 156 49.78 -16.47 -7.00
C LEU A 156 48.72 -17.52 -7.35
N VAL A 157 47.45 -17.16 -7.20
CA VAL A 157 46.33 -18.09 -7.38
C VAL A 157 45.30 -17.66 -8.41
N ASN A 158 44.97 -18.60 -9.29
CA ASN A 158 43.92 -18.41 -10.26
C ASN A 158 42.72 -19.00 -9.56
N ARG A 159 41.84 -18.13 -9.05
CA ARG A 159 40.65 -18.56 -8.31
C ARG A 159 39.51 -19.05 -9.18
N LYS A 160 39.45 -18.60 -10.44
CA LYS A 160 38.44 -19.16 -11.37
C LYS A 160 38.63 -20.67 -11.55
N LYS A 161 39.90 -21.11 -11.61
CA LYS A 161 40.27 -22.51 -11.82
C LYS A 161 40.84 -23.26 -10.59
N GLY A 162 41.16 -22.55 -9.52
CA GLY A 162 41.72 -23.20 -8.33
C GLY A 162 43.14 -23.71 -8.56
N THR A 163 43.89 -23.02 -9.42
CA THR A 163 45.25 -23.44 -9.70
C THR A 163 46.22 -22.44 -9.09
N VAL A 164 47.40 -22.94 -8.73
CA VAL A 164 48.45 -22.10 -8.20
C VAL A 164 49.26 -21.74 -9.43
N ILE A 165 49.20 -20.47 -9.84
CA ILE A 165 49.90 -20.02 -11.03
C ILE A 165 51.38 -20.09 -10.77
N ARG A 166 51.77 -19.66 -9.57
CA ARG A 166 53.18 -19.66 -9.18
C ARG A 166 53.32 -19.51 -7.69
N SER A 167 54.29 -20.21 -7.12
CA SER A 167 54.65 -20.04 -5.72
C SER A 167 56.17 -20.13 -5.67
N THR A 168 56.81 -18.97 -5.53
CA THR A 168 58.25 -18.89 -5.44
C THR A 168 58.73 -19.61 -4.18
N MET A 169 57.96 -19.52 -3.10
CA MET A 169 58.32 -20.21 -1.85
C MET A 169 58.50 -21.70 -2.08
N LEU A 170 57.60 -22.29 -2.85
CA LEU A 170 57.54 -23.73 -3.06
C LEU A 170 58.07 -24.24 -4.38
N GLY A 171 58.45 -23.35 -5.29
CA GLY A 171 58.90 -23.77 -6.61
C GLY A 171 57.81 -24.47 -7.43
N TRP A 172 56.56 -24.07 -7.22
CA TRP A 172 55.43 -24.61 -7.95
C TRP A 172 55.10 -23.66 -9.09
N GLU A 173 54.59 -24.21 -10.19
CA GLU A 173 54.19 -23.43 -11.35
C GLU A 173 53.04 -24.15 -12.06
N ASN A 174 51.93 -23.43 -12.25
CA ASN A 174 50.77 -23.99 -12.93
C ASN A 174 50.26 -25.33 -12.32
N VAL A 175 50.18 -25.40 -10.99
CA VAL A 175 49.72 -26.60 -10.31
C VAL A 175 48.20 -26.55 -10.17
N ALA A 176 47.52 -27.52 -10.76
CA ALA A 176 46.06 -27.64 -10.72
C ALA A 176 45.60 -28.25 -9.38
N LEU A 177 45.81 -27.49 -8.31
CA LEU A 177 45.51 -27.95 -6.96
C LEU A 177 44.08 -28.47 -6.79
N GLU A 178 43.10 -27.66 -7.19
CA GLU A 178 41.68 -28.00 -7.09
C GLU A 178 41.32 -29.19 -7.95
N ALA A 179 41.77 -29.19 -9.20
CA ALA A 179 41.50 -30.29 -10.13
C ALA A 179 42.01 -31.60 -9.54
N MET A 180 43.22 -31.58 -8.99
CA MET A 180 43.81 -32.79 -8.39
C MET A 180 43.06 -33.25 -7.13
N LEU A 181 42.68 -32.32 -6.26
CA LEU A 181 41.91 -32.73 -5.07
C LEU A 181 40.51 -33.20 -5.44
N HIS A 182 39.92 -32.60 -6.47
CA HIS A 182 38.56 -32.95 -6.95
C HIS A 182 38.48 -34.42 -7.36
N ALA A 183 39.59 -34.98 -7.85
CA ALA A 183 39.64 -36.40 -8.20
C ALA A 183 39.37 -37.26 -6.94
N HIS A 184 39.82 -36.81 -5.77
CA HIS A 184 39.57 -37.49 -4.49
C HIS A 184 38.25 -37.04 -3.79
N PHE A 185 37.76 -35.82 -4.06
CA PHE A 185 36.56 -35.32 -3.38
C PHE A 185 35.68 -34.62 -4.43
N PRO A 186 35.07 -35.43 -5.31
CA PRO A 186 34.26 -34.86 -6.39
C PRO A 186 32.99 -34.10 -5.96
N ASP A 187 32.42 -34.41 -4.81
CA ASP A 187 31.21 -33.72 -4.34
C ASP A 187 31.51 -32.62 -3.34
N ILE A 188 32.77 -32.45 -3.03
CA ILE A 188 33.22 -31.51 -2.03
C ILE A 188 33.85 -30.30 -2.71
N PRO A 189 33.41 -29.08 -2.38
CA PRO A 189 34.09 -27.91 -2.98
C PRO A 189 35.49 -27.77 -2.34
N VAL A 190 36.45 -27.31 -3.15
CA VAL A 190 37.83 -27.10 -2.74
C VAL A 190 38.23 -25.70 -3.18
N TYR A 191 38.62 -24.87 -2.22
CA TYR A 191 38.99 -23.51 -2.51
C TYR A 191 40.40 -23.24 -2.09
N VAL A 192 41.11 -22.53 -2.95
CA VAL A 192 42.48 -22.15 -2.73
C VAL A 192 42.57 -20.63 -2.75
N ASP A 193 43.36 -20.05 -1.86
CA ASP A 193 43.60 -18.62 -1.89
C ASP A 193 44.91 -18.30 -1.18
N LYS A 194 45.40 -17.08 -1.37
CA LYS A 194 46.59 -16.60 -0.70
C LYS A 194 46.35 -16.50 0.81
N ASN A 195 47.44 -16.65 1.58
CA ASN A 195 47.43 -16.54 3.05
C ASN A 195 46.78 -15.26 3.53
N ILE A 196 47.12 -14.14 2.92
CA ILE A 196 46.59 -12.86 3.35
C ILE A 196 45.07 -12.80 3.20
N ASN A 197 44.54 -13.36 2.11
CA ASN A 197 43.08 -13.40 1.93
C ASN A 197 42.40 -14.27 2.98
N CYS A 198 43.02 -15.39 3.34
CA CYS A 198 42.46 -16.27 4.38
C CYS A 198 42.51 -15.59 5.74
N TYR A 199 43.59 -14.89 6.04
CA TYR A 199 43.69 -14.20 7.33
C TYR A 199 42.61 -13.14 7.41
N THR A 200 42.36 -12.46 6.30
CA THR A 200 41.36 -11.41 6.24
C THR A 200 39.96 -11.94 6.51
N LEU A 201 39.66 -13.13 5.98
CA LEU A 201 38.41 -13.77 6.29
C LEU A 201 38.34 -14.01 7.77
N ALA A 202 39.45 -14.38 8.40
CA ALA A 202 39.45 -14.60 9.87
C ALA A 202 39.16 -13.30 10.60
N GLU A 203 39.77 -12.21 10.15
CA GLU A 203 39.50 -10.89 10.76
C GLU A 203 38.04 -10.48 10.60
N LEU A 204 37.52 -10.71 9.41
CA LEU A 204 36.15 -10.34 9.07
C LEU A 204 35.11 -11.03 9.95
N TRP A 205 35.31 -12.33 10.23
N TRP A 205 35.33 -12.33 10.19
CA TRP A 205 34.38 -13.11 11.08
CA TRP A 205 34.42 -13.19 10.96
C TRP A 205 34.72 -13.12 12.53
C TRP A 205 34.73 -13.31 12.46
N LEU A 206 36.00 -13.25 12.85
CA LEU A 206 36.44 -13.40 14.27
C LEU A 206 37.09 -12.19 14.93
N GLY A 207 37.59 -11.24 14.12
CA GLY A 207 38.32 -10.10 14.67
C GLY A 207 37.73 -8.74 14.39
N GLU A 208 38.46 -7.93 13.64
CA GLU A 208 38.03 -6.56 13.38
C GLU A 208 36.65 -6.44 12.73
N GLY A 209 36.30 -7.45 11.94
CA GLY A 209 35.01 -7.49 11.27
C GLY A 209 33.81 -7.56 12.19
N LYS A 210 34.04 -7.84 13.48
CA LYS A 210 32.96 -7.86 14.50
C LYS A 210 32.54 -6.43 14.87
N GLN A 211 33.36 -5.46 14.52
CA GLN A 211 33.01 -4.07 14.80
C GLN A 211 33.19 -3.13 13.60
N SER A 212 33.67 -3.64 12.46
CA SER A 212 33.89 -2.80 11.29
C SER A 212 33.56 -3.52 10.00
N ASN A 213 33.02 -2.77 9.06
CA ASN A 213 32.69 -3.30 7.74
C ASN A 213 33.79 -3.03 6.73
N ASN A 214 34.72 -2.14 7.08
CA ASN A 214 35.80 -1.73 6.18
C ASN A 214 37.14 -1.72 6.89
N PHE A 215 38.11 -2.38 6.27
CA PHE A 215 39.46 -2.38 6.79
C PHE A 215 40.40 -3.02 5.79
N ALA A 216 41.67 -2.69 5.91
CA ALA A 216 42.73 -3.27 5.11
C ALA A 216 43.59 -4.06 6.06
N THR A 217 43.97 -5.25 5.66
CA THR A 217 44.82 -6.11 6.45
C THR A 217 46.18 -6.15 5.75
N VAL A 218 47.23 -5.80 6.49
CA VAL A 218 48.60 -5.79 5.99
C VAL A 218 49.47 -6.78 6.77
N SER A 219 49.98 -7.80 6.08
CA SER A 219 50.84 -8.79 6.70
C SER A 219 52.29 -8.38 6.45
N VAL A 220 53.08 -8.40 7.51
CA VAL A 220 54.48 -8.07 7.40
C VAL A 220 55.26 -9.29 7.88
N GLY A 221 56.01 -9.89 6.96
CA GLY A 221 56.88 -11.05 7.24
C GLY A 221 57.92 -11.16 6.12
N ALA A 222 57.98 -12.33 5.49
CA ALA A 222 58.85 -12.52 4.32
C ALA A 222 57.92 -12.16 3.17
N GLY A 223 57.89 -10.86 2.88
CA GLY A 223 57.00 -10.28 1.89
C GLY A 223 55.99 -9.43 2.65
N LEU A 224 55.21 -8.69 1.90
CA LEU A 224 54.20 -7.81 2.47
C LEU A 224 52.90 -8.12 1.74
N GLY A 225 51.88 -8.51 2.49
CA GLY A 225 50.59 -8.87 1.91
C GLY A 225 49.56 -7.82 2.21
N LEU A 226 48.63 -7.62 1.29
CA LEU A 226 47.58 -6.65 1.45
C LEU A 226 46.29 -7.22 0.96
N SER A 227 45.27 -7.12 1.79
CA SER A 227 43.93 -7.52 1.46
C SER A 227 43.01 -6.40 1.94
N VAL A 228 42.14 -5.89 1.07
CA VAL A 228 41.26 -4.80 1.41
C VAL A 228 39.80 -5.28 1.48
N VAL A 229 39.13 -4.98 2.60
CA VAL A 229 37.72 -5.31 2.80
C VAL A 229 36.92 -4.03 2.75
N ILE A 230 35.98 -3.93 1.80
CA ILE A 230 35.07 -2.77 1.72
C ILE A 230 33.64 -3.32 1.78
N ASN A 231 32.83 -2.82 2.72
CA ASN A 231 31.45 -3.33 2.91
C ASN A 231 31.43 -4.85 3.10
N ARG A 232 32.35 -5.36 3.92
CA ARG A 232 32.47 -6.81 4.24
C ARG A 232 32.83 -7.73 3.03
N GLN A 233 33.35 -7.15 1.94
CA GLN A 233 33.80 -7.92 0.77
C GLN A 233 35.27 -7.62 0.50
N ILE A 234 36.04 -8.66 0.22
CA ILE A 234 37.44 -8.51 -0.11
C ILE A 234 37.58 -8.04 -1.56
N TYR A 235 38.44 -7.05 -1.80
CA TYR A 235 38.70 -6.61 -3.15
C TYR A 235 39.60 -7.62 -3.92
N TYR A 236 39.15 -8.02 -5.11
CA TYR A 236 39.95 -8.80 -6.03
C TYR A 236 39.92 -8.03 -7.37
N GLY A 237 40.95 -8.26 -8.18
CA GLY A 237 41.07 -7.65 -9.50
C GLY A 237 40.38 -8.52 -10.54
N ALA A 238 40.70 -8.26 -11.80
CA ALA A 238 40.11 -8.95 -12.93
C ALA A 238 40.10 -10.47 -12.79
N GLN A 239 38.94 -11.08 -13.07
CA GLN A 239 38.76 -12.55 -13.07
C GLN A 239 39.04 -13.15 -11.70
N GLY A 240 38.93 -12.34 -10.67
CA GLY A 240 39.20 -12.77 -9.32
C GLY A 240 40.67 -12.87 -8.96
N GLY A 241 41.55 -12.35 -9.81
CA GLY A 241 42.96 -12.35 -9.53
C GLY A 241 43.31 -11.25 -8.58
N ALA A 242 43.88 -11.59 -7.43
CA ALA A 242 44.20 -10.59 -6.43
C ALA A 242 45.27 -9.60 -6.88
N GLY A 243 45.21 -8.42 -6.28
CA GLY A 243 46.19 -7.37 -6.52
C GLY A 243 47.43 -7.73 -5.70
N GLU A 244 48.55 -7.07 -6.01
CA GLU A 244 49.81 -7.34 -5.35
C GLU A 244 50.53 -6.06 -4.94
N PHE A 245 50.03 -5.43 -3.87
CA PHE A 245 50.59 -4.20 -3.34
C PHE A 245 52.03 -4.36 -2.88
N GLY A 246 52.38 -5.55 -2.40
CA GLY A 246 53.75 -5.80 -1.98
C GLY A 246 54.76 -5.62 -3.13
N HIS A 247 54.26 -5.76 -4.35
CA HIS A 247 55.07 -5.65 -5.56
C HIS A 247 54.82 -4.37 -6.38
N THR A 248 54.46 -3.30 -5.67
CA THR A 248 54.38 -1.97 -6.29
C THR A 248 55.81 -1.45 -6.23
N THR A 249 56.22 -0.69 -7.23
CA THR A 249 57.57 -0.14 -7.26
C THR A 249 57.73 1.06 -6.33
N ILE A 250 58.69 1.03 -5.41
CA ILE A 250 58.95 2.23 -4.58
C ILE A 250 60.32 2.86 -4.90
N GLN A 251 61.21 2.08 -5.52
CA GLN A 251 62.53 2.56 -5.88
C GLN A 251 62.95 2.01 -7.25
N PRO A 252 62.81 2.82 -8.30
CA PRO A 252 63.26 2.39 -9.63
C PRO A 252 64.72 1.93 -9.61
N GLY A 253 65.01 0.81 -10.26
CA GLY A 253 66.37 0.27 -10.27
C GLY A 253 66.81 -0.17 -8.89
N GLY A 254 65.85 -0.42 -8.00
CA GLY A 254 66.13 -0.88 -6.64
C GLY A 254 66.46 -2.37 -6.55
N TYR A 255 66.30 -2.94 -5.36
CA TYR A 255 66.63 -4.34 -5.14
C TYR A 255 65.85 -5.27 -6.05
N LYS A 256 66.58 -6.18 -6.66
CA LYS A 256 65.98 -7.16 -7.51
C LYS A 256 65.04 -7.99 -6.63
N CYS A 257 63.79 -8.09 -7.05
CA CYS A 257 62.80 -8.88 -6.34
C CYS A 257 62.60 -10.24 -7.04
N HIS A 258 62.15 -11.26 -6.27
CA HIS A 258 61.83 -12.59 -6.82
C HIS A 258 60.67 -12.57 -7.87
N CYS A 259 59.86 -11.50 -7.89
CA CYS A 259 58.79 -11.38 -8.93
C CYS A 259 59.33 -10.98 -10.34
N GLY A 260 60.62 -10.65 -10.42
CA GLY A 260 61.24 -10.22 -11.68
C GLY A 260 61.40 -8.71 -11.82
N GLN A 261 60.72 -7.95 -10.98
CA GLN A 261 60.83 -6.49 -11.02
C GLN A 261 61.98 -6.01 -10.13
N LYS A 262 62.36 -4.75 -10.28
CA LYS A 262 63.36 -4.14 -9.40
C LYS A 262 62.66 -3.10 -8.52
N GLY A 263 63.06 -3.01 -7.26
CA GLY A 263 62.54 -1.98 -6.35
C GLY A 263 61.16 -2.14 -5.72
N CYS A 264 60.67 -3.36 -5.60
CA CYS A 264 59.34 -3.57 -5.01
C CYS A 264 59.27 -3.15 -3.54
N LEU A 265 58.10 -2.70 -3.14
CA LEU A 265 57.84 -2.31 -1.76
C LEU A 265 58.33 -3.37 -0.74
N GLU A 266 58.00 -4.65 -0.96
CA GLU A 266 58.36 -5.66 0.02
C GLU A 266 59.85 -5.92 0.15
N MET A 267 60.63 -5.38 -0.78
CA MET A 267 62.09 -5.47 -0.67
C MET A 267 62.61 -4.40 0.31
N TYR A 268 61.73 -3.48 0.76
CA TYR A 268 62.14 -2.42 1.69
C TYR A 268 61.34 -2.42 3.00
N ALA A 269 60.07 -2.80 2.90
CA ALA A 269 59.14 -2.78 4.04
C ALA A 269 58.81 -4.14 4.67
N SER A 270 59.62 -5.16 4.39
CA SER A 270 59.37 -6.48 4.97
C SER A 270 60.71 -7.02 5.41
N GLU A 271 60.72 -8.23 5.93
CA GLU A 271 61.96 -8.82 6.40
C GLU A 271 62.99 -8.94 5.25
N PHE A 272 62.53 -8.98 4.00
CA PHE A 272 63.48 -9.06 2.89
C PHE A 272 64.48 -7.90 2.91
N TYR A 273 64.03 -6.72 3.34
CA TYR A 273 64.93 -5.58 3.44
C TYR A 273 66.22 -5.90 4.27
N PHE A 274 66.09 -6.65 5.36
CA PHE A 274 67.25 -6.99 6.20
C PHE A 274 68.27 -7.83 5.45
N ARG A 275 67.76 -8.80 4.74
CA ARG A 275 68.56 -9.68 3.91
C ARG A 275 69.27 -8.84 2.85
N ASN A 276 68.50 -7.98 2.17
CA ASN A 276 69.06 -7.12 1.11
C ASN A 276 70.10 -6.11 1.58
N ARG A 277 69.69 -5.29 2.54
CA ARG A 277 70.53 -4.24 3.08
C ARG A 277 71.71 -4.87 3.86
N GLY A 278 71.42 -5.97 4.57
CA GLY A 278 72.42 -6.68 5.35
C GLY A 278 73.66 -7.06 4.56
N GLU A 279 73.46 -7.66 3.39
CA GLU A 279 74.58 -8.06 2.53
C GLU A 279 75.41 -6.87 2.01
N GLU A 280 74.77 -5.71 1.83
CA GLU A 280 75.47 -4.50 1.39
C GLU A 280 76.40 -3.89 2.45
N LEU A 281 76.39 -4.41 3.68
CA LEU A 281 77.22 -3.86 4.76
C LEU A 281 78.06 -4.95 5.42
N ASP A 292 73.74 -11.65 11.85
CA ASP A 292 72.55 -12.33 11.36
C ASP A 292 71.38 -11.37 11.09
N PHE A 293 70.74 -11.53 9.92
CA PHE A 293 69.66 -10.64 9.49
C PHE A 293 68.23 -11.19 9.63
N HIS A 294 68.02 -12.13 10.55
CA HIS A 294 66.66 -12.60 10.82
C HIS A 294 66.00 -11.50 11.68
N PHE A 295 64.72 -11.25 11.43
CA PHE A 295 63.97 -10.19 12.12
C PHE A 295 64.10 -10.17 13.64
N ASP A 296 63.84 -11.29 14.30
CA ASP A 296 63.93 -11.33 15.78
C ASP A 296 65.30 -10.89 16.33
N LYS A 297 66.39 -11.33 15.69
CA LYS A 297 67.75 -10.98 16.11
C LYS A 297 68.05 -9.51 15.85
N VAL A 298 67.59 -9.01 14.70
CA VAL A 298 67.78 -7.61 14.35
C VAL A 298 66.99 -6.73 15.34
N ALA A 299 65.76 -7.10 15.64
CA ALA A 299 64.94 -6.31 16.58
C ALA A 299 65.59 -6.20 17.95
N LYS A 300 66.08 -7.33 18.46
CA LYS A 300 66.74 -7.39 19.78
C LYS A 300 68.05 -6.60 19.78
N SER A 301 68.84 -6.74 18.72
CA SER A 301 70.10 -6.01 18.58
C SER A 301 69.85 -4.49 18.53
N ALA A 302 68.75 -4.10 17.89
CA ALA A 302 68.35 -2.70 17.80
C ALA A 302 68.02 -2.15 19.18
N ARG A 303 67.22 -2.89 19.95
CA ARG A 303 66.89 -2.44 21.31
C ARG A 303 68.16 -2.28 22.18
N ALA A 304 69.21 -3.06 21.87
CA ALA A 304 70.48 -2.99 22.59
C ALA A 304 71.42 -1.89 22.07
N GLY A 305 70.93 -1.07 21.13
CA GLY A 305 71.71 0.02 20.58
C GLY A 305 72.68 -0.30 19.46
N ASP A 306 72.62 -1.49 18.85
CA ASP A 306 73.52 -1.78 17.73
C ASP A 306 73.17 -0.80 16.59
N GLU A 307 74.19 -0.16 16.04
CA GLU A 307 74.00 0.87 14.99
C GLU A 307 73.44 0.31 13.68
N MET A 308 73.92 -0.82 13.22
CA MET A 308 73.41 -1.41 11.99
C MET A 308 71.94 -1.87 12.19
N ALA A 309 71.67 -2.57 13.30
CA ALA A 309 70.32 -3.07 13.58
C ALA A 309 69.32 -1.95 13.75
N THR A 310 69.72 -0.86 14.43
CA THR A 310 68.80 0.29 14.60
C THR A 310 68.48 0.93 13.27
N GLU A 311 69.48 1.04 12.39
CA GLU A 311 69.24 1.63 11.06
C GLU A 311 68.24 0.79 10.23
N LEU A 312 68.41 -0.55 10.23
CA LEU A 312 67.55 -1.44 9.45
C LEU A 312 66.12 -1.38 9.92
N MET A 313 65.95 -1.34 11.23
CA MET A 313 64.67 -1.30 11.87
C MET A 313 64.00 0.08 11.62
N GLY A 314 64.81 1.13 11.68
CA GLY A 314 64.32 2.47 11.43
C GLY A 314 63.82 2.70 10.02
N LYS A 315 64.62 2.29 9.04
CA LYS A 315 64.24 2.48 7.64
C LYS A 315 63.11 1.56 7.17
N MET A 316 63.05 0.35 7.71
CA MET A 316 61.97 -0.57 7.36
C MET A 316 60.70 0.07 7.86
N GLY A 317 60.75 0.61 9.08
CA GLY A 317 59.61 1.30 9.65
C GLY A 317 59.16 2.48 8.77
N GLU A 318 60.10 3.30 8.30
CA GLU A 318 59.77 4.43 7.41
C GLU A 318 59.14 3.90 6.12
N TYR A 319 59.77 2.88 5.51
CA TYR A 319 59.20 2.29 4.27
C TYR A 319 57.80 1.68 4.43
N LEU A 320 57.58 1.04 5.56
CA LEU A 320 56.30 0.41 5.87
C LEU A 320 55.28 1.53 6.06
N GLY A 321 55.72 2.61 6.72
CA GLY A 321 54.87 3.77 6.93
C GLY A 321 54.36 4.39 5.65
N TYR A 322 55.23 4.55 4.65
CA TYR A 322 54.83 5.14 3.38
C TYR A 322 53.98 4.16 2.59
N GLY A 323 54.25 2.87 2.78
CA GLY A 323 53.44 1.84 2.13
C GLY A 323 52.01 1.88 2.65
N ILE A 324 51.87 2.00 3.97
CA ILE A 324 50.54 2.02 4.59
C ILE A 324 49.79 3.35 4.28
N ARG A 325 50.52 4.45 4.27
CA ARG A 325 49.92 5.70 3.88
C ARG A 325 49.31 5.55 2.51
N ASN A 326 50.03 4.92 1.59
CA ASN A 326 49.52 4.78 0.21
C ASN A 326 48.38 3.78 0.02
N ILE A 327 48.27 2.84 0.95
CA ILE A 327 47.15 1.93 0.98
C ILE A 327 45.93 2.74 1.40
N ILE A 328 46.11 3.62 2.37
CA ILE A 328 45.01 4.47 2.82
C ILE A 328 44.56 5.41 1.72
N ASN A 329 45.51 6.04 1.07
CA ASN A 329 45.19 7.00 0.02
C ASN A 329 44.56 6.35 -1.21
N THR A 330 45.03 5.17 -1.55
CA THR A 330 44.53 4.46 -2.72
C THR A 330 43.15 3.88 -2.52
N PHE A 331 42.96 3.20 -1.40
CA PHE A 331 41.74 2.44 -1.16
C PHE A 331 40.67 3.06 -0.26
N ASN A 332 41.05 4.02 0.58
CA ASN A 332 40.11 4.63 1.54
C ASN A 332 39.45 3.52 2.42
N PRO A 333 40.28 2.71 3.10
CA PRO A 333 39.81 1.57 3.89
C PRO A 333 39.25 1.88 5.27
N GLU A 334 39.47 3.10 5.78
CA GLU A 334 38.93 3.53 7.07
C GLU A 334 39.83 3.03 8.20
N LYS A 335 40.31 1.79 8.10
CA LYS A 335 41.25 1.33 9.10
C LYS A 335 42.18 0.29 8.54
N VAL A 336 43.37 0.23 9.10
CA VAL A 336 44.43 -0.67 8.68
C VAL A 336 44.80 -1.58 9.85
N ILE A 337 44.85 -2.89 9.60
CA ILE A 337 45.23 -3.90 10.61
C ILE A 337 46.59 -4.52 10.22
N ILE A 338 47.59 -4.30 11.06
CA ILE A 338 48.92 -4.86 10.84
C ILE A 338 49.01 -6.26 11.47
N VAL A 339 49.48 -7.23 10.68
CA VAL A 339 49.64 -8.60 11.14
C VAL A 339 51.08 -9.02 10.89
N GLY A 340 51.68 -9.67 11.88
CA GLY A 340 53.02 -10.20 11.74
C GLY A 340 52.89 -11.64 11.20
N GLU A 341 53.65 -11.95 10.16
CA GLU A 341 53.65 -13.27 9.53
C GLU A 341 55.04 -13.86 9.69
N GLY A 342 55.22 -14.65 10.72
CA GLY A 342 56.52 -15.22 11.03
C GLY A 342 57.31 -14.31 11.95
N LEU A 343 56.69 -13.23 12.43
CA LEU A 343 57.37 -12.28 13.32
C LEU A 343 56.35 -11.55 14.18
N HIS A 344 56.79 -11.01 15.30
CA HIS A 344 55.91 -10.28 16.20
C HIS A 344 55.78 -8.84 15.75
N HIS A 345 54.59 -8.49 15.25
CA HIS A 345 54.29 -7.15 14.81
C HIS A 345 54.56 -6.05 15.88
N ARG A 346 54.42 -6.38 17.17
CA ARG A 346 54.65 -5.37 18.23
C ARG A 346 56.12 -4.94 18.28
N ASP A 347 57.01 -5.74 17.67
CA ASP A 347 58.44 -5.41 17.58
C ASP A 347 58.76 -4.41 16.45
N LEU A 348 57.81 -4.15 15.55
CA LEU A 348 58.00 -3.19 14.46
C LEU A 348 58.05 -1.77 15.04
N PHE A 349 58.57 -0.85 14.24
CA PHE A 349 58.65 0.56 14.62
C PHE A 349 57.23 1.16 14.40
N LEU A 350 56.27 0.65 15.18
CA LEU A 350 54.85 1.04 15.08
C LEU A 350 54.54 2.51 15.21
N THR A 351 55.24 3.21 16.11
CA THR A 351 54.98 4.63 16.24
C THR A 351 55.37 5.37 14.97
N LYS A 352 56.44 4.95 14.30
CA LYS A 352 56.88 5.59 13.07
C LYS A 352 55.88 5.34 11.97
N ILE A 353 55.47 4.09 11.84
CA ILE A 353 54.48 3.69 10.84
C ILE A 353 53.22 4.57 11.00
N ASP A 354 52.80 4.73 12.25
CA ASP A 354 51.62 5.51 12.59
C ASP A 354 51.83 7.00 12.30
N GLU A 355 52.99 7.50 12.68
CA GLU A 355 53.32 8.91 12.45
C GLU A 355 53.22 9.27 10.94
N ILE A 356 53.80 8.43 10.10
CA ILE A 356 53.78 8.63 8.67
C ILE A 356 52.38 8.42 8.04
N ALA A 357 51.80 7.26 8.28
CA ALA A 357 50.53 6.87 7.69
C ALA A 357 49.31 7.62 8.17
N SER A 358 49.30 8.06 9.41
CA SER A 358 48.14 8.80 9.94
C SER A 358 48.02 10.21 9.30
N GLN A 359 49.09 10.68 8.66
CA GLN A 359 49.05 11.92 7.86
C GLN A 359 48.81 11.47 6.44
N ASN A 360 47.58 11.63 5.98
CA ASN A 360 47.20 11.19 4.66
C ASN A 360 46.14 12.08 4.05
N PHE A 361 45.73 11.72 2.85
CA PHE A 361 44.75 12.50 2.12
C PHE A 361 43.46 12.70 2.89
N PHE A 362 42.97 11.62 3.52
CA PHE A 362 41.68 11.64 4.20
C PHE A 362 41.70 12.30 5.56
N SER A 363 42.80 12.17 6.30
CA SER A 363 42.91 12.83 7.59
C SER A 363 43.05 14.32 7.31
N GLY A 364 43.70 14.68 6.20
CA GLY A 364 43.78 16.06 5.77
C GLY A 364 42.40 16.66 5.49
N ALA A 365 41.42 15.82 5.16
CA ALA A 365 40.06 16.32 4.89
C ALA A 365 39.04 16.09 6.02
N GLY A 366 39.52 15.76 7.23
CA GLY A 366 38.66 15.56 8.40
C GLY A 366 38.26 14.14 8.76
N PHE A 367 38.72 13.15 8.00
CA PHE A 367 38.38 11.73 8.26
C PHE A 367 39.64 11.01 8.71
N GLU A 368 39.70 10.59 9.97
CA GLU A 368 40.89 9.90 10.45
C GLU A 368 40.80 8.42 10.12
N THR A 369 41.96 7.82 9.87
CA THR A 369 42.05 6.40 9.57
C THR A 369 42.81 5.75 10.74
N GLU A 370 42.19 4.80 11.44
CA GLU A 370 42.90 4.18 12.54
C GLU A 370 43.80 3.08 12.00
N ILE A 371 45.02 3.08 12.50
CA ILE A 371 46.01 2.08 12.17
C ILE A 371 46.24 1.33 13.47
N THR A 372 46.11 0.01 13.41
CA THR A 372 46.24 -0.79 14.61
C THR A 372 46.85 -2.16 14.26
N THR A 373 46.96 -3.02 15.26
CA THR A 373 47.49 -4.36 15.05
C THR A 373 46.38 -5.36 15.34
N THR A 374 46.53 -6.56 14.78
CA THR A 374 45.57 -7.65 14.92
C THR A 374 45.39 -8.08 16.37
N SER A 375 44.19 -8.50 16.68
CA SER A 375 43.86 -9.04 18.00
C SER A 375 43.84 -10.57 17.89
N LEU A 376 44.00 -11.14 16.69
CA LEU A 376 43.95 -12.58 16.51
C LEU A 376 45.32 -13.24 16.67
N GLU A 377 45.30 -14.56 16.90
CA GLU A 377 46.48 -15.38 17.09
C GLU A 377 46.80 -16.19 15.83
N ASP A 378 47.88 -16.97 15.90
CA ASP A 378 48.36 -17.83 14.79
C ASP A 378 47.33 -18.78 14.19
N PRO A 379 46.44 -19.37 15.00
CA PRO A 379 45.49 -20.26 14.38
C PRO A 379 44.56 -19.59 13.35
N ALA A 380 44.48 -18.26 13.38
CA ALA A 380 43.63 -17.53 12.44
C ALA A 380 43.94 -17.81 10.99
N TRP A 381 45.19 -18.12 10.65
CA TRP A 381 45.53 -18.42 9.25
C TRP A 381 44.73 -19.65 8.77
N LEU A 382 44.71 -20.68 9.61
CA LEU A 382 43.99 -21.91 9.32
C LEU A 382 42.48 -21.77 9.44
N GLN A 383 42.03 -20.94 10.38
CA GLN A 383 40.61 -20.68 10.55
C GLN A 383 40.12 -19.92 9.31
N GLY A 384 40.99 -19.05 8.81
CA GLY A 384 40.74 -18.28 7.61
C GLY A 384 40.57 -19.14 6.38
N ALA A 385 41.41 -20.17 6.27
CA ALA A 385 41.30 -21.07 5.15
C ALA A 385 39.96 -21.84 5.25
N ALA A 386 39.56 -22.25 6.45
CA ALA A 386 38.27 -22.95 6.61
C ALA A 386 37.13 -22.00 6.25
N LEU A 387 37.33 -20.70 6.55
CA LEU A 387 36.32 -19.66 6.25
C LEU A 387 36.13 -19.45 4.73
N LEU A 388 37.10 -19.91 3.93
CA LEU A 388 36.93 -19.87 2.47
C LEU A 388 35.69 -20.69 2.11
N VAL A 389 35.59 -21.87 2.70
CA VAL A 389 34.46 -22.73 2.45
C VAL A 389 33.18 -22.19 3.10
N ILE A 390 33.27 -21.80 4.38
CA ILE A 390 32.10 -21.34 5.16
C ILE A 390 31.45 -20.09 4.55
N HIS A 391 32.27 -19.17 4.09
CA HIS A 391 31.78 -17.96 3.46
C HIS A 391 30.97 -18.31 2.23
N GLN A 392 31.45 -19.28 1.46
CA GLN A 392 30.70 -19.70 0.27
C GLN A 392 29.39 -20.39 0.61
N LEU A 393 29.39 -21.27 1.62
CA LEU A 393 28.18 -22.00 2.02
C LEU A 393 27.06 -21.10 2.50
N PHE A 394 27.40 -20.08 3.27
CA PHE A 394 26.40 -19.19 3.86
C PHE A 394 26.06 -17.94 3.05
N GLN A 395 26.76 -17.72 1.95
CA GLN A 395 26.43 -16.61 1.07
C GLN A 395 25.01 -16.79 0.45
N VAL A 396 24.22 -15.71 0.50
CA VAL A 396 22.87 -15.69 -0.08
C VAL A 396 23.03 -15.99 -1.57
N PRO A 397 22.42 -17.09 -2.07
CA PRO A 397 22.60 -17.48 -3.47
C PRO A 397 21.72 -16.69 -4.41
N ILE A 398 22.11 -15.44 -4.63
CA ILE A 398 21.35 -14.58 -5.49
C ILE A 398 21.86 -14.69 -6.93
N TYR A 399 23.10 -15.15 -7.08
CA TYR A 399 23.74 -15.36 -8.40
C TYR A 399 23.84 -16.85 -8.80
N GLU A 400 24.19 -17.05 -10.08
CA GLU A 400 24.47 -18.37 -10.67
C GLU A 400 25.45 -18.21 -11.84
N ASP B 5 22.73 -0.68 0.99
CA ASP B 5 23.71 -1.27 1.95
C ASP B 5 23.36 -2.76 2.17
N ILE B 6 22.08 -3.05 2.44
CA ILE B 6 21.62 -4.46 2.62
C ILE B 6 20.66 -4.94 1.52
N LEU B 7 20.56 -6.25 1.40
CA LEU B 7 19.71 -6.90 0.43
C LEU B 7 18.23 -6.73 0.81
N ARG B 8 17.36 -6.55 -0.19
CA ARG B 8 15.94 -6.41 0.05
C ARG B 8 15.37 -7.72 0.53
N LYS B 9 14.21 -7.62 1.17
CA LYS B 9 13.50 -8.79 1.63
C LYS B 9 13.07 -9.60 0.43
N GLY B 10 13.12 -10.91 0.57
CA GLY B 10 12.66 -11.79 -0.49
C GLY B 10 11.13 -11.78 -0.53
N ASN B 11 10.56 -11.18 -1.54
CA ASN B 11 9.10 -11.15 -1.68
C ASN B 11 8.71 -10.92 -3.13
N LYS B 12 7.41 -10.85 -3.40
CA LYS B 12 6.91 -10.65 -4.76
C LYS B 12 7.35 -9.34 -5.43
N ASP B 13 7.47 -8.26 -4.67
CA ASP B 13 7.92 -6.99 -5.23
C ASP B 13 9.35 -7.08 -5.72
N LEU B 14 10.19 -7.81 -4.99
CA LEU B 14 11.57 -7.98 -5.38
C LEU B 14 11.68 -8.76 -6.68
N ILE B 15 10.98 -9.90 -6.77
CA ILE B 15 11.11 -10.69 -7.99
C ILE B 15 10.49 -10.01 -9.18
N LYS B 16 9.45 -9.22 -8.95
CA LYS B 16 8.83 -8.46 -10.03
C LYS B 16 9.87 -7.49 -10.60
N ASP B 17 10.58 -6.81 -9.72
CA ASP B 17 11.62 -5.86 -10.13
C ASP B 17 12.80 -6.55 -10.83
N ILE B 18 13.28 -7.66 -10.25
CA ILE B 18 14.37 -8.39 -10.86
C ILE B 18 14.05 -8.74 -12.32
N ASN B 19 12.88 -9.32 -12.53
CA ASN B 19 12.51 -9.71 -13.89
C ASN B 19 12.26 -8.55 -14.87
N ARG B 20 11.47 -7.55 -14.47
CA ARG B 20 11.17 -6.47 -15.42
C ARG B 20 12.42 -5.59 -15.71
N TYR B 21 13.27 -5.34 -14.72
CA TYR B 21 14.51 -4.61 -14.94
C TYR B 21 15.48 -5.41 -15.78
N THR B 22 15.52 -6.72 -15.62
CA THR B 22 16.43 -7.59 -16.39
C THR B 22 16.02 -7.60 -17.86
N VAL B 23 14.71 -7.70 -18.11
CA VAL B 23 14.18 -7.69 -19.46
C VAL B 23 14.37 -6.30 -20.08
N LEU B 24 14.12 -5.26 -19.29
CA LEU B 24 14.28 -3.91 -19.76
C LEU B 24 15.71 -3.66 -20.18
N ASN B 25 16.64 -4.10 -19.35
CA ASN B 25 18.05 -3.93 -19.66
C ASN B 25 18.48 -4.72 -20.88
N LEU B 26 17.87 -5.87 -21.11
CA LEU B 26 18.22 -6.65 -22.27
C LEU B 26 17.80 -5.91 -23.54
N ILE B 27 16.60 -5.34 -23.50
CA ILE B 27 16.07 -4.58 -24.63
C ILE B 27 16.91 -3.33 -24.87
N ARG B 28 17.22 -2.61 -23.78
CA ARG B 28 18.00 -1.38 -23.82
C ARG B 28 19.40 -1.63 -24.38
N GLU B 29 20.00 -2.74 -23.97
CA GLU B 29 21.33 -3.15 -24.39
C GLU B 29 21.37 -3.43 -25.90
N LYS B 30 20.41 -4.18 -26.38
CA LYS B 30 20.32 -4.52 -27.81
C LYS B 30 19.59 -3.50 -28.68
N GLY B 31 18.92 -2.50 -28.10
CA GLY B 31 18.15 -1.52 -28.87
C GLY B 31 16.80 -2.11 -29.31
N GLU B 32 16.88 -3.23 -30.03
CA GLU B 32 15.73 -3.98 -30.50
C GLU B 32 16.05 -5.47 -30.38
N ILE B 33 15.06 -6.21 -29.90
CA ILE B 33 15.15 -7.66 -29.73
C ILE B 33 13.74 -8.23 -29.78
N THR B 34 13.62 -9.53 -30.09
CA THR B 34 12.32 -10.21 -30.13
C THR B 34 12.01 -10.89 -28.81
N ARG B 35 10.72 -11.17 -28.60
CA ARG B 35 10.24 -11.86 -27.41
C ARG B 35 10.93 -13.21 -27.23
N THR B 36 11.03 -13.98 -28.31
CA THR B 36 11.65 -15.30 -28.29
C THR B 36 13.12 -15.26 -27.81
N GLU B 37 13.88 -14.27 -28.26
CA GLU B 37 15.28 -14.19 -27.86
C GLU B 37 15.40 -13.77 -26.40
N ILE B 38 14.46 -12.95 -25.92
CA ILE B 38 14.45 -12.53 -24.51
C ILE B 38 14.18 -13.78 -23.66
N ALA B 39 13.13 -14.49 -24.01
CA ALA B 39 12.70 -15.70 -23.31
C ALA B 39 13.81 -16.74 -23.27
N LYS B 40 14.48 -16.88 -24.40
CA LYS B 40 15.62 -17.78 -24.54
C LYS B 40 16.74 -17.39 -23.58
N LYS B 41 17.14 -16.12 -23.63
CA LYS B 41 18.23 -15.57 -22.83
C LYS B 41 17.91 -15.53 -21.33
N CYS B 42 16.68 -15.15 -20.99
CA CYS B 42 16.28 -15.00 -19.59
C CYS B 42 15.57 -16.19 -18.99
N ASP B 43 15.44 -17.28 -19.75
CA ASP B 43 14.80 -18.50 -19.26
C ASP B 43 13.34 -18.32 -18.75
N PHE B 44 12.53 -17.62 -19.53
CA PHE B 44 11.13 -17.42 -19.23
C PHE B 44 10.26 -18.16 -20.24
N GLY B 45 9.08 -18.56 -19.78
CA GLY B 45 8.07 -19.13 -20.66
C GLY B 45 7.47 -17.89 -21.33
N MET B 46 6.82 -18.06 -22.47
CA MET B 46 6.28 -16.93 -23.22
C MET B 46 5.18 -16.18 -22.47
N SER B 47 4.37 -16.90 -21.72
CA SER B 47 3.30 -16.23 -20.97
C SER B 47 3.88 -15.25 -19.92
N THR B 48 4.96 -15.66 -19.25
CA THR B 48 5.61 -14.81 -18.25
C THR B 48 6.09 -13.53 -18.88
N LEU B 49 6.72 -13.67 -20.03
CA LEU B 49 7.25 -12.52 -20.72
C LEU B 49 6.13 -11.62 -21.21
N THR B 50 5.00 -12.23 -21.57
CA THR B 50 3.86 -11.45 -22.05
C THR B 50 3.44 -10.42 -21.03
N TYR B 51 3.36 -10.81 -19.77
CA TYR B 51 2.92 -9.91 -18.70
C TYR B 51 3.96 -8.83 -18.38
N ILE B 52 5.21 -9.24 -18.30
CA ILE B 52 6.31 -8.32 -18.08
C ILE B 52 6.34 -7.28 -19.21
N LEU B 53 6.20 -7.72 -20.45
CA LEU B 53 6.22 -6.77 -21.58
C LEU B 53 4.99 -5.89 -21.61
N ASP B 54 3.84 -6.37 -21.13
CA ASP B 54 2.64 -5.50 -21.08
C ASP B 54 2.88 -4.33 -20.13
N ASP B 55 3.39 -4.60 -18.93
CA ASP B 55 3.69 -3.57 -17.95
C ASP B 55 4.62 -2.49 -18.52
N LEU B 56 5.72 -2.92 -19.15
CA LEU B 56 6.70 -2.00 -19.73
C LEU B 56 6.09 -1.14 -20.85
N GLN B 57 5.32 -1.77 -21.76
CA GLN B 57 4.65 -1.04 -22.86
C GLN B 57 3.61 -0.05 -22.36
N GLN B 58 2.92 -0.42 -21.28
CA GLN B 58 1.89 0.44 -20.71
C GLN B 58 2.57 1.67 -20.08
N GLU B 59 3.75 1.47 -19.49
CA GLU B 59 4.52 2.58 -18.93
C GLU B 59 5.08 3.46 -20.05
N GLY B 60 5.21 2.89 -21.25
CA GLY B 60 5.73 3.60 -22.42
C GLY B 60 7.25 3.57 -22.57
N ILE B 61 7.93 2.66 -21.87
CA ILE B 61 9.40 2.55 -21.92
C ILE B 61 9.92 1.57 -22.98
N ILE B 62 9.02 0.77 -23.55
CA ILE B 62 9.37 -0.08 -24.71
C ILE B 62 8.31 0.15 -25.77
N LEU B 63 8.68 -0.02 -27.02
CA LEU B 63 7.77 0.19 -28.14
C LEU B 63 7.72 -1.04 -29.01
N GLU B 64 6.64 -1.13 -29.78
CA GLU B 64 6.47 -2.20 -30.74
C GLU B 64 7.34 -1.86 -31.95
N GLY B 65 8.20 -2.79 -32.35
CA GLY B 65 9.07 -2.60 -33.50
C GLY B 65 8.57 -3.34 -34.73
N ALA B 66 9.39 -3.37 -35.78
CA ALA B 66 9.05 -4.05 -37.03
C ALA B 66 9.19 -5.57 -36.95
N GLU B 67 8.56 -6.26 -37.90
CA GLU B 67 8.63 -7.72 -38.00
C GLU B 67 10.02 -8.18 -38.42
N THR B 68 10.38 -9.39 -38.00
CA THR B 68 11.68 -9.98 -38.30
C THR B 68 11.46 -11.02 -39.41
N SER B 69 12.52 -11.43 -40.09
CA SER B 69 12.36 -12.43 -41.17
C SER B 69 12.06 -13.83 -40.58
N SER B 70 11.21 -14.59 -41.29
CA SER B 70 10.79 -15.92 -40.86
C SER B 70 11.93 -16.94 -40.66
N THR B 71 11.77 -17.75 -39.61
CA THR B 71 12.68 -18.84 -39.28
C THR B 71 11.96 -20.19 -39.51
N GLY B 72 10.78 -20.16 -40.17
CA GLY B 72 10.02 -21.40 -40.48
C GLY B 72 8.62 -21.77 -39.93
N GLY B 73 7.90 -20.96 -39.14
CA GLY B 73 8.28 -19.64 -38.67
C GLY B 73 7.33 -18.49 -38.94
N ARG B 74 6.46 -18.20 -37.96
CA ARG B 74 5.61 -16.99 -38.02
C ARG B 74 6.64 -15.89 -37.84
N ARG B 75 6.40 -14.71 -38.41
CA ARG B 75 7.38 -13.62 -38.27
C ARG B 75 7.35 -12.94 -36.89
N ALA B 76 8.42 -13.15 -36.11
CA ALA B 76 8.55 -12.57 -34.76
C ALA B 76 8.67 -11.04 -34.81
N LYS B 77 8.01 -10.37 -33.87
CA LYS B 77 7.97 -8.91 -33.85
C LYS B 77 8.97 -8.30 -32.86
N LEU B 78 9.79 -7.37 -33.33
CA LEU B 78 10.80 -6.71 -32.49
C LEU B 78 10.19 -5.81 -31.41
N VAL B 79 10.83 -5.83 -30.24
CA VAL B 79 10.46 -4.99 -29.10
C VAL B 79 11.60 -3.98 -29.01
N ARG B 80 11.25 -2.71 -28.99
CA ARG B 80 12.22 -1.62 -29.03
C ARG B 80 12.29 -0.82 -27.73
N PHE B 81 13.48 -0.40 -27.34
CA PHE B 81 13.65 0.47 -26.17
C PHE B 81 13.26 1.89 -26.54
N ASN B 82 12.41 2.53 -25.74
CA ASN B 82 12.05 3.92 -25.99
C ASN B 82 13.12 4.82 -25.35
N LYS B 83 14.10 5.23 -26.16
CA LYS B 83 15.18 6.08 -25.66
C LYS B 83 14.70 7.47 -25.25
N ASP B 84 13.50 7.85 -25.72
CA ASP B 84 12.89 9.16 -25.44
C ASP B 84 11.76 9.12 -24.42
N TYR B 85 11.65 8.00 -23.71
CA TYR B 85 10.66 7.86 -22.62
C TYR B 85 10.77 9.09 -21.69
N GLY B 86 12.00 9.54 -21.50
CA GLY B 86 12.28 10.71 -20.68
C GLY B 86 13.62 11.25 -21.10
N PHE B 87 14.12 12.24 -20.36
CA PHE B 87 15.43 12.83 -20.70
C PHE B 87 16.17 13.19 -19.42
N VAL B 88 17.45 13.51 -19.57
CA VAL B 88 18.31 13.79 -18.43
C VAL B 88 19.08 15.07 -18.69
N VAL B 89 19.40 15.81 -17.64
CA VAL B 89 20.24 16.98 -17.78
C VAL B 89 21.48 16.71 -16.99
N SER B 90 22.64 17.02 -17.57
CA SER B 90 23.89 16.83 -16.89
C SER B 90 24.61 18.17 -16.80
N VAL B 91 25.55 18.23 -15.85
CA VAL B 91 26.28 19.44 -15.56
C VAL B 91 27.72 19.10 -15.26
N LYS B 92 28.64 19.95 -15.72
CA LYS B 92 30.04 19.82 -15.38
C LYS B 92 30.48 21.20 -14.82
N VAL B 93 30.91 21.21 -13.57
CA VAL B 93 31.31 22.41 -12.90
C VAL B 93 32.82 22.59 -12.96
N GLU B 94 33.26 23.66 -13.61
CA GLU B 94 34.70 24.00 -13.75
C GLU B 94 34.93 25.37 -13.11
N GLU B 95 36.19 25.76 -12.97
CA GLU B 95 36.52 27.04 -12.31
C GLU B 95 35.90 28.23 -13.02
N GLU B 96 36.07 28.26 -14.34
CA GLU B 96 35.67 29.39 -15.16
C GLU B 96 34.41 29.19 -15.98
N GLN B 97 33.81 28.00 -15.93
CA GLN B 97 32.59 27.75 -16.69
C GLN B 97 31.75 26.60 -16.17
N LEU B 98 30.48 26.64 -16.55
CA LEU B 98 29.52 25.61 -16.25
C LEU B 98 29.06 25.09 -17.60
N LEU B 99 29.13 23.78 -17.75
CA LEU B 99 28.76 23.08 -18.96
C LEU B 99 27.44 22.34 -18.73
N PHE B 100 26.59 22.30 -19.73
CA PHE B 100 25.29 21.66 -19.61
C PHE B 100 24.98 20.83 -20.83
N ALA B 101 24.24 19.75 -20.62
CA ALA B 101 23.82 18.86 -21.68
C ALA B 101 22.46 18.26 -21.33
N LEU B 102 21.68 17.94 -22.34
CA LEU B 102 20.40 17.30 -22.18
C LEU B 102 20.57 16.07 -23.04
N THR B 103 20.34 14.91 -22.42
CA THR B 103 20.56 13.65 -23.11
C THR B 103 19.35 12.73 -23.12
N ASP B 104 19.29 11.86 -24.12
CA ASP B 104 18.26 10.82 -24.17
C ASP B 104 18.69 9.69 -23.20
N LEU B 105 17.93 8.61 -23.13
CA LEU B 105 18.23 7.52 -22.17
C LEU B 105 19.37 6.60 -22.56
N ASN B 106 19.97 6.84 -23.74
CA ASN B 106 21.19 6.15 -24.15
C ASN B 106 22.39 7.07 -23.86
N ALA B 107 22.16 8.19 -23.17
CA ALA B 107 23.18 9.19 -22.86
C ALA B 107 23.72 9.90 -24.13
N GLU B 108 22.91 9.91 -25.17
CA GLU B 108 23.25 10.59 -26.41
C GLU B 108 22.85 12.08 -26.19
N ILE B 109 23.75 13.00 -26.55
CA ILE B 109 23.53 14.42 -26.36
C ILE B 109 22.62 14.96 -27.42
N ILE B 110 21.53 15.55 -26.97
CA ILE B 110 20.54 16.18 -27.84
C ILE B 110 20.93 17.67 -27.96
N GLU B 111 21.23 18.28 -26.82
CA GLU B 111 21.61 19.66 -26.71
C GLU B 111 22.70 19.84 -25.64
N ASN B 112 23.51 20.87 -25.82
CA ASN B 112 24.54 21.20 -24.86
C ASN B 112 24.96 22.64 -25.04
N THR B 113 25.29 23.29 -23.94
CA THR B 113 25.74 24.65 -23.93
C THR B 113 26.73 24.81 -22.78
N SER B 114 27.37 25.98 -22.74
CA SER B 114 28.31 26.32 -21.71
C SER B 114 28.14 27.79 -21.40
N ILE B 115 28.55 28.18 -20.19
CA ILE B 115 28.53 29.59 -19.82
C ILE B 115 29.75 29.97 -19.03
N PRO B 116 30.24 31.21 -19.22
CA PRO B 116 31.36 31.67 -18.42
C PRO B 116 30.79 32.09 -17.08
N PHE B 117 31.48 31.73 -16.02
CA PHE B 117 31.08 32.12 -14.67
C PHE B 117 32.12 31.60 -13.74
N SER B 118 32.53 32.43 -12.79
CA SER B 118 33.53 32.00 -11.84
C SER B 118 32.84 31.40 -10.60
N SER B 119 32.91 30.07 -10.48
CA SER B 119 32.35 29.35 -9.34
C SER B 119 33.28 29.38 -8.13
N GLU B 120 34.52 29.88 -8.29
CA GLU B 120 35.49 29.94 -7.18
C GLU B 120 34.92 30.67 -5.98
N LYS B 121 34.80 29.94 -4.87
CA LYS B 121 34.28 30.48 -3.60
C LYS B 121 32.84 31.02 -3.69
N LYS B 122 32.10 30.64 -4.74
CA LYS B 122 30.74 31.12 -4.97
C LYS B 122 29.74 29.97 -5.22
N PRO B 123 29.62 29.02 -4.26
CA PRO B 123 28.73 27.89 -4.46
C PRO B 123 27.26 28.25 -4.61
N GLU B 124 26.75 29.17 -3.77
CA GLU B 124 25.34 29.55 -3.82
C GLU B 124 24.97 30.21 -5.13
N GLU B 125 25.87 31.02 -5.67
CA GLU B 125 25.57 31.72 -6.93
C GLU B 125 25.59 30.69 -8.06
N ALA B 126 26.59 29.82 -8.03
CA ALA B 126 26.75 28.77 -9.04
C ALA B 126 25.57 27.81 -9.06
N ILE B 127 25.15 27.38 -7.88
CA ILE B 127 24.04 26.46 -7.75
C ILE B 127 22.73 27.09 -8.22
N GLU B 128 22.54 28.37 -7.96
CA GLU B 128 21.36 29.08 -8.49
C GLU B 128 21.41 29.14 -10.01
N LEU B 129 22.60 29.41 -10.54
CA LEU B 129 22.77 29.49 -11.98
C LEU B 129 22.55 28.09 -12.62
N ILE B 130 23.05 27.03 -11.96
CA ILE B 130 22.86 25.65 -12.42
C ILE B 130 21.36 25.33 -12.46
N ALA B 131 20.63 25.69 -11.41
CA ALA B 131 19.19 25.39 -11.36
C ALA B 131 18.43 26.10 -12.48
N LYS B 132 18.68 27.40 -12.69
CA LYS B 132 18.03 28.11 -13.81
C LYS B 132 18.42 27.46 -15.13
N ASN B 133 19.66 26.98 -15.26
CA ASN B 133 20.06 26.34 -16.51
C ASN B 133 19.43 24.98 -16.76
N VAL B 134 19.19 24.22 -15.69
CA VAL B 134 18.51 22.94 -15.82
C VAL B 134 17.12 23.23 -16.38
N LYS B 135 16.43 24.18 -15.76
CA LYS B 135 15.11 24.62 -16.21
C LYS B 135 15.18 25.01 -17.72
N LYS B 136 16.11 25.90 -18.10
CA LYS B 136 16.24 26.31 -19.53
C LYS B 136 16.61 25.19 -20.47
N MET B 137 17.43 24.24 -20.02
CA MET B 137 17.84 23.15 -20.86
C MET B 137 16.62 22.27 -21.24
N CYS B 138 15.59 22.27 -20.39
CA CYS B 138 14.39 21.50 -20.68
C CYS B 138 13.62 22.13 -21.84
N GLY B 139 13.73 23.45 -21.99
CA GLY B 139 13.11 24.20 -23.09
C GLY B 139 11.64 23.95 -23.23
N ASN B 140 11.22 23.58 -24.43
CA ASN B 140 9.79 23.31 -24.71
C ASN B 140 9.24 21.95 -24.18
N ARG B 141 10.12 21.07 -23.70
CA ARG B 141 9.72 19.73 -23.21
C ARG B 141 8.93 19.75 -21.89
N ASP B 142 8.29 18.61 -21.60
CA ASP B 142 7.50 18.45 -20.38
C ASP B 142 8.43 18.14 -19.21
N MET B 143 8.41 19.00 -18.19
CA MET B 143 9.25 18.83 -16.99
C MET B 143 9.04 17.47 -16.32
N ASN B 144 7.83 16.91 -16.44
CA ASN B 144 7.56 15.58 -15.87
C ASN B 144 8.40 14.48 -16.54
N HIS B 145 9.01 14.78 -17.70
CA HIS B 145 9.86 13.79 -18.37
C HIS B 145 11.35 13.97 -18.09
N LEU B 146 11.68 14.88 -17.15
CA LEU B 146 13.05 15.07 -16.70
C LEU B 146 13.26 14.03 -15.61
N LEU B 147 14.01 12.98 -15.92
CA LEU B 147 14.23 11.91 -14.96
C LEU B 147 15.25 12.22 -13.88
N GLY B 148 16.10 13.21 -14.11
CA GLY B 148 17.13 13.51 -13.11
C GLY B 148 18.18 14.46 -13.60
N VAL B 149 19.12 14.75 -12.72
CA VAL B 149 20.23 15.62 -12.99
C VAL B 149 21.49 14.99 -12.42
N GLY B 150 22.53 14.92 -13.24
CA GLY B 150 23.82 14.36 -12.84
C GLY B 150 24.88 15.44 -12.99
N ILE B 151 25.78 15.52 -12.02
CA ILE B 151 26.77 16.57 -11.95
C ILE B 151 28.16 16.01 -11.71
N ALA B 152 29.07 16.38 -12.62
CA ALA B 152 30.46 15.98 -12.50
C ALA B 152 31.16 17.16 -11.90
N ILE B 153 32.03 16.91 -10.93
CA ILE B 153 32.76 18.01 -10.29
C ILE B 153 34.14 17.55 -9.89
N SER B 154 35.04 18.51 -9.76
CA SER B 154 36.39 18.20 -9.31
C SER B 154 36.42 18.47 -7.84
N GLY B 155 36.62 17.41 -7.06
CA GLY B 155 36.70 17.51 -5.62
C GLY B 155 36.44 16.21 -4.89
N LEU B 156 36.22 16.34 -3.59
CA LEU B 156 35.93 15.26 -2.68
C LEU B 156 34.39 15.27 -2.43
N VAL B 157 33.73 14.15 -2.73
CA VAL B 157 32.28 14.07 -2.66
C VAL B 157 31.68 13.01 -1.72
N ASN B 158 30.69 13.40 -0.92
CA ASN B 158 29.93 12.45 -0.12
C ASN B 158 28.75 12.09 -0.99
N ARG B 159 28.82 10.94 -1.65
CA ARG B 159 27.75 10.51 -2.56
C ARG B 159 26.45 10.11 -1.88
N LYS B 160 26.52 9.67 -0.63
CA LYS B 160 25.29 9.35 0.10
C LYS B 160 24.48 10.65 0.24
N LYS B 161 25.08 11.64 0.91
CA LYS B 161 24.42 12.93 1.15
C LYS B 161 24.36 13.86 -0.05
N GLY B 162 25.14 13.58 -1.10
CA GLY B 162 25.17 14.47 -2.28
C GLY B 162 25.84 15.82 -2.03
N THR B 163 26.78 15.87 -1.08
CA THR B 163 27.47 17.10 -0.75
C THR B 163 28.90 17.11 -1.24
N VAL B 164 29.41 18.29 -1.57
CA VAL B 164 30.79 18.43 -1.94
C VAL B 164 31.47 18.79 -0.63
N ILE B 165 32.28 17.86 -0.11
CA ILE B 165 32.98 18.07 1.14
C ILE B 165 34.05 19.10 0.92
N ARG B 166 34.79 18.96 -0.17
CA ARG B 166 35.82 19.92 -0.47
C ARG B 166 36.16 19.89 -1.92
N SER B 167 36.44 21.05 -2.47
CA SER B 167 36.92 21.15 -3.81
C SER B 167 37.94 22.25 -3.75
N THR B 168 39.20 21.88 -3.66
CA THR B 168 40.28 22.87 -3.62
C THR B 168 40.30 23.75 -4.89
N MET B 169 40.04 23.14 -6.04
CA MET B 169 40.05 23.87 -7.30
C MET B 169 38.94 24.96 -7.37
N LEU B 170 37.81 24.76 -6.68
CA LEU B 170 36.71 25.72 -6.67
C LEU B 170 36.63 26.52 -5.37
N GLY B 171 37.36 26.12 -4.33
CA GLY B 171 37.29 26.79 -3.02
C GLY B 171 35.92 26.56 -2.38
N TRP B 172 35.42 25.33 -2.46
CA TRP B 172 34.13 24.91 -1.92
C TRP B 172 34.39 24.00 -0.75
N GLU B 173 33.61 24.20 0.32
CA GLU B 173 33.77 23.44 1.54
C GLU B 173 32.38 23.10 2.11
N ASN B 174 32.10 21.80 2.28
CA ASN B 174 30.79 21.31 2.77
C ASN B 174 29.56 22.03 2.19
N VAL B 175 29.41 21.88 0.89
CA VAL B 175 28.29 22.44 0.13
C VAL B 175 27.26 21.34 -0.11
N ALA B 176 26.04 21.58 0.38
CA ALA B 176 24.94 20.63 0.24
C ALA B 176 24.34 20.78 -1.17
N LEU B 177 25.12 20.41 -2.17
CA LEU B 177 24.74 20.58 -3.58
C LEU B 177 23.40 19.98 -3.94
N GLU B 178 23.22 18.72 -3.59
CA GLU B 178 22.00 18.00 -3.89
C GLU B 178 20.77 18.57 -3.15
N ALA B 179 20.94 18.88 -1.88
CA ALA B 179 19.82 19.44 -1.10
C ALA B 179 19.39 20.81 -1.62
N MET B 180 20.37 21.64 -2.01
CA MET B 180 20.08 22.99 -2.53
C MET B 180 19.37 22.91 -3.87
N LEU B 181 19.72 21.91 -4.68
CA LEU B 181 19.07 21.70 -5.97
C LEU B 181 17.69 21.08 -5.74
N HIS B 182 17.55 20.25 -4.68
CA HIS B 182 16.23 19.66 -4.37
C HIS B 182 15.20 20.72 -3.96
N ALA B 183 15.69 21.89 -3.53
CA ALA B 183 14.80 23.02 -3.21
C ALA B 183 14.08 23.48 -4.47
N HIS B 184 14.72 23.33 -5.62
CA HIS B 184 14.13 23.73 -6.91
C HIS B 184 13.43 22.57 -7.58
N PHE B 185 14.03 21.37 -7.51
CA PHE B 185 13.50 20.16 -8.13
C PHE B 185 13.36 19.07 -7.07
N PRO B 186 12.29 19.14 -6.24
CA PRO B 186 12.10 18.18 -5.13
C PRO B 186 11.82 16.73 -5.52
N ASP B 187 11.09 16.52 -6.62
CA ASP B 187 10.68 15.17 -7.04
C ASP B 187 11.58 14.53 -8.07
N ILE B 188 12.81 15.01 -8.18
CA ILE B 188 13.75 14.57 -9.21
C ILE B 188 15.10 14.20 -8.57
N PRO B 189 15.60 12.97 -8.78
CA PRO B 189 16.91 12.65 -8.22
C PRO B 189 18.02 13.53 -8.81
N VAL B 190 19.00 13.84 -7.99
CA VAL B 190 20.12 14.67 -8.37
C VAL B 190 21.37 14.00 -7.82
N TYR B 191 22.30 13.63 -8.71
CA TYR B 191 23.52 12.97 -8.29
C TYR B 191 24.77 13.73 -8.64
N VAL B 192 25.77 13.56 -7.79
CA VAL B 192 27.05 14.21 -7.91
C VAL B 192 28.18 13.21 -7.74
N ASP B 193 29.21 13.29 -8.57
CA ASP B 193 30.38 12.45 -8.39
C ASP B 193 31.56 13.17 -9.00
N LYS B 194 32.77 12.71 -8.69
CA LYS B 194 33.99 13.26 -9.27
C LYS B 194 34.04 13.11 -10.79
N ASN B 195 34.73 14.03 -11.46
CA ASN B 195 34.93 14.00 -12.92
C ASN B 195 35.40 12.64 -13.41
N ILE B 196 36.41 12.09 -12.74
CA ILE B 196 36.95 10.79 -13.19
C ILE B 196 35.90 9.63 -13.12
N ASN B 197 35.06 9.60 -12.09
CA ASN B 197 34.06 8.56 -11.99
C ASN B 197 33.01 8.76 -13.04
N CYS B 198 32.67 10.01 -13.35
CA CYS B 198 31.71 10.28 -14.42
C CYS B 198 32.24 9.75 -15.78
N TYR B 199 33.51 10.04 -16.07
CA TYR B 199 34.09 9.61 -17.33
C TYR B 199 34.15 8.09 -17.41
N THR B 200 34.41 7.46 -16.27
CA THR B 200 34.48 6.00 -16.23
C THR B 200 33.11 5.37 -16.54
N LEU B 201 32.04 5.95 -16.01
CA LEU B 201 30.72 5.47 -16.35
C LEU B 201 30.54 5.54 -17.84
N ALA B 202 30.97 6.66 -18.44
CA ALA B 202 30.85 6.80 -19.88
C ALA B 202 31.61 5.70 -20.60
N GLU B 203 32.77 5.38 -20.06
CA GLU B 203 33.62 4.35 -20.62
C GLU B 203 32.90 2.99 -20.46
N LEU B 204 32.33 2.79 -19.28
CA LEU B 204 31.60 1.55 -19.02
C LEU B 204 30.41 1.30 -19.96
N TRP B 205 29.65 2.36 -20.25
CA TRP B 205 28.45 2.27 -21.06
C TRP B 205 28.62 2.51 -22.53
N LEU B 206 29.56 3.40 -22.89
CA LEU B 206 29.72 3.81 -24.30
C LEU B 206 31.05 3.50 -24.95
N GLY B 207 32.05 3.09 -24.19
CA GLY B 207 33.38 2.85 -24.74
C GLY B 207 33.91 1.45 -24.45
N GLU B 208 35.01 1.40 -23.73
CA GLU B 208 35.66 0.15 -23.42
C GLU B 208 34.72 -0.87 -22.76
N GLY B 209 33.73 -0.37 -22.00
CA GLY B 209 32.80 -1.25 -21.32
C GLY B 209 31.94 -2.10 -22.24
N LYS B 210 31.84 -1.71 -23.51
CA LYS B 210 31.08 -2.50 -24.48
C LYS B 210 31.81 -3.81 -24.88
N GLN B 211 33.10 -3.88 -24.60
CA GLN B 211 33.92 -5.04 -24.98
C GLN B 211 34.57 -5.77 -23.82
N SER B 212 34.72 -5.10 -22.70
CA SER B 212 35.36 -5.71 -21.55
C SER B 212 34.71 -5.26 -20.23
N ASN B 213 34.93 -6.07 -19.19
CA ASN B 213 34.35 -5.84 -17.88
C ASN B 213 35.35 -5.37 -16.85
N ASN B 214 36.63 -5.27 -17.21
CA ASN B 214 37.66 -4.85 -16.29
C ASN B 214 38.57 -3.82 -16.94
N PHE B 215 38.77 -2.69 -16.29
CA PHE B 215 39.69 -1.66 -16.78
C PHE B 215 39.89 -0.56 -15.75
N ALA B 216 41.05 0.07 -15.81
CA ALA B 216 41.37 1.21 -14.98
C ALA B 216 41.36 2.40 -15.93
N THR B 217 40.72 3.49 -15.51
CA THR B 217 40.63 4.71 -16.29
C THR B 217 41.54 5.74 -15.61
N VAL B 218 42.49 6.28 -16.36
CA VAL B 218 43.47 7.23 -15.84
C VAL B 218 43.40 8.52 -16.66
N SER B 219 43.04 9.64 -16.03
CA SER B 219 42.96 10.94 -16.68
C SER B 219 44.25 11.72 -16.46
N VAL B 220 44.82 12.22 -17.55
CA VAL B 220 46.05 13.00 -17.53
C VAL B 220 45.72 14.36 -18.11
N GLY B 221 46.22 15.40 -17.47
CA GLY B 221 45.99 16.79 -17.90
C GLY B 221 46.35 17.75 -16.78
N ALA B 222 45.38 18.52 -16.30
CA ALA B 222 45.59 19.46 -15.19
C ALA B 222 45.42 18.75 -13.83
N GLY B 223 45.76 17.47 -13.81
CA GLY B 223 45.63 16.64 -12.60
C GLY B 223 45.75 15.20 -13.03
N LEU B 224 45.65 14.28 -12.05
CA LEU B 224 45.72 12.84 -12.32
C LEU B 224 44.55 12.20 -11.63
N GLY B 225 43.72 11.50 -12.38
CA GLY B 225 42.55 10.85 -11.82
C GLY B 225 42.58 9.37 -12.12
N LEU B 226 42.12 8.56 -11.17
CA LEU B 226 42.05 7.12 -11.34
C LEU B 226 40.69 6.60 -10.91
N SER B 227 40.16 5.68 -11.70
CA SER B 227 38.93 4.99 -11.36
C SER B 227 39.15 3.58 -11.86
N VAL B 228 38.81 2.57 -11.06
CA VAL B 228 39.02 1.18 -11.43
C VAL B 228 37.68 0.50 -11.52
N VAL B 229 37.50 -0.26 -12.61
CA VAL B 229 36.31 -1.03 -12.83
C VAL B 229 36.68 -2.51 -12.84
N ILE B 230 36.06 -3.28 -11.96
CA ILE B 230 36.23 -4.73 -11.88
C ILE B 230 34.82 -5.31 -11.93
N ASN B 231 34.58 -6.23 -12.85
CA ASN B 231 33.26 -6.82 -12.99
C ASN B 231 32.14 -5.82 -13.19
N ARG B 232 32.42 -4.82 -14.03
CA ARG B 232 31.48 -3.73 -14.37
C ARG B 232 31.07 -2.82 -13.19
N GLN B 233 31.82 -2.89 -12.09
CA GLN B 233 31.59 -2.04 -10.94
C GLN B 233 32.80 -1.13 -10.70
N ILE B 234 32.50 0.12 -10.44
CA ILE B 234 33.54 1.08 -10.15
C ILE B 234 33.94 0.91 -8.68
N TYR B 235 35.23 0.86 -8.42
CA TYR B 235 35.67 0.71 -7.04
C TYR B 235 35.48 2.02 -6.23
N TYR B 236 34.87 1.89 -5.05
CA TYR B 236 34.76 2.97 -4.09
C TYR B 236 35.17 2.37 -2.79
N GLY B 237 35.78 3.16 -1.92
CA GLY B 237 36.15 2.68 -0.58
C GLY B 237 35.02 2.80 0.45
N ALA B 238 35.43 2.98 1.70
CA ALA B 238 34.53 3.02 2.86
C ALA B 238 33.45 4.08 2.72
N GLN B 239 32.20 3.71 3.05
CA GLN B 239 31.02 4.59 2.98
C GLN B 239 30.78 5.13 1.56
N GLY B 240 31.36 4.49 0.55
CA GLY B 240 31.21 5.00 -0.81
C GLY B 240 32.17 6.14 -1.18
N GLY B 241 33.11 6.44 -0.29
CA GLY B 241 34.12 7.47 -0.52
C GLY B 241 35.16 6.97 -1.53
N ALA B 242 35.39 7.75 -2.59
CA ALA B 242 36.35 7.39 -3.63
C ALA B 242 37.75 7.27 -3.09
N GLY B 243 38.52 6.35 -3.68
CA GLY B 243 39.94 6.19 -3.40
C GLY B 243 40.63 7.37 -4.08
N GLU B 244 41.89 7.65 -3.73
CA GLU B 244 42.60 8.80 -4.27
C GLU B 244 44.02 8.46 -4.67
N PHE B 245 44.19 7.69 -5.73
CA PHE B 245 45.52 7.26 -6.15
C PHE B 245 46.42 8.43 -6.57
N GLY B 246 45.81 9.49 -7.08
CA GLY B 246 46.54 10.68 -7.47
C GLY B 246 47.24 11.34 -6.27
N HIS B 247 46.72 11.08 -5.07
CA HIS B 247 47.31 11.61 -3.82
C HIS B 247 48.14 10.58 -3.04
N THR B 248 48.75 9.63 -3.77
CA THR B 248 49.67 8.67 -3.14
C THR B 248 51.00 9.39 -3.11
N THR B 249 51.79 9.10 -2.11
CA THR B 249 53.09 9.75 -1.99
C THR B 249 54.11 9.03 -2.84
N ILE B 250 54.67 9.70 -3.85
CA ILE B 250 55.78 9.09 -4.61
C ILE B 250 57.12 9.65 -4.18
N GLN B 251 57.09 10.82 -3.56
CA GLN B 251 58.30 11.45 -3.11
C GLN B 251 58.14 12.07 -1.71
N PRO B 252 58.56 11.33 -0.66
CA PRO B 252 58.49 11.93 0.69
C PRO B 252 59.17 13.32 0.74
N GLY B 253 58.54 14.27 1.44
CA GLY B 253 59.06 15.66 1.55
C GLY B 253 59.13 16.40 0.22
N GLY B 254 58.36 15.94 -0.76
CA GLY B 254 58.31 16.53 -2.11
C GLY B 254 57.34 17.68 -2.21
N TYR B 255 56.97 18.03 -3.43
CA TYR B 255 56.12 19.20 -3.64
C TYR B 255 54.86 19.20 -2.83
N LYS B 256 54.60 20.34 -2.22
CA LYS B 256 53.40 20.55 -1.46
C LYS B 256 52.23 20.41 -2.45
N CYS B 257 51.17 19.71 -2.06
CA CYS B 257 50.01 19.54 -2.91
C CYS B 257 48.83 20.26 -2.32
N HIS B 258 47.85 20.55 -3.17
CA HIS B 258 46.63 21.21 -2.74
C HIS B 258 45.80 20.36 -1.72
N CYS B 259 46.16 19.09 -1.54
CA CYS B 259 45.44 18.25 -0.60
C CYS B 259 46.00 18.34 0.83
N GLY B 260 47.09 19.09 1.03
CA GLY B 260 47.72 19.21 2.37
C GLY B 260 48.97 18.34 2.57
N GLN B 261 49.07 17.23 1.82
CA GLN B 261 50.23 16.34 1.88
C GLN B 261 51.40 16.93 1.05
N LYS B 262 52.54 16.24 1.11
CA LYS B 262 53.73 16.57 0.34
C LYS B 262 54.16 15.37 -0.50
N GLY B 263 54.50 15.59 -1.78
CA GLY B 263 55.02 14.52 -2.65
C GLY B 263 54.03 13.66 -3.42
N CYS B 264 52.77 14.08 -3.46
CA CYS B 264 51.74 13.35 -4.18
C CYS B 264 52.06 13.09 -5.63
N LEU B 265 51.62 11.94 -6.14
CA LEU B 265 51.82 11.55 -7.54
C LEU B 265 51.34 12.63 -8.51
N GLU B 266 50.23 13.28 -8.17
CA GLU B 266 49.66 14.34 -8.99
C GLU B 266 50.58 15.58 -9.18
N MET B 267 51.46 15.80 -8.23
CA MET B 267 52.42 16.89 -8.31
C MET B 267 53.58 16.54 -9.26
N TYR B 268 53.66 15.28 -9.73
CA TYR B 268 54.74 14.82 -10.62
C TYR B 268 54.27 14.25 -11.94
N ALA B 269 53.06 13.69 -11.96
CA ALA B 269 52.54 13.03 -13.16
C ALA B 269 51.40 13.77 -13.84
N SER B 270 51.40 15.10 -13.75
CA SER B 270 50.39 15.94 -14.40
C SER B 270 50.93 17.33 -14.66
N GLU B 271 50.07 18.20 -15.17
CA GLU B 271 50.41 19.60 -15.45
C GLU B 271 51.03 20.25 -14.22
N PHE B 272 50.48 19.97 -13.03
CA PHE B 272 51.01 20.55 -11.79
C PHE B 272 52.55 20.47 -11.70
N TYR B 273 53.13 19.41 -12.26
CA TYR B 273 54.59 19.24 -12.26
C TYR B 273 55.33 20.28 -13.06
N PHE B 274 54.70 20.80 -14.12
CA PHE B 274 55.34 21.81 -14.94
C PHE B 274 55.47 23.11 -14.14
N ARG B 275 54.51 23.38 -13.27
CA ARG B 275 54.52 24.57 -12.46
C ARG B 275 55.49 24.42 -11.28
N ASN B 276 55.51 23.25 -10.64
CA ASN B 276 56.42 22.99 -9.50
C ASN B 276 57.89 22.91 -9.91
N ARG B 277 58.14 22.15 -10.99
CA ARG B 277 59.51 21.95 -11.47
C ARG B 277 59.96 23.14 -12.30
N GLY B 278 59.02 23.75 -13.01
CA GLY B 278 59.31 24.94 -13.79
C GLY B 278 59.93 26.04 -12.95
N GLU B 279 59.42 26.24 -11.74
CA GLU B 279 59.94 27.26 -10.82
C GLU B 279 61.42 27.07 -10.52
N GLU B 280 61.80 25.81 -10.27
CA GLU B 280 63.17 25.43 -9.93
C GLU B 280 64.11 25.42 -11.12
N LEU B 281 63.59 25.31 -12.34
CA LEU B 281 64.42 25.24 -13.55
C LEU B 281 64.67 26.54 -14.28
N LYS B 282 63.79 27.54 -14.13
CA LYS B 282 63.94 28.82 -14.84
C LYS B 282 65.37 29.33 -14.97
N GLU B 283 66.07 29.43 -13.84
CA GLU B 283 67.45 29.91 -13.82
C GLU B 283 68.46 28.97 -14.53
N ALA B 284 68.25 27.66 -14.42
CA ALA B 284 69.15 26.68 -15.07
C ALA B 284 69.04 26.65 -16.62
N TYR B 285 67.99 27.26 -17.16
CA TYR B 285 67.78 27.36 -18.61
C TYR B 285 67.24 28.78 -18.94
N PRO B 286 68.10 29.81 -18.78
CA PRO B 286 67.63 31.17 -19.05
C PRO B 286 67.32 31.39 -20.54
N THR B 287 68.04 30.68 -21.40
CA THR B 287 67.86 30.77 -22.85
C THR B 287 66.50 30.20 -23.31
N SER B 288 65.96 29.23 -22.57
CA SER B 288 64.68 28.58 -22.93
C SER B 288 63.56 29.53 -23.42
N GLU B 289 62.86 29.09 -24.47
CA GLU B 289 61.76 29.85 -25.07
C GLU B 289 60.42 29.65 -24.34
N LEU B 290 60.40 28.77 -23.35
CA LEU B 290 59.17 28.45 -22.61
C LEU B 290 58.74 29.59 -21.67
N ASN B 291 57.57 30.18 -21.94
CA ASN B 291 57.01 31.26 -21.13
C ASN B 291 56.05 30.69 -20.09
N ASP B 292 54.95 30.16 -20.60
CA ASP B 292 53.86 29.63 -19.81
C ASP B 292 54.12 28.16 -19.38
N PHE B 293 53.53 27.74 -18.26
CA PHE B 293 53.66 26.36 -17.75
C PHE B 293 52.43 25.44 -17.98
N HIS B 294 51.43 25.88 -18.74
CA HIS B 294 50.26 25.04 -19.00
C HIS B 294 50.68 23.87 -19.91
N PHE B 295 49.91 22.79 -19.89
CA PHE B 295 50.27 21.57 -20.63
C PHE B 295 50.64 21.80 -22.12
N ASP B 296 49.72 22.36 -22.90
CA ASP B 296 49.96 22.56 -24.33
C ASP B 296 51.21 23.38 -24.65
N LYS B 297 51.47 24.44 -23.88
CA LYS B 297 52.64 25.30 -24.10
C LYS B 297 53.94 24.56 -23.86
N VAL B 298 53.97 23.75 -22.80
CA VAL B 298 55.14 22.93 -22.48
C VAL B 298 55.37 21.92 -23.61
N ALA B 299 54.28 21.32 -24.09
CA ALA B 299 54.33 20.36 -25.20
C ALA B 299 54.88 21.01 -26.49
N LYS B 300 54.42 22.23 -26.77
CA LYS B 300 54.86 22.97 -27.94
C LYS B 300 56.37 23.19 -27.96
N SER B 301 56.91 23.75 -26.87
CA SER B 301 58.36 24.03 -26.79
C SER B 301 59.21 22.77 -26.75
N ALA B 302 58.67 21.68 -26.19
CA ALA B 302 59.39 20.40 -26.10
C ALA B 302 59.42 19.73 -27.48
N ARG B 303 58.29 19.82 -28.20
CA ARG B 303 58.19 19.26 -29.55
C ARG B 303 59.07 20.09 -30.50
N ALA B 304 59.32 21.36 -30.15
CA ALA B 304 60.20 22.24 -30.93
C ALA B 304 61.68 22.05 -30.57
N GLY B 305 61.97 21.32 -29.50
CA GLY B 305 63.37 21.04 -29.10
C GLY B 305 63.96 21.80 -27.91
N ASP B 306 63.13 22.55 -27.18
CA ASP B 306 63.60 23.30 -25.99
C ASP B 306 64.11 22.33 -24.91
N GLU B 307 65.32 22.60 -24.39
CA GLU B 307 65.95 21.77 -23.36
C GLU B 307 65.10 21.65 -22.08
N MET B 308 64.57 22.78 -21.60
CA MET B 308 63.74 22.85 -20.39
C MET B 308 62.39 22.15 -20.56
N ALA B 309 61.70 22.43 -21.66
CA ALA B 309 60.41 21.80 -21.92
C ALA B 309 60.54 20.29 -22.13
N THR B 310 61.61 19.85 -22.81
CA THR B 310 61.86 18.43 -23.08
C THR B 310 62.11 17.67 -21.77
N GLU B 311 62.88 18.29 -20.87
CA GLU B 311 63.14 17.73 -19.53
C GLU B 311 61.87 17.67 -18.69
N LEU B 312 61.09 18.73 -18.71
CA LEU B 312 59.84 18.77 -17.96
C LEU B 312 58.86 17.71 -18.43
N MET B 313 58.68 17.63 -19.74
CA MET B 313 57.78 16.67 -20.35
C MET B 313 58.25 15.22 -20.17
N GLY B 314 59.56 15.00 -20.36
CA GLY B 314 60.16 13.67 -20.26
C GLY B 314 60.00 13.10 -18.86
N LYS B 315 60.31 13.91 -17.87
CA LYS B 315 60.20 13.52 -16.48
C LYS B 315 58.76 13.23 -16.09
N MET B 316 57.83 14.10 -16.47
CA MET B 316 56.46 13.87 -16.04
C MET B 316 55.92 12.57 -16.71
N GLY B 317 56.39 12.26 -17.91
CA GLY B 317 56.01 11.01 -18.60
C GLY B 317 56.58 9.83 -17.83
N GLU B 318 57.80 10.00 -17.32
CA GLU B 318 58.47 8.97 -16.53
C GLU B 318 57.71 8.66 -15.20
N TYR B 319 57.33 9.72 -14.49
CA TYR B 319 56.60 9.56 -13.24
C TYR B 319 55.20 8.99 -13.50
N LEU B 320 54.63 9.38 -14.63
CA LEU B 320 53.33 8.86 -15.02
C LEU B 320 53.46 7.36 -15.28
N GLY B 321 54.54 6.96 -15.93
CA GLY B 321 54.76 5.54 -16.22
C GLY B 321 54.83 4.67 -14.98
N TYR B 322 55.55 5.16 -13.95
CA TYR B 322 55.66 4.44 -12.70
C TYR B 322 54.34 4.44 -11.98
N GLY B 323 53.58 5.52 -12.12
CA GLY B 323 52.27 5.59 -11.51
C GLY B 323 51.36 4.52 -12.09
N ILE B 324 51.37 4.37 -13.41
CA ILE B 324 50.56 3.36 -14.09
C ILE B 324 51.03 1.94 -13.79
N ARG B 325 52.35 1.72 -13.72
CA ARG B 325 52.87 0.41 -13.35
C ARG B 325 52.29 -0.01 -11.99
N ASN B 326 52.21 0.93 -11.06
CA ASN B 326 51.67 0.66 -9.72
C ASN B 326 50.15 0.52 -9.67
N ILE B 327 49.46 1.14 -10.63
CA ILE B 327 48.02 0.95 -10.77
C ILE B 327 47.81 -0.53 -11.13
N ILE B 328 48.68 -1.04 -12.02
CA ILE B 328 48.60 -2.42 -12.46
C ILE B 328 48.92 -3.43 -11.35
N ASN B 329 50.04 -3.21 -10.68
CA ASN B 329 50.46 -4.10 -9.63
C ASN B 329 49.45 -4.15 -8.48
N THR B 330 48.85 -3.00 -8.17
CA THR B 330 47.90 -2.86 -7.07
C THR B 330 46.52 -3.44 -7.31
N PHE B 331 45.95 -3.09 -8.45
CA PHE B 331 44.57 -3.47 -8.79
C PHE B 331 44.34 -4.67 -9.67
N ASN B 332 45.31 -5.00 -10.51
CA ASN B 332 45.16 -6.07 -11.51
C ASN B 332 43.94 -5.75 -12.36
N PRO B 333 43.98 -4.60 -13.08
CA PRO B 333 42.82 -4.15 -13.83
C PRO B 333 42.63 -4.78 -15.19
N GLU B 334 43.61 -5.55 -15.68
CA GLU B 334 43.53 -6.26 -16.98
C GLU B 334 43.81 -5.29 -18.15
N LYS B 335 43.27 -4.08 -18.05
CA LYS B 335 43.45 -3.10 -19.09
C LYS B 335 43.57 -1.71 -18.46
N VAL B 336 44.39 -0.84 -19.03
CA VAL B 336 44.54 0.54 -18.55
C VAL B 336 44.16 1.44 -19.72
N ILE B 337 43.16 2.29 -19.51
CA ILE B 337 42.71 3.24 -20.52
C ILE B 337 43.18 4.60 -20.10
N ILE B 338 43.98 5.26 -20.94
CA ILE B 338 44.45 6.60 -20.67
C ILE B 338 43.44 7.56 -21.29
N VAL B 339 43.18 8.64 -20.58
CA VAL B 339 42.14 9.59 -20.90
C VAL B 339 42.58 11.02 -20.61
N GLY B 340 41.84 11.96 -21.19
CA GLY B 340 42.02 13.39 -20.91
C GLY B 340 42.65 14.31 -21.93
N GLU B 341 42.63 15.59 -21.56
CA GLU B 341 43.21 16.71 -22.33
C GLU B 341 44.61 16.36 -22.84
N GLY B 342 45.42 15.84 -21.92
CA GLY B 342 46.82 15.43 -22.17
C GLY B 342 47.06 14.49 -23.33
N LEU B 343 46.03 13.77 -23.76
CA LEU B 343 46.14 12.86 -24.92
C LEU B 343 46.46 13.64 -26.20
N HIS B 344 46.07 14.92 -26.26
CA HIS B 344 46.35 15.76 -27.45
C HIS B 344 47.85 15.78 -27.76
N HIS B 345 48.66 15.54 -26.74
CA HIS B 345 50.12 15.52 -26.87
C HIS B 345 50.66 14.15 -26.42
N ARG B 346 49.92 13.09 -26.78
CA ARG B 346 50.28 11.68 -26.42
C ARG B 346 51.62 11.23 -26.99
N ASP B 347 51.96 11.73 -28.19
CA ASP B 347 53.21 11.37 -28.86
C ASP B 347 54.47 11.57 -27.99
N LEU B 348 54.40 12.53 -27.05
CA LEU B 348 55.54 12.84 -26.18
C LEU B 348 55.70 11.96 -24.92
N PHE B 349 54.64 11.27 -24.49
CA PHE B 349 54.75 10.45 -23.25
C PHE B 349 54.30 8.98 -23.32
N LEU B 350 53.46 8.63 -24.30
CA LEU B 350 52.92 7.27 -24.39
C LEU B 350 53.98 6.17 -24.56
N THR B 351 55.08 6.49 -25.24
CA THR B 351 56.17 5.53 -25.40
C THR B 351 56.86 5.23 -24.07
N LYS B 352 57.10 6.28 -23.28
CA LYS B 352 57.78 6.12 -21.99
C LYS B 352 56.86 5.37 -21.02
N ILE B 353 55.56 5.70 -21.05
CA ILE B 353 54.59 5.02 -20.19
C ILE B 353 54.61 3.54 -20.46
N ASP B 354 54.65 3.19 -21.73
CA ASP B 354 54.63 1.81 -22.15
C ASP B 354 55.92 1.08 -21.77
N GLU B 355 57.05 1.75 -21.88
CA GLU B 355 58.34 1.16 -21.55
C GLU B 355 58.39 0.77 -20.06
N ILE B 356 57.99 1.69 -19.21
CA ILE B 356 58.01 1.50 -17.76
C ILE B 356 56.87 0.59 -17.26
N ALA B 357 55.66 0.90 -17.66
CA ALA B 357 54.48 0.23 -17.15
C ALA B 357 54.24 -1.17 -17.65
N SER B 358 54.79 -1.51 -18.83
CA SER B 358 54.60 -2.88 -19.38
C SER B 358 55.39 -3.93 -18.61
N GLN B 359 56.42 -3.49 -17.89
CA GLN B 359 57.19 -4.36 -17.02
C GLN B 359 56.50 -4.21 -15.68
N ASN B 360 55.75 -5.22 -15.27
CA ASN B 360 55.03 -5.20 -13.99
C ASN B 360 54.97 -6.61 -13.39
N PHE B 361 54.37 -6.73 -12.20
CA PHE B 361 54.30 -8.00 -11.50
C PHE B 361 53.64 -9.08 -12.32
N PHE B 362 52.51 -8.73 -12.90
CA PHE B 362 51.71 -9.66 -13.69
C PHE B 362 52.37 -10.06 -15.00
N SER B 363 53.08 -9.13 -15.66
CA SER B 363 53.79 -9.51 -16.91
C SER B 363 54.91 -10.50 -16.56
N GLY B 364 55.48 -10.33 -15.38
CA GLY B 364 56.50 -11.27 -14.91
C GLY B 364 55.96 -12.69 -14.70
N ALA B 365 54.65 -12.79 -14.47
CA ALA B 365 54.01 -14.08 -14.28
C ALA B 365 53.28 -14.56 -15.55
N GLY B 366 53.52 -13.91 -16.69
CA GLY B 366 52.90 -14.32 -17.95
C GLY B 366 51.59 -13.65 -18.38
N PHE B 367 51.11 -12.65 -17.64
CA PHE B 367 49.86 -11.94 -17.99
C PHE B 367 50.14 -10.51 -18.40
N GLU B 368 49.88 -10.16 -19.65
CA GLU B 368 50.14 -8.81 -20.13
C GLU B 368 48.91 -7.92 -19.91
N THR B 369 49.14 -6.71 -19.40
CA THR B 369 48.10 -5.74 -19.20
C THR B 369 48.17 -4.72 -20.34
N GLU B 370 47.12 -4.69 -21.15
CA GLU B 370 47.06 -3.74 -22.25
C GLU B 370 46.93 -2.32 -21.72
N ILE B 371 47.70 -1.43 -22.33
CA ILE B 371 47.68 -0.02 -22.01
C ILE B 371 47.33 0.67 -23.31
N THR B 372 46.18 1.33 -23.33
CA THR B 372 45.69 2.02 -24.50
C THR B 372 45.09 3.36 -24.11
N THR B 373 44.55 4.05 -25.11
CA THR B 373 43.91 5.34 -24.95
C THR B 373 42.42 5.17 -25.22
N THR B 374 41.62 6.07 -24.68
CA THR B 374 40.17 6.01 -24.88
C THR B 374 39.79 6.28 -26.34
N SER B 375 38.62 5.76 -26.72
CA SER B 375 38.06 6.00 -28.05
C SER B 375 36.86 6.99 -27.91
N LEU B 376 36.63 7.49 -26.70
CA LEU B 376 35.58 8.49 -26.50
C LEU B 376 36.14 9.89 -26.69
N GLU B 377 35.26 10.82 -27.03
CA GLU B 377 35.58 12.24 -27.30
C GLU B 377 35.34 13.08 -26.02
N ASP B 378 35.54 14.41 -26.10
CA ASP B 378 35.34 15.35 -24.96
C ASP B 378 33.95 15.35 -24.29
N PRO B 379 32.86 15.18 -25.07
CA PRO B 379 31.52 15.16 -24.48
C PRO B 379 31.27 14.01 -23.49
N ALA B 380 32.19 13.05 -23.42
CA ALA B 380 32.04 11.91 -22.49
C ALA B 380 31.99 12.32 -21.01
N TRP B 381 32.59 13.46 -20.63
CA TRP B 381 32.50 13.90 -19.23
C TRP B 381 31.05 14.27 -18.95
N LEU B 382 30.42 14.99 -19.87
CA LEU B 382 29.00 15.33 -19.69
C LEU B 382 28.09 14.12 -19.76
N GLN B 383 28.44 13.18 -20.65
CA GLN B 383 27.63 11.96 -20.82
C GLN B 383 27.73 11.11 -19.55
N GLY B 384 28.92 11.07 -18.97
CA GLY B 384 29.18 10.35 -17.73
C GLY B 384 28.30 10.81 -16.59
N ALA B 385 28.18 12.14 -16.48
CA ALA B 385 27.33 12.78 -15.47
C ALA B 385 25.87 12.39 -15.70
N ALA B 386 25.44 12.39 -16.96
CA ALA B 386 24.07 12.00 -17.30
C ALA B 386 23.90 10.53 -16.92
N LEU B 387 24.92 9.73 -17.18
CA LEU B 387 24.87 8.29 -16.84
C LEU B 387 24.75 8.02 -15.32
N LEU B 388 25.08 8.99 -14.46
CA LEU B 388 24.85 8.81 -13.00
C LEU B 388 23.37 8.57 -12.76
N VAL B 389 22.54 9.33 -13.46
CA VAL B 389 21.09 9.19 -13.37
C VAL B 389 20.62 7.90 -14.05
N ILE B 390 21.07 7.69 -15.29
CA ILE B 390 20.67 6.52 -16.08
C ILE B 390 21.08 5.17 -15.43
N HIS B 391 22.28 5.13 -14.87
CA HIS B 391 22.79 3.94 -14.26
C HIS B 391 21.92 3.57 -13.09
N GLN B 392 21.60 4.59 -12.30
CA GLN B 392 20.83 4.43 -11.08
C GLN B 392 19.38 4.11 -11.36
N LEU B 393 18.84 4.65 -12.45
CA LEU B 393 17.46 4.38 -12.83
C LEU B 393 17.28 2.95 -13.38
N PHE B 394 18.22 2.49 -14.21
CA PHE B 394 18.10 1.17 -14.81
C PHE B 394 18.74 0.04 -14.01
N GLN B 395 19.34 0.35 -12.88
CA GLN B 395 19.94 -0.69 -12.09
C GLN B 395 18.84 -1.52 -11.41
N VAL B 396 19.04 -2.84 -11.41
CA VAL B 396 18.11 -3.78 -10.79
C VAL B 396 18.17 -3.44 -9.30
N PRO B 397 17.06 -2.94 -8.74
CA PRO B 397 17.09 -2.52 -7.35
C PRO B 397 16.96 -3.69 -6.36
N ILE B 398 18.04 -4.43 -6.17
CA ILE B 398 18.08 -5.55 -5.19
C ILE B 398 18.48 -5.06 -3.79
N TYR B 399 19.03 -3.85 -3.71
CA TYR B 399 19.47 -3.26 -2.45
C TYR B 399 18.55 -2.09 -2.03
N GLU B 400 18.74 -1.63 -0.78
CA GLU B 400 18.00 -0.49 -0.23
C GLU B 400 18.70 0.13 1.00
N ASP D 5 -23.92 1.89 -3.07
CA ASP D 5 -23.83 1.30 -1.69
C ASP D 5 -23.60 -0.22 -1.80
N ILE D 6 -22.32 -0.63 -1.86
CA ILE D 6 -21.96 -2.06 -1.99
C ILE D 6 -21.07 -2.58 -0.84
N LEU D 7 -21.19 -3.87 -0.54
CA LEU D 7 -20.41 -4.52 0.52
C LEU D 7 -18.92 -4.60 0.15
N ARG D 8 -18.01 -4.35 1.09
CA ARG D 8 -16.59 -4.44 0.74
C ARG D 8 -16.20 -5.89 0.57
N LYS D 9 -15.07 -6.08 -0.10
CA LYS D 9 -14.52 -7.39 -0.29
C LYS D 9 -14.14 -7.97 1.05
N GLY D 10 -14.37 -9.25 1.21
CA GLY D 10 -13.96 -9.91 2.44
C GLY D 10 -12.45 -10.10 2.48
N ASN D 11 -11.78 -9.41 3.40
CA ASN D 11 -10.33 -9.55 3.55
C ASN D 11 -9.90 -9.07 4.93
N LYS D 12 -8.61 -9.15 5.22
CA LYS D 12 -8.09 -8.76 6.51
C LYS D 12 -8.34 -7.31 6.91
N ASP D 13 -8.28 -6.36 5.97
CA ASP D 13 -8.61 -4.96 6.28
C ASP D 13 -10.03 -4.85 6.75
N LEU D 14 -10.95 -5.55 6.08
CA LEU D 14 -12.35 -5.51 6.49
C LEU D 14 -12.54 -6.04 7.90
N ILE D 15 -11.95 -7.18 8.23
CA ILE D 15 -12.20 -7.73 9.56
C ILE D 15 -11.48 -6.96 10.66
N LYS D 16 -10.37 -6.33 10.31
CA LYS D 16 -9.65 -5.49 11.26
C LYS D 16 -10.57 -4.33 11.62
N ASP D 17 -11.17 -3.73 10.60
CA ASP D 17 -12.08 -2.62 10.83
C ASP D 17 -13.33 -3.05 11.61
N ILE D 18 -13.92 -4.19 11.24
CA ILE D 18 -15.10 -4.67 11.95
C ILE D 18 -14.83 -4.79 13.45
N ASN D 19 -13.72 -5.42 13.82
CA ASN D 19 -13.42 -5.62 15.24
C ASN D 19 -13.04 -4.37 16.02
N ARG D 20 -12.15 -3.53 15.47
CA ARG D 20 -11.71 -2.35 16.21
C ARG D 20 -12.83 -1.29 16.29
N TYR D 21 -13.63 -1.11 15.24
CA TYR D 21 -14.76 -0.20 15.30
C TYR D 21 -15.85 -0.70 16.25
N THR D 22 -16.03 -2.02 16.34
CA THR D 22 -17.05 -2.61 17.24
C THR D 22 -16.60 -2.41 18.70
N VAL D 23 -15.30 -2.66 18.96
CA VAL D 23 -14.78 -2.48 20.30
C VAL D 23 -14.83 -1.02 20.68
N LEU D 24 -14.36 -0.15 19.79
CA LEU D 24 -14.37 1.28 20.01
C LEU D 24 -15.76 1.75 20.37
N ASN D 25 -16.76 1.31 19.61
CA ASN D 25 -18.13 1.70 19.85
C ASN D 25 -18.68 1.21 21.18
N LEU D 26 -18.27 0.01 21.57
CA LEU D 26 -18.70 -0.52 22.85
C LEU D 26 -18.15 0.37 23.97
N ILE D 27 -16.90 0.78 23.83
CA ILE D 27 -16.26 1.63 24.84
C ILE D 27 -16.94 3.00 24.86
N ARG D 28 -17.25 3.49 23.67
CA ARG D 28 -17.87 4.80 23.50
C ARG D 28 -19.27 4.87 24.10
N GLU D 29 -20.08 3.82 23.93
CA GLU D 29 -21.45 3.86 24.46
C GLU D 29 -21.46 3.71 25.98
N LYS D 30 -20.55 2.91 26.53
CA LYS D 30 -20.43 2.72 27.97
C LYS D 30 -19.57 3.80 28.66
N GLY D 31 -18.82 4.60 27.90
CA GLY D 31 -17.94 5.61 28.47
C GLY D 31 -16.67 4.95 29.04
N GLU D 32 -16.88 3.99 29.94
CA GLU D 32 -15.81 3.21 30.56
C GLU D 32 -16.28 1.78 30.69
N ILE D 33 -15.36 0.86 30.43
CA ILE D 33 -15.62 -0.58 30.50
C ILE D 33 -14.29 -1.30 30.63
N THR D 34 -14.33 -2.52 31.17
CA THR D 34 -13.15 -3.36 31.35
C THR D 34 -12.91 -4.25 30.14
N ARG D 35 -11.68 -4.75 30.03
CA ARG D 35 -11.31 -5.63 28.92
C ARG D 35 -12.11 -6.92 28.95
N THR D 36 -12.26 -7.49 30.14
CA THR D 36 -13.01 -8.73 30.35
C THR D 36 -14.48 -8.60 29.88
N GLU D 37 -15.09 -7.47 30.20
CA GLU D 37 -16.47 -7.23 29.80
C GLU D 37 -16.58 -7.05 28.28
N ILE D 38 -15.59 -6.37 27.68
CA ILE D 38 -15.55 -6.21 26.21
C ILE D 38 -15.43 -7.59 25.58
N ALA D 39 -14.45 -8.34 26.05
CA ALA D 39 -14.16 -9.69 25.56
C ALA D 39 -15.37 -10.63 25.64
N LYS D 40 -16.11 -10.53 26.74
CA LYS D 40 -17.31 -11.33 26.96
C LYS D 40 -18.44 -10.91 26.02
N LYS D 41 -18.61 -9.60 25.86
CA LYS D 41 -19.68 -9.03 25.03
C LYS D 41 -19.38 -9.29 23.55
N CYS D 42 -18.11 -9.15 23.15
CA CYS D 42 -17.71 -9.33 21.76
C CYS D 42 -17.21 -10.71 21.36
N ASP D 43 -17.15 -11.66 22.29
CA ASP D 43 -16.69 -13.03 22.00
C ASP D 43 -15.21 -13.13 21.52
N PHE D 44 -14.33 -12.34 22.12
CA PHE D 44 -12.92 -12.38 21.83
C PHE D 44 -12.12 -13.04 22.96
N GLY D 45 -10.99 -13.62 22.59
CA GLY D 45 -10.02 -14.14 23.55
C GLY D 45 -9.26 -12.91 23.98
N MET D 46 -8.62 -12.96 25.14
CA MET D 46 -7.92 -11.79 25.67
C MET D 46 -6.76 -11.31 24.79
N SER D 47 -6.06 -12.24 24.17
CA SER D 47 -4.94 -11.83 23.32
C SER D 47 -5.45 -10.99 22.14
N THR D 48 -6.59 -11.38 21.55
CA THR D 48 -7.18 -10.64 20.42
C THR D 48 -7.52 -9.21 20.80
N LEU D 49 -8.10 -9.08 21.97
CA LEU D 49 -8.48 -7.76 22.45
C LEU D 49 -7.23 -6.96 22.77
N THR D 50 -6.21 -7.61 23.29
CA THR D 50 -4.98 -6.93 23.63
C THR D 50 -4.44 -6.14 22.46
N TYR D 51 -4.42 -6.76 21.29
CA TYR D 51 -3.87 -6.11 20.10
C TYR D 51 -4.75 -4.99 19.57
N ILE D 52 -6.05 -5.22 19.55
CA ILE D 52 -7.03 -4.21 19.16
C ILE D 52 -6.93 -2.98 20.08
N LEU D 53 -6.84 -3.20 21.38
CA LEU D 53 -6.75 -2.08 22.30
C LEU D 53 -5.43 -1.35 22.14
N ASP D 54 -4.33 -2.08 21.88
CA ASP D 54 -3.03 -1.41 21.67
C ASP D 54 -3.12 -0.39 20.54
N ASP D 55 -3.69 -0.79 19.40
CA ASP D 55 -3.86 0.11 18.25
C ASP D 55 -4.67 1.37 18.61
N LEU D 56 -5.76 1.15 19.34
CA LEU D 56 -6.64 2.24 19.73
C LEU D 56 -5.93 3.23 20.67
N GLN D 57 -5.21 2.70 21.67
CA GLN D 57 -4.44 3.54 22.62
C GLN D 57 -3.31 4.30 21.93
N GLN D 58 -2.70 3.66 20.94
CA GLN D 58 -1.59 4.26 20.21
C GLN D 58 -2.14 5.41 19.36
N GLU D 59 -3.36 5.25 18.85
CA GLU D 59 -4.03 6.34 18.13
C GLU D 59 -4.40 7.47 19.08
N GLY D 60 -4.61 7.13 20.35
CA GLY D 60 -4.99 8.09 21.38
C GLY D 60 -6.50 8.25 21.56
N ILE D 61 -7.29 7.39 20.93
CA ILE D 61 -8.76 7.46 21.01
C ILE D 61 -9.36 6.74 22.25
N ILE D 62 -8.58 5.90 22.92
CA ILE D 62 -9.01 5.32 24.22
C ILE D 62 -7.91 5.58 25.22
N LEU D 63 -8.24 5.65 26.49
CA LEU D 63 -7.28 5.92 27.56
C LEU D 63 -7.45 4.93 28.67
N GLU D 64 -6.38 4.74 29.46
CA GLU D 64 -6.45 3.88 30.63
C GLU D 64 -7.28 4.56 31.71
N GLY D 65 -8.23 3.82 32.27
CA GLY D 65 -9.08 4.32 33.37
C GLY D 65 -8.58 3.80 34.70
N ALA D 66 -9.40 3.97 35.74
CA ALA D 66 -9.07 3.49 37.09
C ALA D 66 -9.45 2.02 37.25
N GLU D 67 -8.99 1.43 38.35
CA GLU D 67 -9.27 0.02 38.65
C GLU D 67 -10.69 -0.14 39.20
N THR D 68 -11.23 -1.36 39.12
CA THR D 68 -12.58 -1.65 39.64
C THR D 68 -12.51 -2.63 40.79
N SER D 69 -13.67 -2.82 41.40
CA SER D 69 -13.81 -3.74 42.52
C SER D 69 -13.50 -5.19 42.11
N SER D 70 -12.76 -5.89 42.97
CA SER D 70 -12.37 -7.29 42.74
C SER D 70 -13.58 -8.24 42.74
N THR D 71 -13.52 -9.25 41.87
CA THR D 71 -14.55 -10.26 41.75
C THR D 71 -13.98 -11.67 41.98
N GLY D 72 -12.76 -11.74 42.53
CA GLY D 72 -12.11 -13.04 42.74
C GLY D 72 -10.77 -12.98 43.46
N GLY D 73 -9.69 -12.50 42.84
CA GLY D 73 -9.64 -11.98 41.47
C GLY D 73 -8.89 -10.66 41.41
N ARG D 74 -7.90 -10.58 40.52
CA ARG D 74 -7.12 -9.34 40.31
C ARG D 74 -8.07 -8.23 39.91
N ARG D 75 -7.73 -6.98 40.24
CA ARG D 75 -8.60 -5.84 39.91
C ARG D 75 -8.44 -5.36 38.45
N ALA D 76 -9.51 -5.51 37.67
CA ALA D 76 -9.55 -5.12 36.27
C ALA D 76 -9.49 -3.59 36.07
N LYS D 77 -8.75 -3.15 35.05
CA LYS D 77 -8.58 -1.72 34.74
C LYS D 77 -9.56 -1.29 33.66
N LEU D 78 -10.30 -0.21 33.93
CA LEU D 78 -11.24 0.34 32.96
C LEU D 78 -10.53 0.95 31.74
N VAL D 79 -11.20 0.84 30.59
CA VAL D 79 -10.75 1.41 29.34
C VAL D 79 -11.75 2.54 29.08
N ARG D 80 -11.22 3.73 28.86
CA ARG D 80 -12.02 4.94 28.71
C ARG D 80 -11.98 5.52 27.29
N PHE D 81 -13.13 5.99 26.80
CA PHE D 81 -13.20 6.67 25.50
C PHE D 81 -12.63 8.09 25.62
N ASN D 82 -11.69 8.45 24.75
CA ASN D 82 -11.15 9.81 24.76
C ASN D 82 -12.10 10.73 23.98
N LYS D 83 -13.07 11.31 24.68
CA LYS D 83 -14.06 12.17 24.02
C LYS D 83 -13.41 13.42 23.41
N ASP D 84 -12.17 13.72 23.81
CA ASP D 84 -11.44 14.90 23.26
C ASP D 84 -10.34 14.50 22.28
N TYR D 85 -10.43 13.28 21.75
CA TYR D 85 -9.49 12.81 20.73
C TYR D 85 -9.41 13.87 19.62
N GLY D 86 -10.56 14.46 19.32
CA GLY D 86 -10.67 15.51 18.32
C GLY D 86 -11.96 16.23 18.62
N PHE D 87 -12.35 17.16 17.75
CA PHE D 87 -13.60 17.92 17.96
C PHE D 87 -14.32 18.15 16.64
N VAL D 88 -15.56 18.60 16.72
CA VAL D 88 -16.38 18.80 15.55
C VAL D 88 -17.01 20.19 15.58
N VAL D 89 -17.21 20.77 14.40
CA VAL D 89 -17.89 22.03 14.29
C VAL D 89 -19.16 21.78 13.54
N SER D 90 -20.29 22.24 14.09
CA SER D 90 -21.56 22.10 13.44
C SER D 90 -22.09 23.48 13.11
N VAL D 91 -22.99 23.50 12.12
CA VAL D 91 -23.57 24.73 11.63
C VAL D 91 -25.05 24.55 11.35
N LYS D 92 -25.86 25.58 11.65
CA LYS D 92 -27.29 25.56 11.33
C LYS D 92 -27.57 26.87 10.55
N VAL D 93 -28.01 26.72 9.32
CA VAL D 93 -28.27 27.85 8.45
C VAL D 93 -29.74 28.19 8.49
N GLU D 94 -30.06 29.42 8.88
CA GLU D 94 -31.44 29.91 8.95
C GLU D 94 -31.55 31.15 8.08
N GLU D 95 -32.77 31.64 7.87
CA GLU D 95 -32.99 32.80 6.99
C GLU D 95 -32.22 34.04 7.43
N GLU D 96 -32.31 34.33 8.74
CA GLU D 96 -31.73 35.54 9.30
C GLU D 96 -30.57 35.34 10.24
N GLN D 97 -30.07 34.12 10.38
CA GLN D 97 -28.92 33.89 11.24
C GLN D 97 -28.21 32.57 10.93
N LEU D 98 -26.96 32.51 11.34
CA LEU D 98 -26.14 31.34 11.19
C LEU D 98 -25.73 30.99 12.60
N LEU D 99 -25.95 29.74 12.97
CA LEU D 99 -25.64 29.24 14.30
C LEU D 99 -24.41 28.35 14.21
N PHE D 100 -23.56 28.39 15.22
CA PHE D 100 -22.34 27.57 15.24
C PHE D 100 -22.15 26.90 16.58
N ALA D 101 -21.51 25.74 16.55
CA ALA D 101 -21.23 24.98 17.76
C ALA D 101 -19.97 24.17 17.54
N LEU D 102 -19.24 23.99 18.61
CA LEU D 102 -18.05 23.19 18.62
C LEU D 102 -18.35 22.16 19.69
N THR D 103 -18.25 20.89 19.31
CA THR D 103 -18.56 19.79 20.21
C THR D 103 -17.46 18.76 20.37
N ASP D 104 -17.53 18.03 21.48
CA ASP D 104 -16.61 16.93 21.73
C ASP D 104 -17.16 15.74 20.93
N LEU D 105 -16.58 14.55 21.09
CA LEU D 105 -17.02 13.39 20.29
C LEU D 105 -18.25 12.67 20.82
N ASN D 106 -18.79 13.15 21.95
CA ASN D 106 -20.07 12.68 22.47
C ASN D 106 -21.17 13.68 22.05
N ALA D 107 -20.83 14.61 21.15
CA ALA D 107 -21.75 15.65 20.67
C ALA D 107 -22.17 16.66 21.75
N GLU D 108 -21.40 16.74 22.84
CA GLU D 108 -21.64 17.75 23.88
C GLU D 108 -21.04 19.10 23.41
N ILE D 109 -21.82 20.17 23.59
CA ILE D 109 -21.43 21.49 23.17
C ILE D 109 -20.43 22.07 24.14
N ILE D 110 -19.28 22.47 23.60
CA ILE D 110 -18.23 23.12 24.38
C ILE D 110 -18.41 24.65 24.20
N GLU D 111 -18.66 25.05 22.96
CA GLU D 111 -18.89 26.44 22.60
C GLU D 111 -19.97 26.56 21.55
N ASN D 112 -20.63 27.70 21.52
CA ASN D 112 -21.63 27.96 20.53
C ASN D 112 -21.83 29.46 20.41
N THR D 113 -22.21 29.91 19.23
CA THR D 113 -22.43 31.29 18.98
C THR D 113 -23.36 31.35 17.79
N SER D 114 -23.94 32.51 17.59
CA SER D 114 -24.81 32.76 16.48
C SER D 114 -24.49 34.15 15.95
N ILE D 115 -24.81 34.39 14.68
CA ILE D 115 -24.61 35.72 14.08
C ILE D 115 -25.79 36.13 13.21
N PRO D 116 -26.10 37.44 13.19
CA PRO D 116 -27.15 37.93 12.31
C PRO D 116 -26.58 38.07 10.91
N PHE D 117 -27.30 37.55 9.94
CA PHE D 117 -26.90 37.64 8.55
C PHE D 117 -28.03 37.09 7.76
N SER D 118 -28.37 37.73 6.65
CA SER D 118 -29.44 37.21 5.81
C SER D 118 -28.83 36.34 4.72
N SER D 119 -29.04 35.04 4.79
CA SER D 119 -28.54 34.13 3.78
C SER D 119 -29.46 34.06 2.56
N GLU D 120 -30.64 34.71 2.64
CA GLU D 120 -31.64 34.69 1.55
C GLU D 120 -31.05 35.15 0.23
N LYS D 121 -31.02 34.22 -0.71
CA LYS D 121 -30.43 34.40 -2.04
C LYS D 121 -28.94 34.86 -2.05
N LYS D 122 -28.24 34.60 -0.94
CA LYS D 122 -26.82 34.96 -0.81
C LYS D 122 -25.95 33.77 -0.40
N PRO D 123 -25.96 32.68 -1.21
CA PRO D 123 -25.19 31.47 -0.89
C PRO D 123 -23.68 31.65 -0.80
N GLU D 124 -23.06 32.38 -1.75
CA GLU D 124 -21.60 32.59 -1.68
C GLU D 124 -21.22 33.39 -0.46
N GLU D 125 -22.02 34.36 -0.08
CA GLU D 125 -21.68 35.20 1.06
C GLU D 125 -21.78 34.38 2.33
N ALA D 126 -22.91 33.67 2.47
CA ALA D 126 -23.17 32.82 3.65
C ALA D 126 -22.09 31.77 3.84
N ILE D 127 -21.75 31.09 2.75
CA ILE D 127 -20.73 30.05 2.76
C ILE D 127 -19.34 30.56 3.09
N GLU D 128 -19.00 31.74 2.61
CA GLU D 128 -17.71 32.35 2.95
C GLU D 128 -17.69 32.70 4.45
N LEU D 129 -18.82 33.21 4.93
CA LEU D 129 -18.95 33.59 6.32
C LEU D 129 -18.91 32.32 7.22
N ILE D 130 -19.55 31.24 6.77
CA ILE D 130 -19.50 29.96 7.48
C ILE D 130 -18.06 29.43 7.59
N ALA D 131 -17.29 29.52 6.50
CA ALA D 131 -15.90 29.04 6.53
C ALA D 131 -15.08 29.81 7.54
N LYS D 132 -15.20 31.15 7.54
CA LYS D 132 -14.47 31.96 8.53
C LYS D 132 -14.92 31.59 9.93
N ASN D 133 -16.20 31.33 10.13
CA ASN D 133 -16.64 30.97 11.49
C ASN D 133 -16.18 29.61 11.96
N VAL D 134 -16.01 28.68 11.04
CA VAL D 134 -15.50 27.36 11.39
C VAL D 134 -14.07 27.55 11.87
N LYS D 135 -13.27 28.31 11.14
CA LYS D 135 -11.90 28.64 11.53
C LYS D 135 -11.90 29.28 12.94
N LYS D 136 -12.77 30.28 13.17
CA LYS D 136 -12.85 30.94 14.49
C LYS D 136 -13.35 30.05 15.64
N MET D 137 -14.29 29.16 15.37
CA MET D 137 -14.74 28.24 16.42
C MET D 137 -13.60 27.34 16.90
N CYS D 138 -12.63 27.06 16.04
CA CYS D 138 -11.48 26.27 16.45
C CYS D 138 -10.61 27.03 17.47
N GLY D 139 -10.65 28.36 17.39
CA GLY D 139 -9.93 29.22 18.33
C GLY D 139 -8.46 28.87 18.38
N ASN D 140 -7.96 28.65 19.60
CA ASN D 140 -6.54 28.28 19.84
C ASN D 140 -6.21 26.78 19.66
N ARG D 141 -7.21 25.94 19.41
CA ARG D 141 -7.00 24.51 19.25
C ARG D 141 -6.29 24.16 17.95
N ASP D 142 -5.78 22.93 17.88
CA ASP D 142 -5.05 22.43 16.71
C ASP D 142 -6.05 22.09 15.60
N MET D 143 -5.87 22.69 14.42
CA MET D 143 -6.76 22.43 13.29
C MET D 143 -6.73 20.96 12.87
N ASN D 144 -5.62 20.28 13.12
CA ASN D 144 -5.51 18.84 12.82
C ASN D 144 -6.43 17.99 13.71
N HIS D 145 -7.01 18.59 14.74
CA HIS D 145 -7.96 17.86 15.60
C HIS D 145 -9.44 18.12 15.23
N LEU D 146 -9.65 18.88 14.14
CA LEU D 146 -10.98 19.13 13.61
C LEU D 146 -11.34 17.92 12.76
N LEU D 147 -12.25 17.10 13.24
CA LEU D 147 -12.63 15.90 12.52
C LEU D 147 -13.63 16.12 11.40
N GLY D 148 -14.35 17.23 11.42
CA GLY D 148 -15.32 17.46 10.36
C GLY D 148 -16.25 18.60 10.64
N VAL D 149 -17.15 18.85 9.69
CA VAL D 149 -18.13 19.90 9.81
C VAL D 149 -19.45 19.34 9.36
N GLY D 150 -20.47 19.54 10.18
CA GLY D 150 -21.81 19.07 9.91
C GLY D 150 -22.75 20.23 9.81
N ILE D 151 -23.63 20.21 8.81
CA ILE D 151 -24.50 21.33 8.58
C ILE D 151 -25.99 20.94 8.43
N ALA D 152 -26.83 21.58 9.25
CA ALA D 152 -28.26 21.40 9.21
C ALA D 152 -28.83 22.54 8.39
N ILE D 153 -29.70 22.21 7.44
CA ILE D 153 -30.28 23.25 6.59
C ILE D 153 -31.73 22.91 6.29
N SER D 154 -32.53 23.93 6.00
CA SER D 154 -33.90 23.70 5.64
C SER D 154 -33.93 23.70 4.15
N GLY D 155 -34.28 22.55 3.56
CA GLY D 155 -34.35 22.41 2.14
C GLY D 155 -34.23 20.97 1.63
N LEU D 156 -33.93 20.86 0.35
CA LEU D 156 -33.78 19.61 -0.39
C LEU D 156 -32.27 19.41 -0.63
N VAL D 157 -31.74 18.29 -0.15
CA VAL D 157 -30.31 18.03 -0.19
C VAL D 157 -29.89 16.75 -0.93
N ASN D 158 -28.82 16.85 -1.73
CA ASN D 158 -28.21 15.67 -2.36
C ASN D 158 -27.07 15.32 -1.42
N ARG D 159 -27.30 14.33 -0.58
CA ARG D 159 -26.32 13.91 0.42
C ARG D 159 -25.04 13.35 -0.18
N LYS D 160 -25.14 12.67 -1.32
CA LYS D 160 -23.96 12.16 -2.00
C LYS D 160 -23.00 13.31 -2.38
N LYS D 161 -23.50 14.22 -3.21
CA LYS D 161 -22.70 15.35 -3.69
C LYS D 161 -22.54 16.49 -2.68
N GLY D 162 -23.28 16.44 -1.57
CA GLY D 162 -23.21 17.51 -0.56
C GLY D 162 -23.75 18.84 -1.07
N THR D 163 -24.71 18.79 -2.00
CA THR D 163 -25.28 20.00 -2.58
C THR D 163 -26.69 20.25 -2.10
N VAL D 164 -27.02 21.53 -1.98
CA VAL D 164 -28.37 21.92 -1.63
C VAL D 164 -29.01 22.11 -2.99
N ILE D 165 -29.90 21.21 -3.36
CA ILE D 165 -30.59 21.28 -4.64
C ILE D 165 -31.54 22.46 -4.61
N ARG D 166 -32.22 22.64 -3.49
CA ARG D 166 -33.16 23.73 -3.36
C ARG D 166 -33.53 23.99 -1.95
N SER D 167 -33.59 25.25 -1.57
CA SER D 167 -34.10 25.63 -0.28
C SER D 167 -34.99 26.81 -0.56
N THR D 168 -36.31 26.60 -0.66
CA THR D 168 -37.21 27.72 -0.92
C THR D 168 -37.18 28.75 0.22
N MET D 169 -36.88 28.29 1.43
CA MET D 169 -36.84 29.18 2.57
C MET D 169 -35.68 30.19 2.45
N LEU D 170 -34.56 29.76 1.86
CA LEU D 170 -33.38 30.58 1.67
C LEU D 170 -33.25 31.14 0.24
N GLY D 171 -34.08 30.66 -0.69
CA GLY D 171 -33.99 31.07 -2.10
C GLY D 171 -32.68 30.62 -2.74
N TRP D 172 -32.24 29.41 -2.36
CA TRP D 172 -30.99 28.79 -2.87
C TRP D 172 -31.34 27.70 -3.87
N GLU D 173 -30.53 27.56 -4.91
CA GLU D 173 -30.78 26.58 -5.96
C GLU D 173 -29.46 25.98 -6.47
N ASN D 174 -29.33 24.66 -6.40
CA ASN D 174 -28.12 23.98 -6.88
C ASN D 174 -26.81 24.62 -6.35
N VAL D 175 -26.67 24.67 -5.04
CA VAL D 175 -25.48 25.22 -4.38
C VAL D 175 -24.56 24.08 -3.96
N ALA D 176 -23.32 24.10 -4.44
CA ALA D 176 -22.34 23.04 -4.13
C ALA D 176 -21.70 23.32 -2.77
N LEU D 177 -22.52 23.29 -1.73
CA LEU D 177 -22.10 23.62 -0.37
C LEU D 177 -20.84 22.91 0.11
N GLU D 178 -20.86 21.59 0.06
CA GLU D 178 -19.73 20.77 0.50
C GLU D 178 -18.48 21.07 -0.30
N ALA D 179 -18.62 21.22 -1.60
CA ALA D 179 -17.48 21.52 -2.47
C ALA D 179 -16.87 22.89 -2.19
N MET D 180 -17.72 23.89 -1.95
CA MET D 180 -17.23 25.24 -1.67
C MET D 180 -16.50 25.30 -0.34
N LEU D 181 -16.99 24.54 0.63
CA LEU D 181 -16.34 24.47 1.94
C LEU D 181 -15.06 23.64 1.84
N HIS D 182 -15.02 22.68 0.90
CA HIS D 182 -13.78 21.89 0.69
C HIS D 182 -12.65 22.73 0.10
N ALA D 183 -12.99 23.85 -0.52
CA ALA D 183 -11.99 24.78 -1.05
C ALA D 183 -11.23 25.45 0.11
N HIS D 184 -11.87 25.55 1.28
CA HIS D 184 -11.23 26.12 2.48
C HIS D 184 -10.64 25.04 3.38
N PHE D 185 -11.36 23.91 3.48
CA PHE D 185 -10.95 22.79 4.32
C PHE D 185 -10.91 21.52 3.46
N PRO D 186 -9.83 21.34 2.68
CA PRO D 186 -9.76 20.19 1.78
C PRO D 186 -9.62 18.82 2.43
N ASP D 187 -8.94 18.78 3.59
CA ASP D 187 -8.64 17.53 4.26
C ASP D 187 -9.63 17.00 5.29
N ILE D 188 -10.84 17.56 5.35
CA ILE D 188 -11.81 17.05 6.32
C ILE D 188 -13.23 16.89 5.76
N PRO D 189 -13.94 15.86 6.21
CA PRO D 189 -15.30 15.66 5.74
C PRO D 189 -16.23 16.79 6.16
N VAL D 190 -17.16 17.10 5.28
CA VAL D 190 -18.14 18.13 5.49
C VAL D 190 -19.46 17.54 5.02
N TYR D 191 -20.42 17.38 5.92
CA TYR D 191 -21.72 16.78 5.58
C TYR D 191 -22.87 17.74 5.79
N VAL D 192 -23.88 17.58 4.96
CA VAL D 192 -25.07 18.40 4.97
C VAL D 192 -26.32 17.57 4.96
N ASP D 193 -27.31 17.93 5.77
CA ASP D 193 -28.59 17.22 5.73
C ASP D 193 -29.70 18.14 6.21
N LYS D 194 -30.94 17.75 5.96
CA LYS D 194 -32.11 18.52 6.44
C LYS D 194 -32.12 18.67 7.95
N ASN D 195 -32.71 19.75 8.42
CA ASN D 195 -32.90 19.99 9.85
C ASN D 195 -33.52 18.80 10.57
N ILE D 196 -34.60 18.28 10.03
CA ILE D 196 -35.29 17.15 10.72
C ILE D 196 -34.39 15.90 10.86
N ASN D 197 -33.57 15.62 9.87
CA ASN D 197 -32.69 14.47 9.95
C ASN D 197 -31.60 14.70 10.98
N CYS D 198 -31.12 15.93 11.07
CA CYS D 198 -30.12 16.26 12.09
C CYS D 198 -30.71 16.04 13.51
N TYR D 199 -31.92 16.55 13.74
CA TYR D 199 -32.57 16.41 15.05
C TYR D 199 -32.77 14.92 15.40
N THR D 200 -33.21 14.14 14.41
CA THR D 200 -33.43 12.71 14.61
C THR D 200 -32.13 11.98 14.99
N LEU D 201 -31.04 12.42 14.38
CA LEU D 201 -29.74 11.85 14.67
C LEU D 201 -29.45 12.12 16.14
N ALA D 202 -29.74 13.35 16.60
CA ALA D 202 -29.54 13.71 18.01
C ALA D 202 -30.47 12.88 18.90
N GLU D 203 -31.65 12.60 18.39
CA GLU D 203 -32.59 11.81 19.14
C GLU D 203 -32.04 10.36 19.24
N LEU D 204 -31.55 9.85 18.13
CA LEU D 204 -30.99 8.50 18.07
C LEU D 204 -29.81 8.27 19.03
N TRP D 205 -28.93 9.27 19.14
CA TRP D 205 -27.74 9.19 19.97
C TRP D 205 -27.88 9.70 21.37
N LEU D 206 -28.68 10.76 21.57
CA LEU D 206 -28.78 11.44 22.88
C LEU D 206 -30.13 11.40 23.58
N GLY D 207 -31.18 10.99 22.87
CA GLY D 207 -32.51 10.97 23.47
C GLY D 207 -33.18 9.60 23.43
N GLU D 208 -34.34 9.56 22.78
CA GLU D 208 -35.14 8.36 22.65
C GLU D 208 -34.34 7.13 22.17
N GLY D 209 -33.31 7.38 21.36
CA GLY D 209 -32.49 6.31 20.84
C GLY D 209 -31.68 5.58 21.89
N LYS D 210 -31.53 6.19 23.05
CA LYS D 210 -30.82 5.51 24.14
C LYS D 210 -31.65 4.35 24.73
N GLN D 211 -32.97 4.37 24.50
CA GLN D 211 -33.85 3.35 25.07
C GLN D 211 -34.75 2.62 24.07
N SER D 212 -34.78 3.04 22.82
CA SER D 212 -35.58 2.36 21.82
C SER D 212 -34.92 2.45 20.44
N ASN D 213 -35.24 1.49 19.58
CA ASN D 213 -34.65 1.39 18.26
C ASN D 213 -35.56 1.79 17.14
N ASN D 214 -36.82 2.10 17.47
CA ASN D 214 -37.76 2.52 16.45
C ASN D 214 -38.55 3.71 16.93
N PHE D 215 -38.66 4.72 16.08
CA PHE D 215 -39.45 5.91 16.40
C PHE D 215 -39.51 6.86 15.21
N ALA D 216 -40.61 7.60 15.15
CA ALA D 216 -40.79 8.63 14.14
C ALA D 216 -40.62 9.96 14.86
N THR D 217 -39.93 10.90 14.23
CA THR D 217 -39.68 12.22 14.78
C THR D 217 -40.43 13.20 13.91
N VAL D 218 -41.32 13.97 14.54
CA VAL D 218 -42.19 14.92 13.86
C VAL D 218 -41.96 16.32 14.44
N SER D 219 -41.40 17.22 13.62
CA SER D 219 -41.18 18.60 14.04
C SER D 219 -42.37 19.48 13.67
N VAL D 220 -42.93 20.14 14.67
CA VAL D 220 -44.06 21.04 14.49
C VAL D 220 -43.56 22.42 14.84
N GLY D 221 -43.95 23.40 14.04
CA GLY D 221 -43.55 24.80 14.23
C GLY D 221 -43.80 25.60 12.97
N ALA D 222 -42.74 26.22 12.44
CA ALA D 222 -42.83 27.00 11.19
C ALA D 222 -43.08 26.07 9.99
N GLY D 223 -42.93 24.77 10.17
CA GLY D 223 -43.20 23.80 9.11
C GLY D 223 -43.53 22.46 9.73
N LEU D 224 -43.54 21.41 8.93
CA LEU D 224 -43.78 20.04 9.45
C LEU D 224 -42.69 19.16 8.89
N GLY D 225 -41.91 18.52 9.75
CA GLY D 225 -40.83 17.66 9.27
C GLY D 225 -41.03 16.26 9.82
N LEU D 226 -40.70 15.25 9.01
CA LEU D 226 -40.77 13.85 9.41
C LEU D 226 -39.48 13.12 9.11
N SER D 227 -39.07 12.29 10.07
CA SER D 227 -37.94 11.38 9.87
C SER D 227 -38.32 10.09 10.61
N VAL D 228 -38.09 8.93 10.00
CA VAL D 228 -38.45 7.68 10.62
C VAL D 228 -37.20 6.86 10.87
N VAL D 229 -37.09 6.33 12.08
CA VAL D 229 -35.98 5.49 12.45
C VAL D 229 -36.52 4.06 12.67
N ILE D 230 -36.01 3.11 11.89
CA ILE D 230 -36.36 1.70 12.06
C ILE D 230 -35.06 0.94 12.27
N ASN D 231 -35.02 0.18 13.33
CA ASN D 231 -33.86 -0.58 13.71
C ASN D 231 -32.56 0.27 13.72
N ARG D 232 -32.65 1.46 14.35
CA ARG D 232 -31.55 2.45 14.51
C ARG D 232 -31.04 3.10 13.19
N GLN D 233 -31.84 3.00 12.16
CA GLN D 233 -31.52 3.54 10.86
C GLN D 233 -32.58 4.52 10.38
N ILE D 234 -32.13 5.70 9.95
CA ILE D 234 -33.03 6.72 9.43
C ILE D 234 -33.45 6.33 8.01
N TYR D 235 -34.75 6.40 7.74
CA TYR D 235 -35.21 6.06 6.41
C TYR D 235 -34.94 7.20 5.41
N TYR D 236 -34.40 6.84 4.24
CA TYR D 236 -34.19 7.72 3.10
C TYR D 236 -34.64 6.93 1.90
N GLY D 237 -35.20 7.60 0.91
CA GLY D 237 -35.60 6.90 -0.31
C GLY D 237 -34.47 6.73 -1.33
N ALA D 238 -34.86 6.74 -2.59
CA ALA D 238 -33.97 6.51 -3.72
C ALA D 238 -32.77 7.44 -3.77
N GLN D 239 -31.58 6.85 -3.92
CA GLN D 239 -30.28 7.56 -4.01
C GLN D 239 -29.94 8.28 -2.73
N GLY D 240 -30.61 7.96 -1.62
CA GLY D 240 -30.35 8.65 -0.36
C GLY D 240 -31.18 9.92 -0.22
N GLY D 241 -32.10 10.16 -1.16
CA GLY D 241 -32.98 11.33 -1.13
C GLY D 241 -34.09 11.15 -0.09
N ALA D 242 -34.22 12.13 0.80
CA ALA D 242 -35.22 12.06 1.85
C ALA D 242 -36.65 12.05 1.36
N GLY D 243 -37.50 11.35 2.12
CA GLY D 243 -38.95 11.35 1.87
C GLY D 243 -39.47 12.72 2.31
N GLU D 244 -40.67 13.08 1.89
CA GLU D 244 -41.22 14.39 2.20
C GLU D 244 -42.67 14.32 2.62
N PHE D 245 -42.92 13.67 3.76
CA PHE D 245 -44.29 13.49 4.25
C PHE D 245 -45.05 14.81 4.47
N GLY D 246 -44.29 15.86 4.76
CA GLY D 246 -44.86 17.19 4.96
C GLY D 246 -45.53 17.69 3.68
N HIS D 247 -45.04 17.20 2.54
CA HIS D 247 -45.59 17.58 1.23
C HIS D 247 -46.53 16.52 0.63
N THR D 248 -47.25 15.80 1.50
CA THR D 248 -48.27 14.85 1.03
C THR D 248 -49.53 15.70 0.87
N THR D 249 -50.34 15.36 -0.09
CA THR D 249 -51.56 16.11 -0.33
C THR D 249 -52.65 15.68 0.63
N ILE D 250 -53.11 16.57 1.50
CA ILE D 250 -54.27 16.21 2.35
C ILE D 250 -55.55 16.86 1.84
N GLN D 251 -55.40 17.93 1.06
CA GLN D 251 -56.55 18.60 0.48
C GLN D 251 -56.33 18.92 -1.01
N PRO D 252 -56.85 18.08 -1.90
CA PRO D 252 -56.76 18.37 -3.35
C PRO D 252 -57.28 19.78 -3.65
N GLY D 253 -56.53 20.54 -4.46
CA GLY D 253 -56.91 21.92 -4.82
C GLY D 253 -56.82 22.92 -3.67
N GLY D 254 -56.13 22.54 -2.60
CA GLY D 254 -55.98 23.38 -1.41
C GLY D 254 -54.87 24.40 -1.51
N TYR D 255 -54.45 24.93 -0.37
CA TYR D 255 -53.47 26.01 -0.37
C TYR D 255 -52.20 25.72 -1.13
N LYS D 256 -51.79 26.69 -1.90
CA LYS D 256 -50.57 26.63 -2.67
C LYS D 256 -49.40 26.55 -1.67
N CYS D 257 -48.52 25.56 -1.86
CA CYS D 257 -47.37 25.41 -1.00
C CYS D 257 -46.10 25.89 -1.72
N HIS D 258 -45.09 26.24 -0.93
CA HIS D 258 -43.81 26.66 -1.49
C HIS D 258 -43.13 25.53 -2.33
N CYS D 259 -43.63 24.30 -2.23
CA CYS D 259 -43.04 23.24 -3.03
C CYS D 259 -43.60 23.19 -4.47
N GLY D 260 -44.62 23.99 -4.78
CA GLY D 260 -45.22 24.00 -6.12
C GLY D 260 -46.54 23.23 -6.22
N GLN D 261 -46.75 22.29 -5.30
CA GLN D 261 -47.98 21.50 -5.24
C GLN D 261 -49.07 22.34 -4.55
N LYS D 262 -50.26 21.78 -4.46
CA LYS D 262 -51.38 22.40 -3.76
C LYS D 262 -51.93 21.43 -2.73
N GLY D 263 -52.25 21.93 -1.53
CA GLY D 263 -52.88 21.11 -0.50
C GLY D 263 -51.98 20.26 0.39
N CYS D 264 -50.69 20.56 0.39
CA CYS D 264 -49.75 19.83 1.23
C CYS D 264 -50.09 19.87 2.71
N LEU D 265 -49.77 18.79 3.42
CA LEU D 265 -50.00 18.68 4.88
C LEU D 265 -49.38 19.84 5.66
N GLU D 266 -48.22 20.29 5.20
CA GLU D 266 -47.49 21.41 5.83
C GLU D 266 -48.27 22.73 5.81
N MET D 267 -49.12 22.91 4.80
CA MET D 267 -49.95 24.10 4.71
C MET D 267 -51.14 24.06 5.69
N TYR D 268 -51.37 22.91 6.35
CA TYR D 268 -52.50 22.72 7.28
C TYR D 268 -52.10 22.32 8.70
N ALA D 269 -50.95 21.66 8.83
CA ALA D 269 -50.50 21.17 10.15
C ALA D 269 -49.29 21.88 10.70
N SER D 270 -49.11 23.16 10.34
CA SER D 270 -48.00 23.98 10.85
C SER D 270 -48.41 25.45 10.85
N GLU D 271 -47.44 26.30 11.19
CA GLU D 271 -47.62 27.75 11.24
C GLU D 271 -48.16 28.27 9.92
N PHE D 272 -47.74 27.65 8.82
CA PHE D 272 -48.21 28.06 7.48
C PHE D 272 -49.74 28.13 7.41
N TYR D 273 -50.42 27.27 8.15
CA TYR D 273 -51.89 27.28 8.18
C TYR D 273 -52.47 28.58 8.69
N PHE D 274 -51.84 29.17 9.70
CA PHE D 274 -52.33 30.42 10.28
C PHE D 274 -52.32 31.56 9.27
N ARG D 275 -51.31 31.60 8.39
CA ARG D 275 -51.22 32.65 7.40
C ARG D 275 -52.21 32.37 6.25
N ASN D 276 -52.28 31.12 5.81
CA ASN D 276 -53.20 30.72 4.73
C ASN D 276 -54.66 30.90 5.09
N ARG D 277 -55.03 30.37 6.25
CA ARG D 277 -56.41 30.43 6.72
C ARG D 277 -56.72 31.80 7.31
N GLY D 278 -55.74 32.38 8.01
CA GLY D 278 -55.91 33.72 8.59
C GLY D 278 -56.46 34.73 7.60
N GLU D 279 -55.87 34.78 6.40
CA GLU D 279 -56.31 35.70 5.33
C GLU D 279 -57.81 35.53 5.03
N GLU D 280 -58.26 34.27 5.02
CA GLU D 280 -59.67 33.93 4.75
C GLU D 280 -60.61 34.24 5.93
N LEU D 281 -60.10 34.17 7.15
CA LEU D 281 -60.91 34.41 8.36
C LEU D 281 -61.02 35.85 8.83
N LYS D 282 -60.14 36.74 8.36
CA LYS D 282 -60.15 38.14 8.84
C LYS D 282 -61.51 38.85 8.87
N GLU D 283 -62.25 38.83 7.76
CA GLU D 283 -63.57 39.49 7.76
C GLU D 283 -64.68 38.74 8.50
N ALA D 284 -64.54 37.42 8.69
CA ALA D 284 -65.54 36.63 9.44
C ALA D 284 -65.49 36.92 10.96
N TYR D 285 -64.33 37.39 11.45
CA TYR D 285 -64.14 37.72 12.86
C TYR D 285 -63.50 39.13 12.93
N PRO D 286 -64.27 40.18 12.60
CA PRO D 286 -63.69 41.53 12.59
C PRO D 286 -63.20 42.02 13.95
N THR D 287 -63.90 41.65 15.02
CA THR D 287 -63.54 42.08 16.37
C THR D 287 -62.30 41.35 16.94
N SER D 288 -61.84 40.30 16.27
CA SER D 288 -60.67 39.52 16.75
C SER D 288 -59.46 40.39 17.09
N GLU D 289 -58.72 39.95 18.10
CA GLU D 289 -57.53 40.68 18.58
C GLU D 289 -56.20 40.26 17.88
N LEU D 290 -56.25 39.27 16.97
CA LEU D 290 -55.03 38.82 16.28
C LEU D 290 -54.41 39.84 15.34
N ASN D 291 -53.21 40.29 15.68
CA ASN D 291 -52.44 41.26 14.89
C ASN D 291 -51.41 40.57 13.99
N ASP D 292 -50.94 39.41 14.44
CA ASP D 292 -49.90 38.68 13.75
C ASP D 292 -50.31 37.21 13.56
N PHE D 293 -49.74 36.55 12.54
CA PHE D 293 -50.03 35.12 12.27
C PHE D 293 -48.90 34.13 12.63
N HIS D 294 -47.87 34.58 13.36
CA HIS D 294 -46.79 33.66 13.77
C HIS D 294 -47.32 32.78 14.89
N PHE D 295 -46.75 31.57 15.00
CA PHE D 295 -47.21 30.56 15.96
C PHE D 295 -47.45 31.08 17.40
N ASP D 296 -46.43 31.70 17.99
CA ASP D 296 -46.52 32.19 19.36
C ASP D 296 -47.63 33.21 19.55
N LYS D 297 -47.88 34.06 18.55
CA LYS D 297 -48.93 35.08 18.64
C LYS D 297 -50.35 34.47 18.59
N VAL D 298 -50.54 33.46 17.74
CA VAL D 298 -51.82 32.76 17.60
C VAL D 298 -52.16 31.98 18.86
N ALA D 299 -51.13 31.38 19.46
CA ALA D 299 -51.27 30.64 20.73
C ALA D 299 -51.76 31.53 21.87
N LYS D 300 -51.17 32.72 21.99
CA LYS D 300 -51.54 33.68 23.04
C LYS D 300 -52.96 34.20 22.91
N SER D 301 -53.42 34.45 21.68
CA SER D 301 -54.80 34.94 21.48
C SER D 301 -55.86 33.85 21.67
N ALA D 302 -55.50 32.60 21.35
CA ALA D 302 -56.42 31.45 21.50
C ALA D 302 -56.57 31.07 22.97
N ARG D 303 -55.46 31.17 23.70
CA ARG D 303 -55.42 30.87 25.12
C ARG D 303 -56.06 32.00 25.92
N ALA D 304 -56.23 33.16 25.28
CA ALA D 304 -56.90 34.31 25.87
C ALA D 304 -58.42 34.23 25.59
N GLY D 305 -58.83 33.36 24.65
CA GLY D 305 -60.26 33.20 24.33
C GLY D 305 -60.76 33.69 22.97
N ASP D 306 -59.90 34.33 22.18
CA ASP D 306 -60.27 34.84 20.85
C ASP D 306 -60.84 33.72 19.97
N GLU D 307 -62.07 33.92 19.46
CA GLU D 307 -62.76 32.93 18.62
C GLU D 307 -61.96 32.51 17.38
N MET D 308 -61.32 33.48 16.72
CA MET D 308 -60.52 33.23 15.51
C MET D 308 -59.24 32.43 15.77
N ALA D 309 -58.48 32.83 16.79
CA ALA D 309 -57.25 32.13 17.11
C ALA D 309 -57.50 30.70 17.63
N THR D 310 -58.65 30.46 18.28
CA THR D 310 -58.97 29.10 18.77
C THR D 310 -59.36 28.22 17.61
N GLU D 311 -60.10 28.78 16.66
CA GLU D 311 -60.44 28.06 15.43
C GLU D 311 -59.18 27.71 14.64
N LEU D 312 -58.31 28.69 14.42
CA LEU D 312 -57.04 28.46 13.72
C LEU D 312 -56.18 27.43 14.42
N MET D 313 -56.00 27.59 15.73
CA MET D 313 -55.14 26.68 16.52
C MET D 313 -55.72 25.25 16.63
N GLY D 314 -57.02 25.16 16.88
CA GLY D 314 -57.69 23.88 17.03
C GLY D 314 -57.78 23.09 15.72
N LYS D 315 -57.84 23.81 14.61
CA LYS D 315 -57.96 23.19 13.30
C LYS D 315 -56.58 22.65 12.92
N MET D 316 -55.55 23.42 13.23
CA MET D 316 -54.17 23.04 12.95
C MET D 316 -53.84 21.76 13.73
N GLY D 317 -54.37 21.65 14.95
CA GLY D 317 -54.17 20.48 15.80
C GLY D 317 -54.86 19.27 15.20
N GLU D 318 -56.08 19.47 14.69
CA GLU D 318 -56.82 18.37 14.03
C GLU D 318 -56.07 17.80 12.83
N TYR D 319 -55.65 18.69 11.94
CA TYR D 319 -54.92 18.30 10.75
C TYR D 319 -53.60 17.61 11.12
N LEU D 320 -52.95 18.13 12.14
CA LEU D 320 -51.74 17.52 12.64
C LEU D 320 -52.04 16.09 13.16
N GLY D 321 -53.15 15.93 13.87
CA GLY D 321 -53.55 14.62 14.40
C GLY D 321 -53.74 13.58 13.33
N TYR D 322 -54.43 13.97 12.27
CA TYR D 322 -54.64 13.08 11.14
C TYR D 322 -53.32 12.79 10.44
N GLY D 323 -52.42 13.76 10.44
CA GLY D 323 -51.11 13.55 9.83
C GLY D 323 -50.32 12.50 10.58
N ILE D 324 -50.33 12.60 11.90
CA ILE D 324 -49.63 11.65 12.76
C ILE D 324 -50.28 10.26 12.71
N ARG D 325 -51.61 10.22 12.68
CA ARG D 325 -52.29 8.93 12.53
C ARG D 325 -51.77 8.23 11.26
N ASN D 326 -51.62 9.02 10.18
CA ASN D 326 -51.13 8.46 8.91
C ASN D 326 -49.64 8.11 8.91
N ILE D 327 -48.88 8.79 9.76
CA ILE D 327 -47.45 8.42 9.95
C ILE D 327 -47.42 6.99 10.55
N ILE D 328 -48.30 6.75 11.53
CA ILE D 328 -48.37 5.47 12.20
C ILE D 328 -48.81 4.34 11.26
N ASN D 329 -49.90 4.56 10.53
CA ASN D 329 -50.44 3.56 9.63
C ASN D 329 -49.48 3.22 8.53
N THR D 330 -48.79 4.24 8.02
CA THR D 330 -47.85 4.07 6.91
C THR D 330 -46.52 3.39 7.28
N PHE D 331 -45.90 3.85 8.36
CA PHE D 331 -44.56 3.38 8.75
C PHE D 331 -44.45 2.31 9.83
N ASN D 332 -45.45 2.25 10.73
CA ASN D 332 -45.42 1.36 11.91
C ASN D 332 -44.15 1.66 12.71
N PRO D 333 -44.01 2.93 13.15
CA PRO D 333 -42.81 3.37 13.82
C PRO D 333 -42.68 3.01 15.29
N GLU D 334 -43.73 2.40 15.91
CA GLU D 334 -43.72 1.94 17.32
C GLU D 334 -43.94 3.11 18.28
N LYS D 335 -43.25 4.22 18.04
CA LYS D 335 -43.55 5.42 18.81
C LYS D 335 -43.35 6.66 17.97
N VAL D 336 -44.06 7.72 18.34
CA VAL D 336 -43.98 9.01 17.65
C VAL D 336 -43.49 10.02 18.66
N ILE D 337 -42.46 10.77 18.29
CA ILE D 337 -41.89 11.78 19.14
C ILE D 337 -42.09 13.10 18.48
N ILE D 338 -42.83 13.98 19.15
CA ILE D 338 -43.13 15.30 18.65
C ILE D 338 -42.01 16.22 19.16
N VAL D 339 -41.61 17.14 18.28
CA VAL D 339 -40.49 18.00 18.46
C VAL D 339 -40.77 19.38 17.91
N GLY D 340 -39.93 20.33 18.29
CA GLY D 340 -39.98 21.68 17.75
C GLY D 340 -40.45 22.76 18.69
N GLU D 341 -40.17 24.00 18.27
CA GLU D 341 -40.55 25.20 19.02
C GLU D 341 -42.09 25.29 19.22
N GLY D 342 -42.83 24.50 18.45
CA GLY D 342 -44.29 24.42 18.60
C GLY D 342 -44.70 23.75 19.91
N LEU D 343 -43.81 22.92 20.49
CA LEU D 343 -44.09 22.27 21.77
C LEU D 343 -44.28 23.29 22.89
N HIS D 344 -43.72 24.50 22.74
CA HIS D 344 -43.89 25.57 23.73
C HIS D 344 -45.38 25.82 24.01
N HIS D 345 -46.23 25.34 23.10
CA HIS D 345 -47.68 25.49 23.23
C HIS D 345 -48.39 24.16 23.08
N ARG D 346 -47.72 23.09 23.55
CA ARG D 346 -48.24 21.71 23.49
C ARG D 346 -49.65 21.59 24.10
N ASP D 347 -49.88 22.32 25.19
CA ASP D 347 -51.16 22.30 25.91
C ASP D 347 -52.38 22.51 25.00
N LEU D 348 -52.19 23.20 23.88
CA LEU D 348 -53.28 23.50 22.95
C LEU D 348 -53.54 22.45 21.85
N PHE D 349 -52.56 21.59 21.53
CA PHE D 349 -52.78 20.59 20.46
C PHE D 349 -52.54 19.10 20.82
N LEU D 350 -51.74 18.81 21.86
CA LEU D 350 -51.48 17.41 22.26
C LEU D 350 -52.69 16.52 22.53
N THR D 351 -53.71 17.09 23.12
CA THR D 351 -54.91 16.33 23.42
C THR D 351 -55.64 15.94 22.14
N LYS D 352 -55.77 16.89 21.21
CA LYS D 352 -56.47 16.63 19.95
C LYS D 352 -55.65 15.61 19.12
N ILE D 353 -54.33 15.75 19.12
CA ILE D 353 -53.46 14.84 18.41
C ILE D 353 -53.64 13.43 18.93
N ASP D 354 -53.63 13.31 20.25
CA ASP D 354 -53.76 12.03 20.90
C ASP D 354 -55.15 11.41 20.63
N GLU D 355 -56.19 12.23 20.69
CA GLU D 355 -57.55 11.78 20.41
C GLU D 355 -57.65 11.13 19.02
N ILE D 356 -57.14 11.83 18.03
CA ILE D 356 -57.19 11.40 16.64
C ILE D 356 -56.19 10.30 16.32
N ALA D 357 -54.94 10.49 16.70
CA ALA D 357 -53.88 9.56 16.32
C ALA D 357 -53.83 8.27 17.08
N SER D 358 -54.41 8.22 18.27
CA SER D 358 -54.38 6.96 19.05
C SER D 358 -55.28 5.91 18.43
N GLN D 359 -56.26 6.33 17.63
CA GLN D 359 -57.10 5.38 16.88
C GLN D 359 -56.43 5.22 15.51
N ASN D 360 -55.80 4.07 15.30
CA ASN D 360 -55.12 3.77 14.05
C ASN D 360 -55.23 2.26 13.72
N PHE D 361 -54.71 1.88 12.56
CA PHE D 361 -54.77 0.50 12.10
C PHE D 361 -54.20 -0.44 13.12
N PHE D 362 -53.02 -0.09 13.63
CA PHE D 362 -52.33 -0.94 14.60
C PHE D 362 -53.00 -1.04 15.96
N SER D 363 -53.61 0.04 16.44
CA SER D 363 -54.37 -0.02 17.71
C SER D 363 -55.61 -0.92 17.53
N GLY D 364 -56.18 -0.90 16.33
CA GLY D 364 -57.31 -1.79 16.00
C GLY D 364 -56.95 -3.27 16.09
N ALA D 365 -55.66 -3.60 15.90
CA ALA D 365 -55.20 -4.97 15.98
C ALA D 365 -54.51 -5.29 17.31
N GLY D 366 -54.57 -4.38 18.28
CA GLY D 366 -53.98 -4.64 19.60
C GLY D 366 -52.61 -4.06 19.90
N PHE D 367 -52.01 -3.31 18.98
CA PHE D 367 -50.69 -2.69 19.19
C PHE D 367 -50.83 -1.19 19.37
N GLU D 368 -50.50 -0.69 20.54
CA GLU D 368 -50.57 0.74 20.82
C GLU D 368 -49.26 1.41 20.45
N THR D 369 -49.35 2.53 19.76
CA THR D 369 -48.20 3.32 19.39
C THR D 369 -48.15 4.52 20.33
N GLU D 370 -47.11 4.58 21.14
CA GLU D 370 -46.93 5.71 22.04
C GLU D 370 -46.65 7.00 21.26
N ILE D 371 -47.30 8.06 21.70
CA ILE D 371 -47.13 9.39 21.15
C ILE D 371 -46.67 10.23 22.32
N THR D 372 -45.47 10.78 22.21
CA THR D 372 -44.89 11.57 23.29
C THR D 372 -44.12 12.76 22.71
N THR D 373 -43.48 13.50 23.59
CA THR D 373 -42.70 14.66 23.19
C THR D 373 -41.26 14.38 23.54
N THR D 374 -40.37 15.08 22.86
CA THR D 374 -38.93 14.92 23.05
C THR D 374 -38.48 15.43 24.42
N SER D 375 -37.37 14.89 24.88
CA SER D 375 -36.76 15.30 26.14
C SER D 375 -35.45 16.05 25.87
N LEU D 376 -35.19 16.40 24.62
CA LEU D 376 -34.00 17.17 24.28
C LEU D 376 -34.35 18.65 24.21
N GLU D 377 -33.37 19.49 24.54
CA GLU D 377 -33.51 20.94 24.52
C GLU D 377 -33.33 21.46 23.06
N ASP D 378 -33.30 22.79 22.86
CA ASP D 378 -33.06 23.42 21.50
C ASP D 378 -31.69 23.21 20.84
N PRO D 379 -30.60 23.06 21.63
CA PRO D 379 -29.28 22.82 21.04
C PRO D 379 -29.15 21.51 20.26
N ALA D 380 -30.14 20.62 20.39
CA ALA D 380 -30.13 19.32 19.68
C ALA D 380 -30.07 19.45 18.17
N TRP D 381 -30.57 20.54 17.60
CA TRP D 381 -30.50 20.74 16.17
C TRP D 381 -29.02 20.84 15.82
N LEU D 382 -28.27 21.64 16.55
CA LEU D 382 -26.82 21.78 16.33
C LEU D 382 -26.04 20.53 16.67
N GLN D 383 -26.48 19.82 17.71
CA GLN D 383 -25.81 18.60 18.11
C GLN D 383 -26.00 17.55 17.03
N GLY D 384 -27.21 17.51 16.46
CA GLY D 384 -27.56 16.61 15.39
C GLY D 384 -26.69 16.79 14.18
N ALA D 385 -26.40 18.05 13.84
CA ALA D 385 -25.52 18.35 12.71
C ALA D 385 -24.11 17.87 13.01
N ALA D 386 -23.67 18.00 14.28
CA ALA D 386 -22.35 17.54 14.69
C ALA D 386 -22.30 16.03 14.57
N LEU D 387 -23.42 15.38 14.90
CA LEU D 387 -23.54 13.92 14.82
C LEU D 387 -23.50 13.39 13.35
N LEU D 388 -23.70 14.24 12.36
CA LEU D 388 -23.54 13.78 10.97
C LEU D 388 -22.10 13.30 10.79
N VAL D 389 -21.17 14.08 11.34
CA VAL D 389 -19.74 13.76 11.28
C VAL D 389 -19.41 12.58 12.20
N ILE D 390 -19.89 12.65 13.43
CA ILE D 390 -19.60 11.61 14.42
C ILE D 390 -20.20 10.24 14.01
N HIS D 391 -21.41 10.23 13.47
CA HIS D 391 -22.03 9.00 13.06
C HIS D 391 -21.21 8.31 11.99
N GLN D 392 -20.81 9.12 11.01
CA GLN D 392 -20.06 8.65 9.86
C GLN D 392 -18.66 8.20 10.22
N LEU D 393 -18.02 8.89 11.18
CA LEU D 393 -16.67 8.49 11.59
C LEU D 393 -16.64 7.21 12.46
N PHE D 394 -17.66 6.98 13.27
CA PHE D 394 -17.71 5.80 14.12
C PHE D 394 -18.47 4.63 13.53
N GLN D 395 -19.09 4.79 12.37
CA GLN D 395 -19.81 3.69 11.78
C GLN D 395 -18.82 2.60 11.29
N VAL D 396 -19.16 1.34 11.56
CA VAL D 396 -18.33 0.23 11.11
C VAL D 396 -18.34 0.35 9.59
N PRO D 397 -17.17 0.58 8.98
CA PRO D 397 -17.14 0.79 7.52
C PRO D 397 -17.19 -0.53 6.72
N ILE D 398 -18.38 -1.12 6.68
CA ILE D 398 -18.65 -2.38 5.95
C ILE D 398 -18.91 -2.11 4.49
N TYR D 399 -19.39 -0.91 4.18
CA TYR D 399 -19.69 -0.52 2.82
C TYR D 399 -18.54 0.31 2.26
N GLU D 400 -18.39 0.31 0.94
CA GLU D 400 -17.27 0.98 0.27
C GLU D 400 -17.71 2.20 -0.52
N ASP F 5 -30.27 -7.97 15.38
CA ASP F 5 -29.24 -8.37 14.36
C ASP F 5 -27.88 -7.79 14.74
N ILE F 6 -26.99 -8.61 15.30
CA ILE F 6 -25.66 -8.07 15.63
C ILE F 6 -24.72 -8.49 14.50
N LEU F 7 -23.80 -7.61 14.19
CA LEU F 7 -22.82 -7.91 13.19
C LEU F 7 -21.94 -9.07 13.68
N ARG F 8 -21.56 -9.97 12.78
CA ARG F 8 -20.70 -11.10 13.13
C ARG F 8 -19.29 -10.63 13.44
N LYS F 9 -18.60 -11.37 14.29
CA LYS F 9 -17.23 -11.05 14.62
C LYS F 9 -16.40 -11.09 13.32
N GLY F 10 -15.37 -10.27 13.27
CA GLY F 10 -14.48 -10.26 12.11
C GLY F 10 -13.44 -11.35 12.20
N ASN F 11 -13.55 -12.35 11.32
CA ASN F 11 -12.54 -13.43 11.23
C ASN F 11 -12.58 -14.12 9.88
N LYS F 12 -11.79 -15.17 9.73
CA LYS F 12 -11.65 -15.93 8.48
C LYS F 12 -12.93 -16.57 7.97
N ASP F 13 -13.80 -17.04 8.84
CA ASP F 13 -15.06 -17.61 8.37
C ASP F 13 -15.87 -16.50 7.73
N LEU F 14 -15.89 -15.34 8.39
CA LEU F 14 -16.65 -14.21 7.84
C LEU F 14 -16.06 -13.80 6.49
N ILE F 15 -14.75 -13.78 6.39
CA ILE F 15 -14.07 -13.48 5.10
C ILE F 15 -14.54 -14.49 4.02
N LYS F 16 -14.43 -15.79 4.30
CA LYS F 16 -14.83 -16.83 3.33
C LYS F 16 -16.25 -16.67 2.89
N ASP F 17 -17.15 -16.57 3.86
CA ASP F 17 -18.58 -16.45 3.56
C ASP F 17 -18.87 -15.23 2.73
N ILE F 18 -18.29 -14.09 3.06
CA ILE F 18 -18.58 -12.90 2.29
C ILE F 18 -18.19 -13.07 0.81
N ASN F 19 -17.02 -13.64 0.54
CA ASN F 19 -16.57 -13.76 -0.84
C ASN F 19 -17.31 -14.82 -1.62
N ARG F 20 -17.61 -15.94 -0.97
CA ARG F 20 -18.35 -17.04 -1.62
C ARG F 20 -19.80 -16.67 -1.90
N TYR F 21 -20.47 -16.04 -0.95
CA TYR F 21 -21.85 -15.62 -1.19
C TYR F 21 -21.94 -14.51 -2.26
N THR F 22 -20.95 -13.64 -2.32
CA THR F 22 -20.95 -12.52 -3.27
C THR F 22 -20.72 -13.06 -4.69
N VAL F 23 -19.71 -13.92 -4.83
CA VAL F 23 -19.42 -14.53 -6.12
C VAL F 23 -20.59 -15.42 -6.53
N LEU F 24 -21.13 -16.16 -5.57
CA LEU F 24 -22.27 -17.00 -5.85
C LEU F 24 -23.43 -16.17 -6.40
N ASN F 25 -23.73 -15.07 -5.73
CA ASN F 25 -24.82 -14.19 -6.19
C ASN F 25 -24.64 -13.59 -7.58
N LEU F 26 -23.40 -13.25 -7.96
CA LEU F 26 -23.15 -12.75 -9.32
C LEU F 26 -23.45 -13.89 -10.33
N ILE F 27 -23.05 -15.11 -9.98
CA ILE F 27 -23.29 -16.28 -10.80
C ILE F 27 -24.81 -16.53 -10.94
N ARG F 28 -25.56 -16.36 -9.86
CA ARG F 28 -27.03 -16.49 -9.90
C ARG F 28 -27.63 -15.49 -10.86
N GLU F 29 -27.24 -14.23 -10.67
CA GLU F 29 -27.76 -13.15 -11.47
C GLU F 29 -27.57 -13.44 -12.98
N LYS F 30 -26.38 -13.90 -13.37
CA LYS F 30 -26.07 -14.17 -14.77
C LYS F 30 -26.47 -15.56 -15.26
N GLY F 31 -26.68 -16.52 -14.35
CA GLY F 31 -27.01 -17.91 -14.76
C GLY F 31 -25.72 -18.64 -15.08
N GLU F 32 -24.97 -18.05 -16.02
CA GLU F 32 -23.63 -18.52 -16.43
C GLU F 32 -22.73 -17.29 -16.60
N ILE F 33 -21.46 -17.45 -16.28
CA ILE F 33 -20.51 -16.33 -16.38
C ILE F 33 -19.08 -16.87 -16.36
N THR F 34 -18.17 -16.19 -17.05
CA THR F 34 -16.76 -16.61 -17.06
C THR F 34 -16.05 -16.12 -15.78
N ARG F 35 -14.97 -16.83 -15.43
CA ARG F 35 -14.16 -16.48 -14.27
C ARG F 35 -13.64 -15.03 -14.42
N THR F 36 -13.28 -14.63 -15.64
CA THR F 36 -12.80 -13.27 -15.88
C THR F 36 -13.83 -12.16 -15.62
N GLU F 37 -15.10 -12.37 -15.99
CA GLU F 37 -16.16 -11.37 -15.69
C GLU F 37 -16.34 -11.24 -14.18
N ILE F 38 -16.35 -12.38 -13.48
CA ILE F 38 -16.45 -12.36 -12.02
C ILE F 38 -15.30 -11.53 -11.43
N ALA F 39 -14.08 -11.79 -11.90
CA ALA F 39 -12.88 -11.10 -11.42
C ALA F 39 -12.96 -9.59 -11.62
N LYS F 40 -13.39 -9.14 -12.79
CA LYS F 40 -13.51 -7.71 -13.06
C LYS F 40 -14.59 -7.07 -12.22
N LYS F 41 -15.75 -7.72 -12.14
CA LYS F 41 -16.87 -7.12 -11.45
C LYS F 41 -16.79 -7.18 -9.93
N CYS F 42 -16.02 -8.14 -9.38
CA CYS F 42 -15.88 -8.24 -7.92
C CYS F 42 -14.48 -7.87 -7.46
N ASP F 43 -13.64 -7.43 -8.39
CA ASP F 43 -12.29 -7.02 -8.05
C ASP F 43 -11.44 -8.14 -7.38
N PHE F 44 -11.54 -9.35 -7.90
CA PHE F 44 -10.74 -10.45 -7.40
C PHE F 44 -9.68 -10.85 -8.42
N GLY F 45 -8.50 -11.22 -7.93
CA GLY F 45 -7.48 -11.81 -8.79
C GLY F 45 -7.99 -13.22 -9.08
N MET F 46 -7.61 -13.76 -10.23
CA MET F 46 -8.06 -15.09 -10.66
C MET F 46 -7.71 -16.22 -9.67
N SER F 47 -6.58 -16.10 -8.99
CA SER F 47 -6.12 -17.12 -8.00
C SER F 47 -7.02 -17.19 -6.78
N THR F 48 -7.60 -16.05 -6.40
CA THR F 48 -8.54 -16.04 -5.29
C THR F 48 -9.80 -16.80 -5.75
N LEU F 49 -10.17 -16.62 -7.01
CA LEU F 49 -11.35 -17.34 -7.60
C LEU F 49 -11.07 -18.83 -7.67
N THR F 50 -9.80 -19.22 -7.78
CA THR F 50 -9.47 -20.63 -7.77
C THR F 50 -10.04 -21.28 -6.51
N TYR F 51 -9.82 -20.66 -5.34
CA TYR F 51 -10.29 -21.24 -4.08
C TYR F 51 -11.79 -21.09 -3.85
N ILE F 52 -12.33 -19.92 -4.15
CA ILE F 52 -13.76 -19.64 -4.00
C ILE F 52 -14.60 -20.53 -4.89
N LEU F 53 -14.25 -20.63 -6.17
CA LEU F 53 -15.01 -21.48 -7.08
C LEU F 53 -14.83 -22.96 -6.78
N ASP F 54 -13.66 -23.32 -6.28
CA ASP F 54 -13.41 -24.70 -5.91
C ASP F 54 -14.34 -25.08 -4.75
N ASP F 55 -14.43 -24.22 -3.72
CA ASP F 55 -15.33 -24.48 -2.58
C ASP F 55 -16.79 -24.57 -3.03
N LEU F 56 -17.23 -23.63 -3.85
CA LEU F 56 -18.62 -23.61 -4.33
C LEU F 56 -18.99 -24.84 -5.16
N GLN F 57 -18.06 -25.29 -6.00
CA GLN F 57 -18.30 -26.47 -6.82
C GLN F 57 -18.33 -27.73 -5.94
N GLN F 58 -17.50 -27.72 -4.91
CA GLN F 58 -17.42 -28.83 -3.95
C GLN F 58 -18.77 -28.99 -3.20
N GLU F 59 -19.45 -27.88 -2.94
CA GLU F 59 -20.77 -27.86 -2.30
C GLU F 59 -21.85 -28.34 -3.28
N GLY F 60 -21.57 -28.22 -4.58
CA GLY F 60 -22.53 -28.61 -5.63
C GLY F 60 -23.44 -27.48 -6.05
N ILE F 61 -23.20 -26.27 -5.56
CA ILE F 61 -24.04 -25.10 -5.87
C ILE F 61 -23.70 -24.46 -7.24
N ILE F 62 -22.51 -24.77 -7.78
CA ILE F 62 -22.14 -24.34 -9.14
C ILE F 62 -21.65 -25.55 -9.93
N LEU F 63 -21.66 -25.42 -11.26
CA LEU F 63 -21.26 -26.50 -12.17
C LEU F 63 -20.39 -25.98 -13.29
N GLU F 64 -19.70 -26.89 -13.97
CA GLU F 64 -18.91 -26.52 -15.14
C GLU F 64 -19.90 -26.34 -16.29
N GLY F 65 -19.80 -25.21 -16.98
CA GLY F 65 -20.67 -24.92 -18.13
C GLY F 65 -19.93 -25.24 -19.41
N ALA F 66 -20.40 -24.67 -20.52
CA ALA F 66 -19.79 -24.88 -21.83
C ALA F 66 -18.58 -23.98 -22.06
N GLU F 67 -17.76 -24.35 -23.03
CA GLU F 67 -16.58 -23.57 -23.42
C GLU F 67 -17.03 -22.33 -24.22
N THR F 68 -16.43 -21.18 -23.92
CA THR F 68 -16.79 -19.92 -24.55
C THR F 68 -15.90 -19.77 -25.81
N SER F 69 -16.20 -18.80 -26.67
CA SER F 69 -15.36 -18.61 -27.89
C SER F 69 -13.98 -18.07 -27.52
N SER F 70 -12.98 -18.58 -28.24
CA SER F 70 -11.61 -18.17 -28.02
C SER F 70 -11.43 -16.75 -28.49
N THR F 71 -10.66 -15.98 -27.73
CA THR F 71 -10.33 -14.61 -28.11
C THR F 71 -8.81 -14.46 -28.25
N GLY F 72 -8.06 -15.58 -28.23
CA GLY F 72 -6.59 -15.50 -28.30
C GLY F 72 -5.79 -16.76 -28.60
N GLY F 73 -5.73 -17.76 -27.71
CA GLY F 73 -6.35 -17.75 -26.41
C GLY F 73 -7.01 -19.06 -26.06
N ARG F 74 -6.69 -19.59 -24.88
CA ARG F 74 -7.35 -20.78 -24.35
C ARG F 74 -8.81 -20.38 -24.19
N ARG F 75 -9.71 -21.33 -24.38
CA ARG F 75 -11.15 -21.04 -24.27
C ARG F 75 -11.58 -21.12 -22.83
N ALA F 76 -12.34 -20.11 -22.41
CA ALA F 76 -12.85 -20.10 -21.05
C ALA F 76 -14.01 -21.08 -20.90
N LYS F 77 -14.15 -21.61 -19.69
CA LYS F 77 -15.25 -22.51 -19.39
C LYS F 77 -16.18 -21.76 -18.48
N LEU F 78 -17.44 -21.67 -18.90
CA LEU F 78 -18.48 -20.97 -18.14
C LEU F 78 -18.73 -21.58 -16.78
N VAL F 79 -18.94 -20.73 -15.78
CA VAL F 79 -19.31 -21.17 -14.44
C VAL F 79 -20.84 -21.06 -14.39
N ARG F 80 -21.50 -22.20 -14.20
CA ARG F 80 -22.97 -22.26 -14.21
C ARG F 80 -23.56 -22.44 -12.81
N PHE F 81 -24.59 -21.67 -12.51
CA PHE F 81 -25.32 -21.79 -11.24
C PHE F 81 -26.19 -23.03 -11.31
N ASN F 82 -26.09 -23.89 -10.30
CA ASN F 82 -26.93 -25.08 -10.24
C ASN F 82 -28.27 -24.72 -9.61
N LYS F 83 -29.21 -24.38 -10.46
CA LYS F 83 -30.56 -24.04 -10.05
C LYS F 83 -31.26 -25.26 -9.39
N ASP F 84 -30.70 -26.46 -9.60
CA ASP F 84 -31.29 -27.69 -9.04
C ASP F 84 -30.56 -28.26 -7.83
N TYR F 85 -29.67 -27.48 -7.23
CA TYR F 85 -28.99 -27.89 -5.99
C TYR F 85 -30.05 -28.32 -4.98
N GLY F 86 -31.20 -27.67 -5.08
CA GLY F 86 -32.33 -27.97 -4.23
C GLY F 86 -33.58 -27.36 -4.82
N PHE F 87 -34.65 -27.37 -4.04
CA PHE F 87 -35.92 -26.80 -4.45
C PHE F 87 -36.64 -26.20 -3.26
N VAL F 88 -37.69 -25.45 -3.59
CA VAL F 88 -38.52 -24.73 -2.65
C VAL F 88 -39.99 -24.99 -2.91
N VAL F 89 -40.78 -25.02 -1.84
CA VAL F 89 -42.21 -25.16 -1.99
C VAL F 89 -42.80 -23.87 -1.49
N SER F 90 -43.68 -23.29 -2.30
CA SER F 90 -44.36 -22.07 -1.89
C SER F 90 -45.82 -22.35 -1.86
N VAL F 91 -46.51 -21.62 -1.01
CA VAL F 91 -47.91 -21.78 -0.77
C VAL F 91 -48.56 -20.42 -0.81
N LYS F 92 -49.75 -20.33 -1.38
CA LYS F 92 -50.51 -19.08 -1.34
C LYS F 92 -51.87 -19.49 -0.79
N VAL F 93 -52.22 -18.89 0.35
CA VAL F 93 -53.44 -19.18 1.04
C VAL F 93 -54.54 -18.23 0.63
N GLU F 94 -55.56 -18.77 -0.04
CA GLU F 94 -56.71 -17.98 -0.48
C GLU F 94 -58.00 -18.41 0.24
N GLU F 95 -59.04 -17.61 0.05
CA GLU F 95 -60.33 -17.85 0.70
C GLU F 95 -60.85 -19.22 0.28
N GLU F 96 -60.94 -19.45 -1.03
CA GLU F 96 -61.45 -20.72 -1.58
C GLU F 96 -60.42 -21.80 -1.78
N GLN F 97 -59.14 -21.48 -1.80
CA GLN F 97 -58.16 -22.52 -2.07
C GLN F 97 -56.77 -22.26 -1.59
N LEU F 98 -55.98 -23.33 -1.62
CA LEU F 98 -54.57 -23.32 -1.27
C LEU F 98 -53.80 -23.66 -2.54
N LEU F 99 -52.95 -22.72 -2.98
CA LEU F 99 -52.13 -22.91 -4.19
C LEU F 99 -50.76 -23.32 -3.72
N PHE F 100 -50.09 -24.14 -4.51
CA PHE F 100 -48.77 -24.66 -4.22
C PHE F 100 -47.89 -24.65 -5.44
N ALA F 101 -46.59 -24.50 -5.21
CA ALA F 101 -45.63 -24.51 -6.28
C ALA F 101 -44.35 -25.09 -5.77
N LEU F 102 -43.74 -25.94 -6.56
CA LEU F 102 -42.43 -26.45 -6.23
C LEU F 102 -41.61 -25.69 -7.23
N THR F 103 -40.56 -25.00 -6.78
CA THR F 103 -39.73 -24.21 -7.70
C THR F 103 -38.27 -24.54 -7.56
N ASP F 104 -37.50 -24.19 -8.58
CA ASP F 104 -36.05 -24.37 -8.54
C ASP F 104 -35.48 -23.15 -7.79
N LEU F 105 -34.16 -23.04 -7.74
CA LEU F 105 -33.53 -21.94 -7.01
C LEU F 105 -33.54 -20.60 -7.75
N ASN F 106 -34.08 -20.59 -8.97
CA ASN F 106 -34.33 -19.35 -9.73
C ASN F 106 -35.80 -18.94 -9.57
N ALA F 107 -36.55 -19.66 -8.72
CA ALA F 107 -38.01 -19.45 -8.54
C ALA F 107 -38.84 -19.80 -9.79
N GLU F 108 -38.28 -20.66 -10.65
CA GLU F 108 -39.03 -21.09 -11.82
C GLU F 108 -39.90 -22.25 -11.31
N ILE F 109 -41.17 -22.20 -11.65
CA ILE F 109 -42.12 -23.22 -11.22
C ILE F 109 -41.90 -24.55 -11.95
N ILE F 110 -41.69 -25.61 -11.19
CA ILE F 110 -41.50 -26.97 -11.71
C ILE F 110 -42.83 -27.72 -11.69
N GLU F 111 -43.52 -27.66 -10.54
CA GLU F 111 -44.84 -28.27 -10.38
C GLU F 111 -45.72 -27.28 -9.65
N ASN F 112 -47.01 -27.33 -9.95
CA ASN F 112 -48.00 -26.50 -9.27
C ASN F 112 -49.31 -27.25 -9.13
N THR F 113 -49.95 -27.06 -7.99
CA THR F 113 -51.23 -27.68 -7.76
C THR F 113 -52.09 -26.72 -6.97
N SER F 114 -53.40 -27.01 -7.01
CA SER F 114 -54.38 -26.23 -6.31
C SER F 114 -55.28 -27.18 -5.51
N ILE F 115 -55.41 -26.94 -4.22
CA ILE F 115 -56.27 -27.76 -3.33
C ILE F 115 -57.41 -26.87 -2.85
N PRO F 116 -58.64 -27.11 -3.34
CA PRO F 116 -59.80 -26.34 -2.85
C PRO F 116 -60.08 -26.57 -1.37
N PHE F 117 -60.30 -25.50 -0.61
CA PHE F 117 -60.60 -25.62 0.81
C PHE F 117 -61.24 -24.33 1.35
N SER F 118 -62.12 -24.48 2.35
CA SER F 118 -62.79 -23.35 2.98
C SER F 118 -61.94 -23.05 4.18
N SER F 119 -60.90 -22.24 3.97
CA SER F 119 -59.94 -21.89 5.03
C SER F 119 -60.51 -20.97 6.11
N GLU F 120 -61.68 -20.36 5.86
CA GLU F 120 -62.26 -19.43 6.84
C GLU F 120 -62.68 -20.10 8.18
N LYS F 121 -62.09 -19.59 9.28
CA LYS F 121 -62.35 -20.06 10.67
C LYS F 121 -61.81 -21.45 11.08
N LYS F 122 -61.06 -22.14 10.20
CA LYS F 122 -60.47 -23.46 10.51
C LYS F 122 -58.98 -23.51 10.09
N PRO F 123 -58.12 -22.76 10.83
CA PRO F 123 -56.67 -22.70 10.55
C PRO F 123 -55.95 -24.01 10.77
N GLU F 124 -56.34 -24.74 11.81
CA GLU F 124 -55.72 -26.03 12.18
C GLU F 124 -55.70 -26.96 10.98
N GLU F 125 -56.86 -27.09 10.35
CA GLU F 125 -57.05 -27.97 9.20
C GLU F 125 -56.29 -27.44 7.98
N ALA F 126 -56.31 -26.12 7.78
CA ALA F 126 -55.56 -25.52 6.67
C ALA F 126 -54.08 -25.86 6.79
N ILE F 127 -53.52 -25.71 7.99
CA ILE F 127 -52.09 -26.02 8.25
C ILE F 127 -51.77 -27.48 7.90
N GLU F 128 -52.60 -28.40 8.38
CA GLU F 128 -52.42 -29.84 8.10
C GLU F 128 -52.52 -30.16 6.63
N LEU F 129 -53.38 -29.43 5.92
CA LEU F 129 -53.56 -29.61 4.49
C LEU F 129 -52.30 -29.06 3.82
N ILE F 130 -51.73 -27.98 4.37
CA ILE F 130 -50.48 -27.44 3.83
C ILE F 130 -49.37 -28.48 4.05
N ALA F 131 -49.25 -28.95 5.28
CA ALA F 131 -48.21 -29.93 5.59
C ALA F 131 -48.28 -31.16 4.66
N LYS F 132 -49.50 -31.66 4.41
CA LYS F 132 -49.69 -32.80 3.48
C LYS F 132 -49.15 -32.58 2.07
N ASN F 133 -49.63 -31.54 1.39
CA ASN F 133 -49.15 -31.24 0.01
C ASN F 133 -47.66 -30.98 -0.07
N VAL F 134 -47.11 -30.31 0.94
CA VAL F 134 -45.69 -30.06 0.97
C VAL F 134 -44.98 -31.41 0.89
N LYS F 135 -45.42 -32.37 1.70
CA LYS F 135 -44.84 -33.73 1.64
C LYS F 135 -45.13 -34.42 0.32
N LYS F 136 -46.32 -34.20 -0.25
CA LYS F 136 -46.68 -34.85 -1.53
C LYS F 136 -45.91 -34.32 -2.73
N MET F 137 -45.69 -33.00 -2.81
CA MET F 137 -44.97 -32.43 -3.95
C MET F 137 -43.49 -32.88 -4.01
N CYS F 138 -43.00 -33.37 -2.88
CA CYS F 138 -41.65 -33.91 -2.80
C CYS F 138 -41.67 -35.45 -2.90
N GLY F 139 -42.83 -36.01 -3.27
CA GLY F 139 -43.01 -37.46 -3.36
C GLY F 139 -42.23 -38.17 -4.45
N ASN F 140 -41.87 -37.44 -5.50
CA ASN F 140 -41.07 -38.01 -6.60
C ASN F 140 -39.68 -37.34 -6.59
N ARG F 141 -39.27 -36.85 -5.41
CA ARG F 141 -37.96 -36.19 -5.22
C ARG F 141 -37.37 -36.48 -3.83
N ASP F 142 -36.13 -36.07 -3.65
CA ASP F 142 -35.42 -36.22 -2.40
C ASP F 142 -35.80 -35.03 -1.51
N MET F 143 -36.32 -35.28 -0.31
CA MET F 143 -36.68 -34.16 0.60
C MET F 143 -35.50 -33.46 1.29
N ASN F 144 -34.28 -34.00 1.13
CA ASN F 144 -33.08 -33.31 1.59
C ASN F 144 -32.88 -32.05 0.81
N HIS F 145 -33.29 -32.12 -0.45
CA HIS F 145 -33.19 -30.99 -1.36
C HIS F 145 -34.28 -29.92 -1.14
N LEU F 146 -35.23 -30.18 -0.23
CA LEU F 146 -36.24 -29.18 0.11
C LEU F 146 -35.56 -28.15 1.01
N LEU F 147 -35.31 -26.94 0.50
CA LEU F 147 -34.58 -25.94 1.29
C LEU F 147 -35.42 -25.01 2.16
N GLY F 148 -36.73 -25.03 1.98
CA GLY F 148 -37.64 -24.20 2.76
C GLY F 148 -39.02 -24.10 2.17
N VAL F 149 -39.94 -23.60 2.96
CA VAL F 149 -41.31 -23.37 2.57
C VAL F 149 -41.61 -21.87 2.71
N GLY F 150 -42.22 -21.29 1.70
CA GLY F 150 -42.60 -19.86 1.68
C GLY F 150 -44.10 -19.73 1.55
N ILE F 151 -44.71 -18.91 2.39
CA ILE F 151 -46.17 -18.78 2.42
C ILE F 151 -46.64 -17.34 2.28
N ALA F 152 -47.45 -17.10 1.26
CA ALA F 152 -48.06 -15.80 1.00
C ALA F 152 -49.48 -15.83 1.54
N ILE F 153 -49.86 -14.83 2.31
CA ILE F 153 -51.19 -14.76 2.86
C ILE F 153 -51.70 -13.30 2.84
N SER F 154 -53.00 -13.16 2.97
CA SER F 154 -53.65 -11.88 3.03
C SER F 154 -53.88 -11.63 4.49
N GLY F 155 -53.21 -10.64 5.04
CA GLY F 155 -53.39 -10.34 6.43
C GLY F 155 -52.22 -9.62 7.08
N LEU F 156 -52.24 -9.67 8.39
CA LEU F 156 -51.26 -9.02 9.22
C LEU F 156 -50.34 -10.12 9.79
N VAL F 157 -49.03 -9.99 9.52
CA VAL F 157 -48.05 -10.99 9.90
C VAL F 157 -46.96 -10.50 10.84
N ASN F 158 -46.67 -11.30 11.86
CA ASN F 158 -45.58 -11.05 12.77
C ASN F 158 -44.48 -11.92 12.20
N ARG F 159 -43.55 -11.29 11.47
CA ARG F 159 -42.44 -12.00 10.82
C ARG F 159 -41.35 -12.42 11.80
N LYS F 160 -41.30 -11.75 12.94
CA LYS F 160 -40.35 -12.10 13.99
C LYS F 160 -40.68 -13.55 14.48
N LYS F 161 -41.98 -13.88 14.55
CA LYS F 161 -42.46 -15.18 15.01
C LYS F 161 -43.11 -16.10 13.95
N GLY F 162 -43.42 -15.56 12.78
CA GLY F 162 -44.08 -16.36 11.73
C GLY F 162 -45.54 -16.65 12.08
N THR F 163 -46.16 -15.73 12.81
CA THR F 163 -47.55 -15.90 13.16
C THR F 163 -48.41 -14.94 12.36
N VAL F 164 -49.64 -15.35 12.09
CA VAL F 164 -50.61 -14.51 11.42
C VAL F 164 -51.36 -13.83 12.56
N ILE F 165 -51.12 -12.54 12.74
CA ILE F 165 -51.75 -11.77 13.81
C ILE F 165 -53.24 -11.73 13.54
N ARG F 166 -53.60 -11.44 12.30
CA ARG F 166 -55.01 -11.37 11.88
C ARG F 166 -55.14 -11.49 10.38
N SER F 167 -56.18 -12.16 9.93
CA SER F 167 -56.53 -12.23 8.50
C SER F 167 -58.04 -12.11 8.46
N THR F 168 -58.52 -10.93 8.07
CA THR F 168 -59.97 -10.69 7.97
C THR F 168 -60.58 -11.58 6.89
N MET F 169 -59.85 -11.77 5.79
CA MET F 169 -60.30 -12.63 4.70
C MET F 169 -60.64 -14.02 5.21
N LEU F 170 -59.75 -14.59 6.03
CA LEU F 170 -59.85 -15.97 6.49
C LEU F 170 -60.44 -16.17 7.90
N GLY F 171 -60.74 -15.09 8.61
CA GLY F 171 -61.24 -15.21 9.99
C GLY F 171 -60.22 -15.86 10.93
N TRP F 172 -58.94 -15.58 10.72
CA TRP F 172 -57.85 -16.12 11.54
C TRP F 172 -57.37 -15.04 12.50
N GLU F 173 -56.95 -15.45 13.69
CA GLU F 173 -56.39 -14.54 14.70
C GLU F 173 -55.30 -15.28 15.51
N ASN F 174 -54.09 -14.71 15.57
CA ASN F 174 -53.00 -15.29 16.35
C ASN F 174 -52.67 -16.76 15.99
N VAL F 175 -52.66 -17.07 14.70
CA VAL F 175 -52.35 -18.42 14.27
C VAL F 175 -50.84 -18.54 14.12
N ALA F 176 -50.26 -19.41 14.93
CA ALA F 176 -48.81 -19.69 14.92
C ALA F 176 -48.47 -20.60 13.71
N LEU F 177 -48.59 -20.02 12.53
CA LEU F 177 -48.39 -20.74 11.28
C LEU F 177 -47.05 -21.45 11.18
N GLU F 178 -45.97 -20.70 11.38
CA GLU F 178 -44.61 -21.25 11.34
C GLU F 178 -44.37 -22.27 12.45
N ALA F 179 -44.82 -21.97 13.67
CA ALA F 179 -44.67 -22.92 14.79
C ALA F 179 -45.32 -24.26 14.45
N MET F 180 -46.54 -24.23 13.89
CA MET F 180 -47.25 -25.45 13.50
C MET F 180 -46.58 -26.21 12.34
N LEU F 181 -46.05 -25.48 11.35
CA LEU F 181 -45.36 -26.18 10.25
C LEU F 181 -44.00 -26.73 10.68
N HIS F 182 -43.35 -26.05 11.62
CA HIS F 182 -42.04 -26.48 12.15
C HIS F 182 -42.13 -27.84 12.82
N ALA F 183 -43.28 -28.18 13.40
CA ALA F 183 -43.47 -29.51 14.00
C ALA F 183 -43.35 -30.59 12.92
N HIS F 184 -43.78 -30.29 11.69
CA HIS F 184 -43.68 -31.23 10.55
C HIS F 184 -42.35 -31.08 9.77
N PHE F 185 -41.69 -29.93 9.86
CA PHE F 185 -40.45 -29.68 9.10
C PHE F 185 -39.44 -28.97 10.00
N PRO F 186 -38.93 -29.69 11.01
CA PRO F 186 -38.02 -29.06 11.97
C PRO F 186 -36.72 -28.49 11.40
N ASP F 187 -36.17 -29.07 10.34
CA ASP F 187 -34.90 -28.58 9.76
C ASP F 187 -35.06 -27.66 8.57
N ILE F 188 -36.31 -27.32 8.26
CA ILE F 188 -36.64 -26.56 7.08
C ILE F 188 -37.19 -25.19 7.48
N PRO F 189 -36.55 -24.11 7.02
CA PRO F 189 -37.11 -22.80 7.36
C PRO F 189 -38.48 -22.61 6.70
N VAL F 190 -39.38 -21.94 7.41
CA VAL F 190 -40.73 -21.65 6.98
C VAL F 190 -40.95 -20.17 7.22
N TYR F 191 -41.26 -19.45 6.15
CA TYR F 191 -41.45 -18.02 6.20
C TYR F 191 -42.81 -17.64 5.70
N VAL F 192 -43.47 -16.73 6.42
CA VAL F 192 -44.75 -16.23 5.96
C VAL F 192 -44.66 -14.72 5.82
N ASP F 193 -45.35 -14.19 4.81
CA ASP F 193 -45.43 -12.77 4.62
C ASP F 193 -46.73 -12.44 3.88
N LYS F 194 -47.09 -11.17 3.85
CA LYS F 194 -48.28 -10.77 3.15
C LYS F 194 -48.02 -10.83 1.61
N ASN F 195 -49.10 -11.00 0.84
CA ASN F 195 -49.06 -11.11 -0.62
C ASN F 195 -48.24 -10.01 -1.32
N ILE F 196 -48.46 -8.77 -0.91
CA ILE F 196 -47.80 -7.65 -1.58
C ILE F 196 -46.28 -7.76 -1.44
N ASN F 197 -45.82 -8.25 -0.29
CA ASN F 197 -44.37 -8.44 -0.10
C ASN F 197 -43.81 -9.56 -0.96
N CYS F 198 -44.54 -10.67 -1.07
CA CYS F 198 -44.11 -11.77 -1.94
C CYS F 198 -44.08 -11.30 -3.40
N TYR F 199 -45.10 -10.54 -3.82
CA TYR F 199 -45.13 -10.06 -5.20
C TYR F 199 -43.94 -9.17 -5.48
N THR F 200 -43.64 -8.30 -4.53
CA THR F 200 -42.54 -7.38 -4.66
C THR F 200 -41.19 -8.11 -4.79
N LEU F 201 -41.05 -9.23 -4.08
CA LEU F 201 -39.84 -10.01 -4.26
C LEU F 201 -39.80 -10.52 -5.67
N ALA F 202 -40.95 -10.86 -6.25
CA ALA F 202 -40.98 -11.34 -7.63
C ALA F 202 -40.53 -10.23 -8.57
N GLU F 203 -40.99 -9.01 -8.33
CA GLU F 203 -40.56 -7.87 -9.17
C GLU F 203 -39.05 -7.64 -9.06
N LEU F 204 -38.55 -7.70 -7.83
CA LEU F 204 -37.14 -7.47 -7.57
C LEU F 204 -36.22 -8.48 -8.29
N TRP F 205 -36.62 -9.75 -8.28
N TRP F 205 -36.62 -9.75 -8.32
CA TRP F 205 -35.83 -10.84 -8.90
CA TRP F 205 -35.81 -10.80 -9.00
C TRP F 205 -36.17 -11.16 -10.36
C TRP F 205 -36.15 -11.02 -10.44
N LEU F 206 -37.44 -11.02 -10.75
CA LEU F 206 -37.92 -11.35 -12.12
C LEU F 206 -38.42 -10.20 -12.97
N GLY F 207 -38.78 -9.08 -12.35
CA GLY F 207 -39.35 -7.97 -13.08
C GLY F 207 -38.59 -6.67 -13.09
N GLU F 208 -39.21 -5.63 -12.54
CA GLU F 208 -38.63 -4.28 -12.54
C GLU F 208 -37.26 -4.21 -11.88
N GLY F 209 -37.03 -5.11 -10.92
CA GLY F 209 -35.76 -5.20 -10.21
C GLY F 209 -34.59 -5.54 -11.08
N LYS F 210 -34.82 -5.99 -12.30
CA LYS F 210 -33.74 -6.32 -13.25
C LYS F 210 -33.15 -5.06 -13.86
N GLN F 211 -33.86 -3.96 -13.74
CA GLN F 211 -33.35 -2.68 -14.25
C GLN F 211 -33.36 -1.55 -13.22
N SER F 212 -34.02 -1.73 -12.07
CA SER F 212 -34.10 -0.70 -11.05
C SER F 212 -33.81 -1.24 -9.67
N ASN F 213 -33.23 -0.39 -8.83
CA ASN F 213 -32.98 -0.75 -7.43
C ASN F 213 -34.03 -0.15 -6.50
N ASN F 214 -34.85 0.74 -7.04
CA ASN F 214 -35.84 1.45 -6.27
C ASN F 214 -37.16 1.51 -7.02
N PHE F 215 -38.22 1.11 -6.33
CA PHE F 215 -39.57 1.16 -6.85
C PHE F 215 -40.53 0.82 -5.72
N ALA F 216 -41.77 1.18 -5.90
CA ALA F 216 -42.84 0.87 -4.98
C ALA F 216 -43.81 0.04 -5.76
N THR F 217 -44.38 -0.96 -5.13
CA THR F 217 -45.32 -1.84 -5.76
C THR F 217 -46.66 -1.60 -5.09
N VAL F 218 -47.68 -1.28 -5.90
CA VAL F 218 -49.03 -1.02 -5.44
C VAL F 218 -50.02 -2.03 -6.04
N SER F 219 -50.63 -2.85 -5.19
CA SER F 219 -51.60 -3.81 -5.65
C SER F 219 -52.98 -3.22 -5.45
N VAL F 220 -53.80 -3.33 -6.49
CA VAL F 220 -55.15 -2.83 -6.47
C VAL F 220 -56.11 -3.98 -6.75
N GLY F 221 -56.94 -4.28 -5.76
CA GLY F 221 -57.95 -5.32 -5.87
C GLY F 221 -58.96 -5.12 -4.76
N ALA F 222 -59.16 -6.17 -3.98
CA ALA F 222 -60.03 -6.12 -2.82
C ALA F 222 -59.08 -5.64 -1.72
N GLY F 223 -58.89 -4.33 -1.69
CA GLY F 223 -57.95 -3.69 -0.77
C GLY F 223 -56.82 -3.14 -1.62
N LEU F 224 -55.95 -2.36 -1.00
CA LEU F 224 -54.83 -1.75 -1.66
C LEU F 224 -53.55 -2.05 -0.88
N GLY F 225 -52.57 -2.69 -1.52
CA GLY F 225 -51.33 -3.04 -0.87
C GLY F 225 -50.18 -2.20 -1.35
N LEU F 226 -49.20 -2.00 -0.48
CA LEU F 226 -48.03 -1.23 -0.82
C LEU F 226 -46.79 -1.87 -0.21
N SER F 227 -45.77 -2.00 -1.04
CA SER F 227 -44.48 -2.48 -0.60
C SER F 227 -43.43 -1.57 -1.27
N VAL F 228 -42.52 -1.02 -0.48
CA VAL F 228 -41.51 -0.11 -1.00
C VAL F 228 -40.13 -0.76 -0.99
N VAL F 229 -39.49 -0.75 -2.17
CA VAL F 229 -38.15 -1.26 -2.32
C VAL F 229 -37.22 -0.06 -2.49
N ILE F 230 -36.24 0.06 -1.58
CA ILE F 230 -35.19 1.10 -1.66
C ILE F 230 -33.86 0.37 -1.60
N ASN F 231 -33.02 0.53 -2.63
CA ASN F 231 -31.74 -0.19 -2.66
C ASN F 231 -31.84 -1.69 -2.58
N ARG F 232 -32.83 -2.23 -3.29
CA ARG F 232 -33.08 -3.68 -3.34
C ARG F 232 -33.53 -4.30 -1.99
N GLN F 233 -33.95 -3.47 -1.03
CA GLN F 233 -34.47 -3.95 0.27
C GLN F 233 -35.89 -3.41 0.46
N ILE F 234 -36.80 -4.30 0.90
CA ILE F 234 -38.16 -3.93 1.18
C ILE F 234 -38.24 -3.23 2.52
N TYR F 235 -38.98 -2.14 2.59
CA TYR F 235 -39.16 -1.43 3.86
C TYR F 235 -40.16 -2.17 4.79
N TYR F 236 -39.76 -2.37 6.04
CA TYR F 236 -40.65 -2.87 7.08
C TYR F 236 -40.50 -1.89 8.24
N GLY F 237 -41.54 -1.83 9.07
CA GLY F 237 -41.52 -0.98 10.24
C GLY F 237 -40.94 -1.73 11.44
N ALA F 238 -41.27 -1.26 12.62
CA ALA F 238 -40.76 -1.85 13.86
C ALA F 238 -40.93 -3.35 13.98
N GLN F 239 -39.87 -4.05 14.40
CA GLN F 239 -39.87 -5.53 14.68
C GLN F 239 -40.20 -6.31 13.42
N GLY F 240 -39.98 -5.69 12.27
CA GLY F 240 -40.29 -6.32 11.02
C GLY F 240 -41.74 -6.25 10.61
N GLY F 241 -42.56 -5.50 11.36
CA GLY F 241 -43.97 -5.36 11.07
C GLY F 241 -44.23 -4.40 9.93
N ALA F 242 -44.82 -4.89 8.85
CA ALA F 242 -45.06 -4.04 7.68
C ALA F 242 -46.02 -2.91 7.95
N GLY F 243 -45.79 -1.81 7.24
CA GLY F 243 -46.66 -0.66 7.27
C GLY F 243 -47.91 -1.00 6.46
N GLU F 244 -48.97 -0.19 6.61
CA GLU F 244 -50.25 -0.43 5.95
C GLU F 244 -50.81 0.85 5.30
N PHE F 245 -50.22 1.22 4.17
CA PHE F 245 -50.66 2.41 3.46
C PHE F 245 -52.13 2.38 3.06
N GLY F 246 -52.62 1.18 2.75
CA GLY F 246 -54.02 0.99 2.40
C GLY F 246 -54.98 1.46 3.49
N HIS F 247 -54.49 1.51 4.73
CA HIS F 247 -55.30 1.91 5.89
C HIS F 247 -54.94 3.29 6.46
N THR F 248 -54.41 4.13 5.59
CA THR F 248 -54.18 5.53 5.94
C THR F 248 -55.54 6.20 5.76
N THR F 249 -55.83 7.18 6.60
CA THR F 249 -57.11 7.89 6.54
C THR F 249 -57.12 8.94 5.43
N ILE F 250 -58.10 8.85 4.53
CA ILE F 250 -58.22 9.92 3.51
C ILE F 250 -59.50 10.72 3.71
N GLN F 251 -60.47 10.15 4.44
CA GLN F 251 -61.73 10.84 4.73
C GLN F 251 -62.18 10.59 6.16
N PRO F 252 -61.94 11.56 7.04
CA PRO F 252 -62.40 11.42 8.43
C PRO F 252 -63.92 11.18 8.47
N GLY F 253 -64.33 10.16 9.22
CA GLY F 253 -65.75 9.82 9.32
C GLY F 253 -66.31 9.21 8.05
N GLY F 254 -65.42 8.74 7.17
CA GLY F 254 -65.79 8.10 5.91
C GLY F 254 -66.20 6.65 6.10
N TYR F 255 -66.20 5.88 4.99
CA TYR F 255 -66.65 4.48 5.04
C TYR F 255 -65.98 3.67 6.11
N LYS F 256 -66.79 2.89 6.81
CA LYS F 256 -66.30 2.05 7.86
C LYS F 256 -65.49 0.95 7.20
N CYS F 257 -64.24 0.82 7.63
CA CYS F 257 -63.35 -0.20 7.10
C CYS F 257 -63.27 -1.44 8.02
N HIS F 258 -62.98 -2.61 7.44
CA HIS F 258 -62.82 -3.85 8.20
C HIS F 258 -61.64 -3.79 9.23
N CYS F 259 -60.75 -2.80 9.13
CA CYS F 259 -59.65 -2.65 10.13
C CYS F 259 -60.10 -1.95 11.45
N GLY F 260 -61.32 -1.40 11.47
CA GLY F 260 -61.85 -0.69 12.63
C GLY F 260 -61.84 0.83 12.52
N GLN F 261 -61.13 1.34 11.54
CA GLN F 261 -61.06 2.79 11.31
C GLN F 261 -62.15 3.20 10.32
N LYS F 262 -62.35 4.50 10.21
CA LYS F 262 -63.26 5.06 9.23
C LYS F 262 -62.45 5.85 8.20
N GLY F 263 -62.84 5.77 6.93
CA GLY F 263 -62.21 6.56 5.86
C GLY F 263 -60.87 6.13 5.28
N CYS F 264 -60.56 4.85 5.39
CA CYS F 264 -59.30 4.35 4.86
C CYS F 264 -59.20 4.46 3.36
N LEU F 265 -57.99 4.75 2.88
CA LEU F 265 -57.70 4.85 1.45
C LEU F 265 -58.29 3.69 0.63
N GLU F 266 -58.11 2.45 1.10
CA GLU F 266 -58.58 1.31 0.32
C GLU F 266 -60.10 1.20 0.24
N MET F 267 -60.81 1.98 1.05
CA MET F 267 -62.27 2.04 0.95
C MET F 267 -62.68 2.99 -0.22
N TYR F 268 -61.70 3.69 -0.82
CA TYR F 268 -61.98 4.63 -1.94
C TYR F 268 -61.17 4.34 -3.21
N ALA F 269 -59.97 3.79 -3.03
CA ALA F 269 -59.04 3.50 -4.15
C ALA F 269 -58.90 2.02 -4.50
N SER F 270 -59.84 1.17 -4.09
CA SER F 270 -59.76 -0.24 -4.42
C SER F 270 -61.16 -0.67 -4.80
N GLU F 271 -61.34 -1.97 -5.09
CA GLU F 271 -62.66 -2.45 -5.48
C GLU F 271 -63.68 -2.29 -4.33
N PHE F 272 -63.21 -2.18 -3.10
CA PHE F 272 -64.12 -1.96 -1.99
C PHE F 272 -64.96 -0.69 -2.20
N TYR F 273 -64.39 0.32 -2.84
CA TYR F 273 -65.14 1.55 -3.12
C TYR F 273 -66.45 1.27 -3.87
N PHE F 274 -66.43 0.34 -4.84
CA PHE F 274 -67.63 0.02 -5.62
C PHE F 274 -68.76 -0.56 -4.75
N ARG F 275 -68.36 -1.42 -3.83
CA ARG F 275 -69.28 -2.01 -2.90
C ARG F 275 -69.87 -0.91 -2.02
N ASN F 276 -69.01 -0.07 -1.48
CA ASN F 276 -69.42 1.03 -0.59
C ASN F 276 -70.32 2.09 -1.22
N ARG F 277 -69.85 2.63 -2.33
CA ARG F 277 -70.55 3.69 -3.05
C ARG F 277 -71.80 3.11 -3.73
N GLY F 278 -71.69 1.86 -4.17
CA GLY F 278 -72.81 1.16 -4.81
C GLY F 278 -74.05 1.16 -3.95
N GLU F 279 -73.94 0.61 -2.74
CA GLU F 279 -75.08 0.54 -1.80
C GLU F 279 -75.75 1.91 -1.55
N GLU F 280 -74.95 2.98 -1.52
CA GLU F 280 -75.47 4.35 -1.34
C GLU F 280 -76.29 4.88 -2.53
N LEU F 281 -76.35 4.13 -3.64
CA LEU F 281 -77.08 4.56 -4.83
C LEU F 281 -78.04 3.48 -5.31
N ASP F 292 -74.69 -4.54 -10.82
CA ASP F 292 -73.76 -5.33 -10.01
C ASP F 292 -72.39 -4.63 -9.85
N PHE F 293 -71.82 -4.70 -8.64
CA PHE F 293 -70.59 -3.98 -8.30
C PHE F 293 -69.22 -4.70 -8.31
N HIS F 294 -69.10 -5.79 -9.08
CA HIS F 294 -67.79 -6.41 -9.23
C HIS F 294 -66.98 -5.54 -10.23
N PHE F 295 -65.68 -5.42 -9.99
CA PHE F 295 -64.81 -4.58 -10.83
C PHE F 295 -64.96 -4.76 -12.33
N ASP F 296 -64.83 -6.00 -12.83
CA ASP F 296 -64.90 -6.25 -14.28
C ASP F 296 -66.24 -5.83 -14.92
N LYS F 297 -67.35 -6.05 -14.23
CA LYS F 297 -68.67 -5.66 -14.73
C LYS F 297 -68.82 -4.14 -14.71
N VAL F 298 -68.31 -3.52 -13.64
CA VAL F 298 -68.36 -2.07 -13.52
C VAL F 298 -67.51 -1.44 -14.64
N ALA F 299 -66.34 -2.00 -14.90
CA ALA F 299 -65.48 -1.47 -15.96
C ALA F 299 -66.15 -1.57 -17.32
N LYS F 300 -66.74 -2.73 -17.62
CA LYS F 300 -67.44 -2.95 -18.89
C LYS F 300 -68.56 -1.93 -19.07
N SER F 301 -69.40 -1.81 -18.05
CA SER F 301 -70.52 -0.88 -18.05
C SER F 301 -70.08 0.57 -18.23
N ALA F 302 -68.92 0.90 -17.65
CA ALA F 302 -68.33 2.23 -17.78
C ALA F 302 -68.02 2.51 -19.24
N ARG F 303 -67.28 1.61 -19.88
CA ARG F 303 -66.92 1.78 -21.31
C ARG F 303 -68.20 1.89 -22.17
N ALA F 304 -69.28 1.24 -21.74
CA ALA F 304 -70.57 1.29 -22.45
C ALA F 304 -71.34 2.61 -22.17
N GLY F 305 -70.80 3.44 -21.27
CA GLY F 305 -71.40 4.72 -20.95
C GLY F 305 -72.41 4.75 -19.82
N ASP F 306 -72.48 3.71 -18.98
CA ASP F 306 -73.42 3.75 -17.86
C ASP F 306 -72.93 4.89 -16.96
N GLU F 307 -73.84 5.79 -16.58
CA GLU F 307 -73.43 6.94 -15.74
C GLU F 307 -72.89 6.53 -14.36
N MET F 308 -73.55 5.56 -13.71
CA MET F 308 -73.11 5.13 -12.39
C MET F 308 -71.75 4.44 -12.45
N ALA F 309 -71.59 3.55 -13.43
CA ALA F 309 -70.33 2.85 -13.62
C ALA F 309 -69.18 3.79 -13.96
N THR F 310 -69.46 4.80 -14.79
CA THR F 310 -68.41 5.79 -15.16
C THR F 310 -68.00 6.62 -13.96
N GLU F 311 -68.98 7.01 -13.13
CA GLU F 311 -68.64 7.76 -11.93
C GLU F 311 -67.74 6.95 -10.97
N LEU F 312 -68.09 5.67 -10.74
CA LEU F 312 -67.33 4.81 -9.83
C LEU F 312 -65.90 4.63 -10.32
N MET F 313 -65.73 4.35 -11.61
CA MET F 313 -64.41 4.20 -12.20
C MET F 313 -63.60 5.50 -12.16
N GLY F 314 -64.30 6.63 -12.39
CA GLY F 314 -63.68 7.92 -12.40
C GLY F 314 -63.15 8.36 -11.04
N LYS F 315 -63.99 8.25 -10.02
CA LYS F 315 -63.58 8.63 -8.68
C LYS F 315 -62.58 7.66 -8.06
N MET F 316 -62.66 6.37 -8.40
CA MET F 316 -61.71 5.41 -7.85
C MET F 316 -60.36 5.79 -8.41
N GLY F 317 -60.35 6.12 -9.70
CA GLY F 317 -59.13 6.55 -10.37
C GLY F 317 -58.54 7.82 -9.73
N GLU F 318 -59.39 8.76 -9.35
CA GLU F 318 -58.90 9.97 -8.67
C GLU F 318 -58.31 9.62 -7.32
N TYR F 319 -59.06 8.82 -6.54
CA TYR F 319 -58.55 8.40 -5.23
C TYR F 319 -57.22 7.64 -5.29
N LEU F 320 -57.08 6.77 -6.28
CA LEU F 320 -55.88 5.98 -6.47
C LEU F 320 -54.75 6.91 -6.85
N GLY F 321 -55.06 7.89 -7.71
CA GLY F 321 -54.10 8.89 -8.13
C GLY F 321 -53.49 9.66 -6.97
N TYR F 322 -54.33 10.11 -6.04
CA TYR F 322 -53.85 10.85 -4.86
C TYR F 322 -53.14 9.93 -3.90
N GLY F 323 -53.57 8.67 -3.86
CA GLY F 323 -52.90 7.66 -3.01
C GLY F 323 -51.48 7.46 -3.52
N ILE F 324 -51.35 7.26 -4.83
CA ILE F 324 -50.03 7.04 -5.42
C ILE F 324 -49.13 8.31 -5.35
N ARG F 325 -49.72 9.47 -5.54
CA ARG F 325 -48.94 10.70 -5.36
C ARG F 325 -48.33 10.73 -3.96
N ASN F 326 -49.13 10.37 -2.96
CA ASN F 326 -48.63 10.40 -1.59
C ASN F 326 -47.63 9.31 -1.24
N ILE F 327 -47.65 8.22 -1.99
CA ILE F 327 -46.64 7.20 -1.83
C ILE F 327 -45.34 7.81 -2.35
N ILE F 328 -45.43 8.51 -3.47
CA ILE F 328 -44.24 9.16 -4.05
C ILE F 328 -43.68 10.22 -3.13
N ASN F 329 -44.53 11.08 -2.61
CA ASN F 329 -44.09 12.15 -1.75
C ASN F 329 -43.49 11.63 -0.44
N THR F 330 -44.13 10.62 0.11
CA THR F 330 -43.69 10.06 1.37
C THR F 330 -42.39 9.30 1.30
N PHE F 331 -42.28 8.40 0.34
CA PHE F 331 -41.13 7.50 0.26
C PHE F 331 -40.03 7.82 -0.71
N ASN F 332 -40.28 8.68 -1.70
CA ASN F 332 -39.30 8.97 -2.74
C ASN F 332 -38.84 7.66 -3.41
N PRO F 333 -39.78 6.86 -3.95
CA PRO F 333 -39.48 5.56 -4.52
C PRO F 333 -38.88 5.57 -5.92
N GLU F 334 -38.94 6.71 -6.62
CA GLU F 334 -38.36 6.85 -7.96
C GLU F 334 -39.29 6.20 -8.98
N LYS F 335 -39.88 5.07 -8.64
CA LYS F 335 -40.72 4.37 -9.58
C LYS F 335 -41.90 3.71 -8.85
N VAL F 336 -43.08 3.67 -9.47
CA VAL F 336 -44.26 3.03 -8.91
C VAL F 336 -44.79 1.98 -9.90
N ILE F 337 -44.97 0.74 -9.45
CA ILE F 337 -45.50 -0.36 -10.26
C ILE F 337 -46.91 -0.75 -9.78
N ILE F 338 -47.89 -0.65 -10.66
CA ILE F 338 -49.26 -0.99 -10.35
C ILE F 338 -49.53 -2.45 -10.74
N VAL F 339 -50.10 -3.22 -9.83
CA VAL F 339 -50.46 -4.60 -10.07
C VAL F 339 -51.94 -4.78 -9.75
N GLY F 340 -52.65 -5.47 -10.63
CA GLY F 340 -54.04 -5.82 -10.39
C GLY F 340 -54.03 -7.14 -9.59
N GLU F 341 -54.81 -7.21 -8.52
CA GLU F 341 -54.92 -8.38 -7.66
C GLU F 341 -56.36 -8.83 -7.73
N GLY F 342 -56.63 -9.75 -8.63
CA GLY F 342 -57.98 -10.21 -8.86
C GLY F 342 -58.66 -9.36 -9.92
N LEU F 343 -57.94 -8.46 -10.60
CA LEU F 343 -58.52 -7.61 -11.66
C LEU F 343 -57.45 -7.16 -12.62
N HIS F 344 -57.83 -6.78 -13.81
CA HIS F 344 -56.86 -6.32 -14.83
C HIS F 344 -56.58 -4.86 -14.64
N HIS F 345 -55.37 -4.55 -14.19
CA HIS F 345 -54.94 -3.18 -14.00
C HIS F 345 -55.04 -2.30 -15.26
N ARG F 346 -54.98 -2.88 -16.47
CA ARG F 346 -55.08 -2.08 -17.69
C ARG F 346 -56.49 -1.45 -17.81
N ASP F 347 -57.46 -2.01 -17.08
CA ASP F 347 -58.83 -1.50 -17.06
C ASP F 347 -59.01 -0.30 -16.11
N LEU F 348 -58.02 -0.05 -15.23
CA LEU F 348 -58.09 1.11 -14.33
C LEU F 348 -58.02 2.43 -15.12
N PHE F 349 -58.41 3.52 -14.47
CA PHE F 349 -58.35 4.83 -15.11
C PHE F 349 -56.86 5.24 -15.04
N LEU F 350 -55.98 4.49 -15.73
CA LEU F 350 -54.53 4.76 -15.66
C LEU F 350 -54.07 6.13 -16.05
N THR F 351 -54.74 6.77 -17.02
CA THR F 351 -54.35 8.10 -17.41
C THR F 351 -54.58 9.10 -16.27
N LYS F 352 -55.68 8.96 -15.53
CA LYS F 352 -55.98 9.88 -14.41
C LYS F 352 -55.00 9.70 -13.29
N ILE F 353 -54.71 8.43 -12.99
CA ILE F 353 -53.78 8.09 -11.95
C ILE F 353 -52.43 8.75 -12.26
N ASP F 354 -52.00 8.63 -13.50
CA ASP F 354 -50.72 9.18 -13.91
C ASP F 354 -50.77 10.70 -13.89
N GLU F 355 -51.86 11.26 -14.37
CA GLU F 355 -52.05 12.70 -14.41
C GLU F 355 -51.91 13.32 -13.01
N ILE F 356 -52.51 12.67 -12.01
CA ILE F 356 -52.47 13.15 -10.64
C ILE F 356 -51.12 12.90 -9.97
N ALA F 357 -50.70 11.65 -9.94
CA ALA F 357 -49.46 11.26 -9.26
C ALA F 357 -48.17 11.79 -9.88
N SER F 358 -48.14 12.03 -11.19
CA SER F 358 -46.90 12.54 -11.82
C SER F 358 -46.62 14.02 -11.44
N GLN F 359 -47.62 14.70 -10.90
CA GLN F 359 -47.43 16.02 -10.34
C GLN F 359 -47.23 15.81 -8.86
N ASN F 360 -45.98 15.81 -8.45
CA ASN F 360 -45.63 15.56 -7.05
C ASN F 360 -44.50 16.46 -6.58
N PHE F 361 -44.09 16.28 -5.32
CA PHE F 361 -43.03 17.08 -4.74
C PHE F 361 -41.73 16.99 -5.51
N PHE F 362 -41.40 15.77 -5.93
CA PHE F 362 -40.13 15.51 -6.60
C PHE F 362 -40.07 15.92 -8.06
N SER F 363 -41.21 15.84 -8.76
CA SER F 363 -41.28 16.32 -10.15
C SER F 363 -41.19 17.84 -10.10
N GLY F 364 -41.77 18.43 -9.07
CA GLY F 364 -41.68 19.86 -8.85
C GLY F 364 -40.24 20.33 -8.71
N ALA F 365 -39.37 19.47 -8.19
CA ALA F 365 -37.95 19.83 -8.02
C ALA F 365 -37.03 19.37 -9.17
N GLY F 366 -37.58 18.74 -10.21
CA GLY F 366 -36.78 18.32 -11.36
C GLY F 366 -36.51 16.83 -11.46
N PHE F 367 -37.11 16.01 -10.60
CA PHE F 367 -36.92 14.56 -10.66
C PHE F 367 -38.23 13.90 -11.05
N GLU F 368 -38.30 13.24 -12.20
CA GLU F 368 -39.56 12.58 -12.55
C GLU F 368 -39.61 11.20 -11.93
N THR F 369 -40.84 10.78 -11.62
CA THR F 369 -41.10 9.50 -11.05
C THR F 369 -41.99 8.79 -12.04
N GLU F 370 -41.54 7.67 -12.59
CA GLU F 370 -42.38 6.98 -13.53
C GLU F 370 -43.34 6.04 -12.83
N ILE F 371 -44.55 6.06 -13.34
CA ILE F 371 -45.62 5.25 -12.88
C ILE F 371 -45.94 4.32 -14.04
N THR F 372 -45.85 3.03 -13.79
CA THR F 372 -46.10 2.04 -14.80
C THR F 372 -46.88 0.86 -14.19
N THR F 373 -47.10 -0.16 -15.00
CA THR F 373 -47.80 -1.36 -14.58
C THR F 373 -46.82 -2.52 -14.69
N THR F 374 -47.11 -3.59 -13.94
CA THR F 374 -46.27 -4.77 -13.86
C THR F 374 -46.15 -5.46 -15.21
N SER F 375 -45.00 -6.05 -15.45
CA SER F 375 -44.77 -6.85 -16.64
C SER F 375 -44.92 -8.33 -16.26
N LEU F 376 -45.19 -8.64 -14.98
CA LEU F 376 -45.31 -10.05 -14.56
C LEU F 376 -46.74 -10.56 -14.62
N GLU F 377 -46.88 -11.88 -14.63
CA GLU F 377 -48.17 -12.56 -14.67
C GLU F 377 -48.53 -13.14 -13.30
N ASP F 378 -49.72 -13.74 -13.20
CA ASP F 378 -50.25 -14.36 -11.97
C ASP F 378 -49.32 -15.31 -11.23
N PRO F 379 -48.53 -16.11 -11.96
CA PRO F 379 -47.66 -16.99 -11.21
C PRO F 379 -46.70 -16.25 -10.28
N ALA F 380 -46.42 -14.98 -10.56
CA ALA F 380 -45.50 -14.21 -9.73
C ALA F 380 -45.84 -14.19 -8.23
N TRP F 381 -47.12 -14.30 -7.85
CA TRP F 381 -47.46 -14.27 -6.43
C TRP F 381 -46.81 -15.48 -5.72
N LEU F 382 -46.94 -16.66 -6.34
CA LEU F 382 -46.34 -17.88 -5.86
C LEU F 382 -44.82 -17.92 -5.98
N GLN F 383 -44.29 -17.37 -7.07
CA GLN F 383 -42.83 -17.31 -7.24
C GLN F 383 -42.27 -16.42 -6.13
N GLY F 384 -42.97 -15.35 -5.83
CA GLY F 384 -42.57 -14.44 -4.79
C GLY F 384 -42.55 -15.10 -3.43
N ALA F 385 -43.54 -15.95 -3.16
CA ALA F 385 -43.55 -16.67 -1.90
C ALA F 385 -42.34 -17.58 -1.83
N ALA F 386 -41.97 -18.20 -2.95
CA ALA F 386 -40.77 -19.06 -2.94
C ALA F 386 -39.53 -18.22 -2.70
N LEU F 387 -39.53 -17.01 -3.25
CA LEU F 387 -38.40 -16.06 -3.13
C LEU F 387 -38.18 -15.60 -1.67
N LEU F 388 -39.18 -15.78 -0.80
CA LEU F 388 -38.98 -15.49 0.62
C LEU F 388 -37.84 -16.39 1.13
N VAL F 389 -37.86 -17.64 0.67
CA VAL F 389 -36.87 -18.62 1.06
C VAL F 389 -35.56 -18.37 0.34
N ILE F 390 -35.61 -18.22 -0.97
CA ILE F 390 -34.39 -18.04 -1.79
C ILE F 390 -33.59 -16.78 -1.39
N HIS F 391 -34.28 -15.70 -1.12
CA HIS F 391 -33.67 -14.46 -0.70
C HIS F 391 -32.88 -14.68 0.58
N GLN F 392 -33.47 -15.43 1.51
CA GLN F 392 -32.78 -15.74 2.77
C GLN F 392 -31.58 -16.63 2.60
N LEU F 393 -31.72 -17.66 1.77
CA LEU F 393 -30.61 -18.58 1.49
C LEU F 393 -29.39 -17.91 0.88
N PHE F 394 -29.60 -16.96 -0.02
CA PHE F 394 -28.49 -16.34 -0.71
C PHE F 394 -28.05 -15.00 -0.16
N GLN F 395 -28.62 -14.57 0.93
CA GLN F 395 -28.18 -13.33 1.53
C GLN F 395 -26.79 -13.55 2.18
N VAL F 396 -25.89 -12.58 1.95
CA VAL F 396 -24.55 -12.65 2.55
C VAL F 396 -24.76 -12.65 4.06
N PRO F 397 -24.29 -13.69 4.75
CA PRO F 397 -24.50 -13.80 6.19
C PRO F 397 -23.53 -12.97 7.03
N ILE F 398 -23.70 -11.66 7.01
CA ILE F 398 -22.87 -10.79 7.84
C ILE F 398 -23.42 -10.61 9.26
N TYR F 399 -24.72 -10.90 9.45
CA TYR F 399 -25.37 -10.77 10.77
C TYR F 399 -25.59 -12.13 11.46
N GLU F 400 -25.98 -12.06 12.74
CA GLU F 400 -26.35 -13.25 13.55
C GLU F 400 -27.31 -12.83 14.69
ZN ZN G . 58.31 -7.87 -6.49
C1 PG5 H . 35.55 -14.72 -9.56
O1 PG5 H . 36.27 -15.86 -9.09
C2 PG5 H . 35.45 -17.02 -8.88
C3 PG5 H . 34.89 -17.02 -7.45
O2 PG5 H . 35.63 -17.92 -6.62
C4 PG5 H . 34.87 -18.45 -5.52
C5 PG5 H . 35.80 -18.83 -4.37
O3 PG5 H . 35.71 -17.83 -3.33
C6 PG5 H . 35.82 -18.32 -2.00
C7 PG5 H . 35.54 -17.19 -1.01
O4 PG5 H . 36.57 -16.21 -1.06
C8 PG5 H . 36.23 -14.95 -0.47
O1 PG4 I . 44.07 -15.69 -12.40
C1 PG4 I . 44.29 -14.74 -11.35
C2 PG4 I . 45.77 -14.50 -11.11
O2 PG4 I . 46.01 -13.13 -10.88
C3 PG4 I . 46.68 -12.40 -11.92
C4 PG4 I . 46.00 -12.49 -13.29
O3 PG4 I . 44.62 -12.13 -13.20
C5 PG4 I . 43.98 -12.20 -14.47
C6 PG4 I . 43.20 -13.52 -14.58
O4 PG4 I . 44.05 -14.66 -14.78
C7 PG4 I . 43.43 -15.72 -15.54
C8 PG4 I . 42.12 -16.22 -14.94
O5 PG4 I . 41.50 -17.14 -15.83
O1 PG4 J . 26.06 -6.94 8.90
C1 PG4 J . 26.03 -8.35 9.15
C2 PG4 J . 27.45 -8.83 9.43
O2 PG4 J . 27.65 -9.17 10.82
C3 PG4 J . 27.59 -8.11 11.78
C4 PG4 J . 28.64 -7.04 11.54
O3 PG4 J . 28.87 -6.31 12.75
C5 PG4 J . 29.47 -5.04 12.53
C6 PG4 J . 28.38 -3.99 12.43
O4 PG4 J . 28.94 -2.78 11.95
C7 PG4 J . 29.46 -1.92 12.97
C8 PG4 J . 28.37 -0.97 13.44
O5 PG4 J . 28.67 0.36 13.01
ZN ZN K . 47.79 15.49 -2.94
C1 PG5 L . 29.28 0.98 -8.14
O1 PG5 L . 29.13 1.86 -9.27
C2 PG5 L . 28.33 3.01 -8.98
C3 PG5 L . 28.77 4.22 -9.83
O2 PG5 L . 27.97 5.39 -9.53
C4 PG5 L . 26.79 5.58 -10.31
C5 PG5 L . 25.55 5.69 -9.44
O3 PG5 L . 25.44 7.00 -8.88
C6 PG5 L . 24.46 7.14 -7.83
C7 PG5 L . 24.93 6.47 -6.54
O4 PG5 L . 24.71 7.32 -5.40
C8 PG5 L . 24.55 6.60 -4.16
C1 PEG M . 35.81 9.74 2.69
O1 PEG M . 34.94 8.76 3.28
C2 PEG M . 35.04 10.72 1.80
O2 PEG M . 33.90 10.11 1.18
C3 PEG M . 32.65 10.41 1.80
C4 PEG M . 31.60 9.35 1.42
O4 PEG M . 31.36 9.27 -0.01
C21 7PE N . 58.30 5.93 -3.68
C20 7PE N . 58.11 5.97 -2.18
O19 7PE N . 56.70 6.14 -1.95
C18 7PE N . 56.14 5.31 -0.94
C17 7PE N . 55.86 3.91 -1.47
O16 7PE N . 54.51 3.69 -1.85
C15 7PE N . 54.38 2.49 -2.61
C14 7PE N . 52.93 2.06 -2.76
O13 7PE N . 52.49 2.22 -4.11
C12 7PE N . 51.65 3.36 -4.25
C11 7PE N . 51.44 3.59 -5.73
O10 7PE N . 51.54 4.96 -6.05
C9 7PE N . 52.89 5.38 -6.28
C8 7PE N . 53.14 5.57 -7.77
O7 7PE N . 54.43 5.07 -8.13
C6 7PE N . 55.51 5.92 -7.75
C5 7PE N . 56.86 5.25 -7.96
O4 7PE N . 57.81 5.81 -7.04
C3 7PE N . 59.11 5.94 -7.62
C2 7PE N . 59.25 7.25 -8.39
O1 7PE N . 60.24 8.08 -7.78
ZN ZN O . -45.56 21.25 -0.31
C1 PG5 P . -28.76 5.39 6.98
O1 PG5 P . -28.66 6.36 8.03
C2 PG5 P . -27.99 7.56 7.61
C3 PG5 P . -27.96 8.61 8.72
O2 PG5 P . -27.70 9.92 8.20
C4 PG5 P . -26.54 10.59 8.74
C5 PG5 P . -25.26 10.10 8.05
O3 PG5 P . -24.52 11.18 7.51
C6 PG5 P . -23.46 10.79 6.62
C7 PG5 P . -23.61 11.42 5.24
O4 PG5 P . -24.06 10.45 4.28
C8 PG5 P . -23.61 10.69 2.93
C1 PEG Q . -74.05 55.53 38.21
O1 PEG Q . -73.40 55.37 39.48
C2 PEG Q . -74.79 56.86 38.19
O2 PEG Q . -75.50 56.96 36.95
C3 PEG Q . -75.55 58.29 36.42
C4 PEG Q . -76.70 58.38 35.42
O4 PEG Q . -77.84 58.94 36.09
O1 PG4 R . -29.50 12.44 -1.81
C1 PG4 R . -30.08 12.32 -3.12
C2 PG4 R . -30.65 13.66 -3.59
O2 PG4 R . -31.90 13.50 -4.25
C3 PG4 R . -33.02 14.05 -3.56
C4 PG4 R . -34.34 13.49 -4.10
O3 PG4 R . -34.21 12.76 -5.33
C5 PG4 R . -33.41 11.56 -5.32
C6 PG4 R . -34.14 10.42 -6.04
O4 PG4 R . -34.41 10.79 -7.39
C7 PG4 R . -35.54 10.13 -7.94
C8 PG4 R . -36.82 10.90 -7.62
O5 PG4 R . -37.73 10.84 -8.73
C21 7PE S . -58.15 13.28 -0.22
C20 7PE S . -56.92 13.02 0.64
O19 7PE S . -55.78 12.78 -0.19
C18 7PE S . -55.31 11.42 -0.22
C17 7PE S . -54.51 11.08 1.04
O16 7PE S . -53.60 9.99 0.77
C15 7PE S . -53.43 9.03 1.82
C14 7PE S . -51.96 8.85 2.17
O13 7PE S . -51.66 9.52 3.40
C12 7PE S . -50.32 9.98 3.56
C11 7PE S . -50.35 11.46 3.88
O10 7PE S . -51.11 11.67 5.07
C9 7PE S . -51.82 12.91 5.11
C8 7PE S . -52.56 13.02 6.45
O7 7PE S . -53.90 12.54 6.33
C6 7PE S . -54.95 13.52 6.33
C5 7PE S . -56.16 12.96 5.59
O4 7PE S . -56.97 14.03 5.09
C3 7PE S . -58.14 14.34 5.87
C2 7PE S . -58.17 15.83 6.23
O1 7PE S . -59.07 16.51 5.34
ZN ZN T . -58.74 0.30 7.13
C1 PEG U . -38.15 -13.36 6.84
O1 PEG U . -37.20 -13.00 7.86
C2 PEG U . -37.51 -13.43 5.46
O2 PEG U . -37.81 -12.23 4.72
C3 PEG U . -37.62 -12.33 3.31
C4 PEG U . -37.21 -10.97 2.74
O4 PEG U . -38.31 -10.04 2.76
C1 PEG V . -30.89 -16.82 -14.51
O1 PEG V . -30.57 -16.00 -15.65
C2 PEG V . -32.39 -16.83 -14.30
O2 PEG V . -32.77 -15.76 -13.44
C3 PEG V . -34.18 -15.46 -13.48
C4 PEG V . -34.42 -14.18 -14.29
O4 PEG V . -35.64 -14.32 -15.03
C1 PEG W . -29.33 -6.80 -10.31
O1 PEG W . -28.19 -6.49 -9.49
C2 PEG W . -29.43 -5.84 -11.48
O2 PEG W . -29.34 -4.50 -11.00
C3 PEG W . -29.93 -3.51 -11.87
C4 PEG W . -28.84 -2.55 -12.34
O4 PEG W . -29.28 -1.21 -12.14
C1 PEG X . -7.71 -10.87 -16.19
O1 PEG X . -6.46 -11.50 -15.89
C2 PEG X . -8.50 -10.71 -14.90
O2 PEG X . -8.66 -9.32 -14.60
C3 PEG X . -8.46 -9.02 -13.22
C4 PEG X . -8.88 -7.57 -12.96
O4 PEG X . -9.37 -7.45 -11.62
#